data_8F67
#
_entry.id   8F67
#
_cell.length_a   190.937
_cell.length_b   331.666
_cell.length_c   156.179
_cell.angle_alpha   90.00
_cell.angle_beta   90.00
_cell.angle_gamma   90.00
#
_symmetry.space_group_name_H-M   'C 2 2 21'
#
loop_
_entity.id
_entity.type
_entity.pdbx_description
1 polymer Pbp5
2 non-polymer 'SULFATE ION'
3 water water
#
_entity_poly.entity_id   1
_entity_poly.type   'polypeptide(L)'
_entity_poly.pdbx_seq_one_letter_code
;GHMTQAVEAGEKTVEQFVQALNKGDYNKAAEMTSKKAANKSALSEKEILDKYQNIYGAADVKGLQISNLKVDKKDDSTYS
FSYKAKMNTSLGELKDLSYKGTLDRNDGQTTINWQPNLVFPEMEGNDKVSLTTQEAARGNIIDRNGEPLATTGKLKQLGV
VPSKLGDGGEKTANIKAIASSFDLTEDAINQAISQSWVQPDYFVPLKIIDGATPELPAGATIQEVDGRYYPLGEAAAQLI
GYVGDITAEDIDKNPELSSNGKIGRSGLEMAFDKDLRGTTGGKLSITDADGVEKKVLIEHEVQNGKDIKLTIDAKAQKTA
FDSLGGKAGSTVATTPKTGDLLALASSPSYDPNKMTNGISQEDYKAYEENPEQPFISRFATGYAPGSTFKMITAAIGLDN
GTIDPNEVLTINGLKWQKDSSWGSYQVTRVSDVSQVDLKTALIYSDNIYTAQETLKMGEKKFRTGLDKFIFGEDLDLPIS
MNPAQISNEDSFNSDILLADTGYGQGELLINPIQQAAMYSVFANNGTLVYPKLIADKETKDKKNVIGETAVQTIVPDLRE
VVQDVNGTAHSLSALGIPLAAKTGTAEIKEKQDVKGKENSFLFAFNPDNQGYMMVSMLENKEDDDSATKRASELLQYLNQ
NYQ
;
_entity_poly.pdbx_strand_id   A,B,C
#
loop_
_chem_comp.id
_chem_comp.type
_chem_comp.name
_chem_comp.formula
SO4 non-polymer 'SULFATE ION' 'O4 S -2'
#
# COMPACT_ATOMS: atom_id res chain seq x y z
N THR A 4 28.89 -51.71 -15.28
CA THR A 4 27.63 -51.00 -15.11
C THR A 4 27.87 -49.62 -14.49
N GLN A 5 28.73 -49.58 -13.46
CA GLN A 5 29.06 -48.31 -12.83
C GLN A 5 29.80 -47.39 -13.81
N ALA A 6 30.74 -47.94 -14.57
CA ALA A 6 31.45 -47.15 -15.57
C ALA A 6 30.58 -46.87 -16.80
N VAL A 7 29.56 -47.69 -17.05
CA VAL A 7 28.68 -47.44 -18.19
C VAL A 7 27.75 -46.27 -17.90
N GLU A 8 27.28 -46.16 -16.65
CA GLU A 8 26.41 -45.04 -16.28
C GLU A 8 27.13 -43.71 -16.35
N ALA A 9 28.42 -43.68 -16.05
CA ALA A 9 29.18 -42.44 -16.19
C ALA A 9 29.36 -42.08 -17.65
N GLY A 10 29.46 -43.08 -18.53
CA GLY A 10 29.53 -42.79 -19.96
C GLY A 10 28.26 -42.14 -20.48
N GLU A 11 27.11 -42.70 -20.11
CA GLU A 11 25.83 -42.10 -20.51
C GLU A 11 25.69 -40.69 -19.98
N LYS A 12 26.07 -40.47 -18.71
CA LYS A 12 25.99 -39.13 -18.13
C LYS A 12 26.92 -38.16 -18.86
N THR A 13 28.11 -38.63 -19.24
CA THR A 13 29.02 -37.79 -20.00
C THR A 13 28.41 -37.37 -21.32
N VAL A 14 27.81 -38.33 -22.05
CA VAL A 14 27.13 -38.01 -23.30
C VAL A 14 25.98 -37.04 -23.03
N GLU A 15 25.23 -37.25 -21.94
CA GLU A 15 24.12 -36.37 -21.60
C GLU A 15 24.62 -34.95 -21.33
N GLN A 16 25.67 -34.82 -20.54
CA GLN A 16 26.26 -33.50 -20.28
C GLN A 16 26.84 -32.89 -21.55
N PHE A 17 27.37 -33.73 -22.45
CA PHE A 17 27.95 -33.22 -23.69
C PHE A 17 26.88 -32.60 -24.59
N VAL A 18 25.77 -33.32 -24.79
CA VAL A 18 24.69 -32.79 -25.62
C VAL A 18 24.07 -31.57 -24.97
N GLN A 19 23.90 -31.60 -23.64
CA GLN A 19 23.34 -30.45 -22.93
C GLN A 19 24.21 -29.22 -23.13
N ALA A 20 25.54 -29.37 -23.03
CA ALA A 20 26.42 -28.24 -23.26
C ALA A 20 26.30 -27.73 -24.69
N LEU A 21 26.11 -28.63 -25.66
CA LEU A 21 25.87 -28.21 -27.03
C LEU A 21 24.51 -27.53 -27.17
N ASN A 22 23.49 -28.04 -26.47
CA ASN A 22 22.16 -27.48 -26.59
C ASN A 22 22.08 -26.08 -26.01
N LYS A 23 22.84 -25.80 -24.95
CA LYS A 23 22.84 -24.47 -24.34
C LYS A 23 23.82 -23.51 -25.02
N GLY A 24 24.47 -23.94 -26.10
CA GLY A 24 25.41 -23.10 -26.81
C GLY A 24 26.77 -22.98 -26.19
N ASP A 25 27.02 -23.61 -25.04
CA ASP A 25 28.31 -23.53 -24.36
C ASP A 25 29.24 -24.56 -25.02
N TYR A 26 29.85 -24.13 -26.13
CA TYR A 26 30.71 -25.04 -26.88
C TYR A 26 32.02 -25.33 -26.16
N ASN A 27 32.55 -24.35 -25.42
CA ASN A 27 33.75 -24.58 -24.62
C ASN A 27 33.50 -25.65 -23.57
N LYS A 28 32.33 -25.61 -22.93
CA LYS A 28 31.98 -26.64 -21.95
C LYS A 28 31.93 -28.02 -22.58
N ALA A 29 31.38 -28.12 -23.79
CA ALA A 29 31.37 -29.40 -24.50
C ALA A 29 32.76 -29.78 -24.97
N ALA A 30 33.57 -28.80 -25.37
CA ALA A 30 34.90 -29.12 -25.87
C ALA A 30 35.84 -29.58 -24.76
N GLU A 31 35.59 -29.15 -23.52
CA GLU A 31 36.40 -29.60 -22.40
C GLU A 31 36.01 -30.98 -21.91
N MET A 32 34.95 -31.57 -22.45
CA MET A 32 34.56 -32.94 -22.13
C MET A 32 35.13 -33.95 -23.12
N THR A 33 35.95 -33.50 -24.06
CA THR A 33 36.52 -34.37 -25.08
C THR A 33 37.90 -34.87 -24.64
N SER A 34 38.28 -36.03 -25.17
CA SER A 34 39.54 -36.64 -24.81
C SER A 34 40.70 -35.87 -25.46
N LYS A 35 41.92 -36.33 -25.19
CA LYS A 35 43.10 -35.70 -25.77
C LYS A 35 43.15 -35.92 -27.27
N LYS A 36 43.89 -35.05 -27.96
CA LYS A 36 44.02 -35.13 -29.41
C LYS A 36 44.97 -36.27 -29.78
N ALA A 37 44.48 -37.21 -30.57
CA ALA A 37 45.26 -38.38 -30.97
C ALA A 37 44.62 -38.97 -32.23
N ALA A 38 44.98 -40.22 -32.54
CA ALA A 38 44.46 -40.87 -33.75
C ALA A 38 43.12 -41.56 -33.50
N ASN A 39 43.06 -42.41 -32.47
CA ASN A 39 41.82 -43.12 -32.14
C ASN A 39 41.01 -42.41 -31.07
N LYS A 40 41.58 -41.39 -30.44
CA LYS A 40 40.88 -40.59 -29.44
C LYS A 40 40.23 -39.40 -30.11
N SER A 41 40.46 -38.18 -29.60
CA SER A 41 39.84 -37.01 -30.19
C SER A 41 40.59 -36.58 -31.45
N ALA A 42 39.86 -36.00 -32.40
CA ALA A 42 40.44 -35.62 -33.69
C ALA A 42 40.96 -34.19 -33.72
N LEU A 43 40.49 -33.31 -32.84
CA LEU A 43 40.89 -31.92 -32.82
C LEU A 43 41.11 -31.46 -31.38
N SER A 44 41.72 -30.29 -31.24
CA SER A 44 41.94 -29.70 -29.93
C SER A 44 40.66 -29.07 -29.41
N GLU A 45 40.72 -28.62 -28.14
CA GLU A 45 39.55 -28.03 -27.52
C GLU A 45 39.14 -26.73 -28.22
N LYS A 46 40.10 -25.86 -28.51
CA LYS A 46 39.80 -24.62 -29.19
C LYS A 46 39.29 -24.87 -30.61
N GLU A 47 39.85 -25.88 -31.29
CA GLU A 47 39.40 -26.21 -32.64
C GLU A 47 37.97 -26.76 -32.63
N ILE A 48 37.63 -27.56 -31.63
CA ILE A 48 36.26 -28.06 -31.51
C ILE A 48 35.30 -26.91 -31.24
N LEU A 49 35.72 -25.96 -30.39
CA LEU A 49 34.90 -24.79 -30.13
C LEU A 49 34.61 -24.02 -31.42
N ASP A 50 35.67 -23.73 -32.19
CA ASP A 50 35.49 -22.95 -33.42
C ASP A 50 34.65 -23.71 -34.45
N LYS A 51 34.80 -25.04 -34.53
CA LYS A 51 34.04 -25.80 -35.51
C LYS A 51 32.54 -25.74 -35.21
N TYR A 52 32.17 -25.93 -33.94
CA TYR A 52 30.75 -25.84 -33.59
C TYR A 52 30.24 -24.41 -33.74
N GLN A 53 30.98 -23.43 -33.21
CA GLN A 53 30.53 -22.04 -33.30
C GLN A 53 30.34 -21.60 -34.75
N ASN A 54 31.24 -22.01 -35.64
CA ASN A 54 31.14 -21.60 -37.03
C ASN A 54 30.01 -22.35 -37.73
N ILE A 55 29.97 -23.68 -37.61
CA ILE A 55 29.00 -24.48 -38.34
C ILE A 55 27.62 -24.33 -37.73
N TYR A 56 27.48 -24.66 -36.44
CA TYR A 56 26.18 -24.56 -35.79
C TYR A 56 25.68 -23.13 -35.74
N GLY A 57 26.59 -22.14 -35.78
CA GLY A 57 26.17 -20.76 -35.79
C GLY A 57 25.74 -20.26 -37.15
N ALA A 58 26.29 -20.84 -38.22
CA ALA A 58 25.88 -20.45 -39.56
C ALA A 58 24.47 -20.95 -39.88
N ALA A 59 24.12 -22.13 -39.37
CA ALA A 59 22.79 -22.70 -39.56
C ALA A 59 21.82 -22.30 -38.47
N ASP A 60 22.25 -21.50 -37.50
CA ASP A 60 21.42 -21.09 -36.37
C ASP A 60 20.81 -22.29 -35.66
N VAL A 61 21.66 -23.29 -35.41
CA VAL A 61 21.22 -24.52 -34.75
C VAL A 61 20.77 -24.21 -33.33
N LYS A 62 19.62 -24.74 -32.94
CA LYS A 62 19.06 -24.49 -31.62
C LYS A 62 18.09 -25.62 -31.29
N GLY A 63 18.15 -26.10 -30.05
CA GLY A 63 17.24 -27.12 -29.59
C GLY A 63 17.67 -28.53 -29.92
N LEU A 64 18.93 -28.85 -29.58
CA LEU A 64 19.44 -30.20 -29.80
C LEU A 64 18.89 -31.11 -28.71
N GLN A 65 18.11 -32.11 -29.12
CA GLN A 65 17.54 -33.10 -28.21
C GLN A 65 17.84 -34.49 -28.75
N ILE A 66 18.09 -35.42 -27.84
CA ILE A 66 18.52 -36.76 -28.20
C ILE A 66 17.47 -37.76 -27.73
N SER A 67 17.68 -39.02 -28.12
CA SER A 67 16.80 -40.13 -27.76
C SER A 67 17.51 -41.42 -28.15
N ASN A 68 17.00 -42.53 -27.61
CA ASN A 68 17.52 -43.86 -27.92
C ASN A 68 19.00 -43.97 -27.63
N LEU A 69 19.42 -43.39 -26.50
CA LEU A 69 20.83 -43.39 -26.13
C LEU A 69 21.25 -44.78 -25.66
N LYS A 70 22.32 -45.29 -26.26
CA LYS A 70 22.84 -46.62 -25.91
C LYS A 70 24.36 -46.52 -25.79
N VAL A 71 24.86 -46.73 -24.57
CA VAL A 71 26.29 -46.74 -24.29
C VAL A 71 26.65 -48.13 -23.82
N ASP A 72 27.60 -48.76 -24.51
CA ASP A 72 28.09 -50.08 -24.12
C ASP A 72 29.58 -50.06 -23.87
N LYS A 73 30.27 -51.16 -24.21
CA LYS A 73 31.71 -51.27 -23.96
C LYS A 73 32.36 -52.01 -25.12
N LYS A 74 33.48 -51.47 -25.61
CA LYS A 74 34.27 -52.10 -26.66
C LYS A 74 35.58 -52.66 -26.15
N ASP A 75 36.31 -51.91 -25.33
CA ASP A 75 37.54 -52.39 -24.71
C ASP A 75 37.52 -51.98 -23.24
N ASP A 76 38.68 -52.12 -22.57
CA ASP A 76 38.76 -51.74 -21.17
C ASP A 76 38.73 -50.23 -20.97
N SER A 77 39.06 -49.44 -22.00
CA SER A 77 39.00 -47.99 -21.89
C SER A 77 38.11 -47.34 -22.93
N THR A 78 37.68 -48.06 -23.96
CA THR A 78 36.84 -47.49 -25.02
C THR A 78 35.40 -47.95 -24.82
N TYR A 79 34.49 -47.00 -24.71
CA TYR A 79 33.06 -47.28 -24.57
C TYR A 79 32.33 -46.59 -25.71
N SER A 80 31.65 -47.38 -26.53
CA SER A 80 30.94 -46.83 -27.68
C SER A 80 29.56 -46.34 -27.28
N PHE A 81 29.13 -45.26 -27.92
CA PHE A 81 27.82 -44.68 -27.66
C PHE A 81 27.13 -44.39 -28.99
N SER A 82 25.81 -44.25 -28.92
CA SER A 82 25.00 -43.96 -30.10
C SER A 82 23.68 -43.37 -29.64
N TYR A 83 23.16 -42.42 -30.43
CA TYR A 83 21.89 -41.81 -30.08
C TYR A 83 21.27 -41.21 -31.34
N LYS A 84 19.94 -41.12 -31.33
CA LYS A 84 19.22 -40.35 -32.32
C LYS A 84 19.09 -38.92 -31.82
N ALA A 85 19.01 -37.97 -32.74
CA ALA A 85 18.98 -36.56 -32.34
C ALA A 85 18.15 -35.76 -33.32
N LYS A 86 17.72 -34.59 -32.86
CA LYS A 86 16.99 -33.65 -33.68
C LYS A 86 17.34 -32.23 -33.28
N MET A 87 17.34 -31.34 -34.26
CA MET A 87 17.72 -29.94 -34.04
C MET A 87 16.91 -29.06 -34.97
N ASN A 88 16.86 -27.77 -34.63
CA ASN A 88 16.17 -26.78 -35.44
C ASN A 88 17.20 -25.84 -36.06
N THR A 89 17.08 -25.63 -37.37
CA THR A 89 18.00 -24.79 -38.13
C THR A 89 17.23 -23.63 -38.76
N SER A 90 17.96 -22.82 -39.53
CA SER A 90 17.34 -21.70 -40.23
C SER A 90 16.39 -22.15 -41.34
N LEU A 91 16.48 -23.42 -41.75
CA LEU A 91 15.61 -23.96 -42.78
C LEU A 91 14.49 -24.82 -42.22
N GLY A 92 14.66 -25.37 -41.03
CA GLY A 92 13.64 -26.23 -40.45
C GLY A 92 14.26 -27.11 -39.38
N GLU A 93 13.57 -28.22 -39.12
CA GLU A 93 13.97 -29.18 -38.09
C GLU A 93 14.64 -30.37 -38.74
N LEU A 94 15.91 -30.60 -38.39
CA LEU A 94 16.59 -31.83 -38.79
C LEU A 94 16.18 -32.94 -37.85
N LYS A 95 15.47 -33.93 -38.37
CA LYS A 95 15.03 -35.07 -37.59
C LYS A 95 15.69 -36.35 -38.12
N ASP A 96 15.61 -37.40 -37.31
CA ASP A 96 16.18 -38.71 -37.65
C ASP A 96 17.66 -38.60 -37.99
N LEU A 97 18.42 -38.07 -37.04
CA LEU A 97 19.87 -37.94 -37.16
C LEU A 97 20.52 -39.02 -36.31
N SER A 98 21.21 -39.96 -36.97
CA SER A 98 21.84 -41.08 -36.28
C SER A 98 23.28 -40.70 -35.96
N TYR A 99 23.55 -40.39 -34.70
CA TYR A 99 24.90 -40.06 -34.25
C TYR A 99 25.55 -41.27 -33.60
N LYS A 100 26.88 -41.32 -33.69
CA LYS A 100 27.64 -42.42 -33.11
C LYS A 100 29.02 -41.91 -32.70
N GLY A 101 29.63 -42.61 -31.75
CA GLY A 101 30.94 -42.24 -31.29
C GLY A 101 31.44 -43.20 -30.23
N THR A 102 32.56 -42.82 -29.61
CA THR A 102 33.18 -43.63 -28.57
C THR A 102 33.62 -42.73 -27.42
N LEU A 103 33.92 -43.35 -26.28
CA LEU A 103 34.37 -42.66 -25.09
C LEU A 103 35.68 -43.26 -24.60
N ASP A 104 36.30 -42.60 -23.62
CA ASP A 104 37.60 -43.01 -23.10
C ASP A 104 37.63 -42.78 -21.59
N ARG A 105 37.84 -43.86 -20.84
CA ARG A 105 37.97 -43.80 -19.39
C ARG A 105 39.42 -44.07 -19.00
N ASN A 106 40.30 -43.13 -19.32
CA ASN A 106 41.72 -43.30 -19.04
C ASN A 106 41.99 -43.22 -17.54
N ASP A 107 41.43 -42.21 -16.87
CA ASP A 107 41.61 -42.07 -15.44
C ASP A 107 40.25 -42.22 -14.75
N GLY A 108 39.95 -41.36 -13.78
CA GLY A 108 38.66 -41.44 -13.11
C GLY A 108 37.57 -40.67 -13.83
N GLN A 109 37.79 -40.39 -15.12
CA GLN A 109 36.90 -39.52 -15.88
C GLN A 109 36.66 -40.12 -17.25
N THR A 110 35.39 -40.23 -17.63
CA THR A 110 35.02 -40.64 -18.98
C THR A 110 34.93 -39.41 -19.86
N THR A 111 35.61 -39.45 -20.99
CA THR A 111 35.62 -38.33 -21.93
C THR A 111 35.22 -38.82 -23.30
N ILE A 112 34.78 -37.88 -24.14
CA ILE A 112 34.28 -38.21 -25.47
C ILE A 112 35.45 -38.23 -26.45
N ASN A 113 35.60 -39.34 -27.17
CA ASN A 113 36.52 -39.38 -28.29
C ASN A 113 35.92 -38.56 -29.43
N TRP A 114 36.17 -37.25 -29.42
CA TRP A 114 35.49 -36.37 -30.35
C TRP A 114 35.95 -36.63 -31.78
N GLN A 115 34.97 -36.66 -32.69
CA GLN A 115 35.20 -36.84 -34.11
C GLN A 115 34.29 -35.87 -34.84
N PRO A 116 34.65 -35.50 -36.09
CA PRO A 116 33.80 -34.57 -36.84
C PRO A 116 32.40 -35.09 -37.14
N ASN A 117 32.15 -36.39 -36.93
CA ASN A 117 30.80 -36.91 -37.09
C ASN A 117 29.89 -36.58 -35.92
N LEU A 118 30.42 -35.99 -34.85
CA LEU A 118 29.58 -35.51 -33.75
C LEU A 118 28.99 -34.14 -34.02
N VAL A 119 29.36 -33.51 -35.13
CA VAL A 119 28.72 -32.27 -35.58
C VAL A 119 27.52 -32.66 -36.42
N PHE A 120 27.78 -33.30 -37.56
CA PHE A 120 26.76 -33.89 -38.40
C PHE A 120 27.12 -35.34 -38.70
N PRO A 121 26.10 -36.23 -38.82
CA PRO A 121 26.36 -37.67 -38.87
C PRO A 121 27.48 -38.14 -39.79
N GLU A 122 27.41 -37.78 -41.07
CA GLU A 122 28.34 -38.32 -42.06
C GLU A 122 29.49 -37.36 -42.38
N MET A 123 29.91 -36.56 -41.42
CA MET A 123 31.06 -35.68 -41.61
C MET A 123 32.33 -36.42 -41.25
N GLU A 124 33.36 -36.28 -42.08
CA GLU A 124 34.61 -37.00 -41.90
C GLU A 124 35.78 -36.11 -42.29
N GLY A 125 36.77 -36.01 -41.39
CA GLY A 125 37.96 -35.23 -41.70
C GLY A 125 37.66 -33.75 -41.78
N ASN A 126 38.15 -33.12 -42.83
CA ASN A 126 37.99 -31.67 -43.03
C ASN A 126 36.82 -31.37 -43.95
N ASP A 127 35.65 -31.93 -43.64
CA ASP A 127 34.44 -31.64 -44.40
C ASP A 127 33.87 -30.29 -43.98
N LYS A 128 33.42 -29.53 -44.98
CA LYS A 128 32.81 -28.23 -44.74
C LYS A 128 31.30 -28.34 -44.74
N VAL A 129 30.64 -27.27 -44.31
CA VAL A 129 29.18 -27.20 -44.30
C VAL A 129 28.76 -25.93 -45.04
N SER A 130 27.81 -26.08 -45.96
CA SER A 130 27.34 -24.97 -46.77
C SER A 130 25.84 -24.78 -46.56
N LEU A 131 25.42 -23.52 -46.46
CA LEU A 131 24.01 -23.18 -46.26
C LEU A 131 23.63 -22.07 -47.23
N THR A 132 22.79 -22.40 -48.20
CA THR A 132 22.20 -21.42 -49.11
C THR A 132 20.76 -21.16 -48.68
N THR A 133 20.33 -19.90 -48.77
CA THR A 133 19.00 -19.51 -48.35
C THR A 133 18.41 -18.51 -49.33
N GLN A 134 17.10 -18.62 -49.55
CA GLN A 134 16.35 -17.67 -50.36
C GLN A 134 15.22 -17.10 -49.52
N GLU A 135 15.16 -15.78 -49.43
CA GLU A 135 14.17 -15.12 -48.59
C GLU A 135 12.76 -15.34 -49.12
N ALA A 136 11.81 -15.44 -48.19
CA ALA A 136 10.39 -15.58 -48.53
C ALA A 136 9.72 -14.20 -48.52
N ALA A 137 8.90 -13.95 -49.54
CA ALA A 137 8.21 -12.67 -49.63
C ALA A 137 7.06 -12.62 -48.63
N ARG A 138 7.02 -11.56 -47.82
CA ARG A 138 5.98 -11.43 -46.82
C ARG A 138 4.62 -11.24 -47.49
N GLY A 139 3.62 -11.97 -46.98
CA GLY A 139 2.28 -11.89 -47.55
C GLY A 139 1.62 -10.55 -47.29
N ASN A 140 0.50 -10.36 -47.97
CA ASN A 140 -0.25 -9.11 -47.89
C ASN A 140 -1.45 -9.24 -46.96
N ILE A 141 -1.88 -8.09 -46.43
CA ILE A 141 -3.09 -7.98 -45.64
C ILE A 141 -4.07 -7.12 -46.44
N ILE A 142 -5.27 -7.66 -46.69
CA ILE A 142 -6.26 -7.00 -47.53
C ILE A 142 -7.57 -6.89 -46.76
N ASP A 143 -8.41 -5.97 -47.21
CA ASP A 143 -9.72 -5.75 -46.61
C ASP A 143 -10.70 -6.79 -47.15
N ARG A 144 -11.99 -6.58 -46.90
CA ARG A 144 -13.01 -7.53 -47.35
C ARG A 144 -13.20 -7.52 -48.87
N ASN A 145 -12.78 -6.45 -49.55
CA ASN A 145 -12.94 -6.32 -50.99
C ASN A 145 -11.61 -6.39 -51.73
N GLY A 146 -10.59 -6.97 -51.12
CA GLY A 146 -9.30 -7.13 -51.75
C GLY A 146 -8.43 -5.89 -51.78
N GLU A 147 -8.93 -4.76 -51.28
CA GLU A 147 -8.10 -3.56 -51.23
C GLU A 147 -6.96 -3.76 -50.23
N PRO A 148 -5.76 -3.28 -50.56
CA PRO A 148 -4.59 -3.61 -49.73
C PRO A 148 -4.53 -2.77 -48.46
N LEU A 149 -4.27 -3.44 -47.33
CA LEU A 149 -3.97 -2.77 -46.08
C LEU A 149 -2.50 -2.86 -45.68
N ALA A 150 -1.80 -3.89 -46.15
CA ALA A 150 -0.36 -4.04 -45.90
C ALA A 150 0.22 -4.84 -47.05
N THR A 151 1.13 -4.23 -47.81
CA THR A 151 1.71 -4.87 -48.99
C THR A 151 3.21 -4.64 -49.01
N THR A 152 3.86 -5.20 -50.03
CA THR A 152 5.28 -4.98 -50.30
C THR A 152 5.38 -4.29 -51.66
N GLY A 153 5.77 -3.01 -51.66
CA GLY A 153 5.88 -2.25 -52.87
C GLY A 153 7.21 -1.53 -52.97
N LYS A 154 7.37 -0.78 -54.05
CA LYS A 154 8.57 0.01 -54.29
C LYS A 154 8.39 1.40 -53.69
N LEU A 155 9.38 1.82 -52.91
CA LEU A 155 9.35 3.12 -52.23
C LEU A 155 10.40 4.04 -52.81
N LYS A 156 10.12 5.34 -52.75
CA LYS A 156 10.99 6.37 -53.30
C LYS A 156 11.86 6.90 -52.17
N GLN A 157 13.15 6.57 -52.20
CA GLN A 157 14.08 6.93 -51.14
C GLN A 157 14.82 8.21 -51.54
N LEU A 158 14.49 9.31 -50.88
CA LEU A 158 15.16 10.58 -51.11
C LEU A 158 16.41 10.66 -50.26
N GLY A 159 17.54 10.96 -50.90
CA GLY A 159 18.81 11.05 -50.19
C GLY A 159 19.76 11.99 -50.89
N VAL A 160 20.89 12.24 -50.23
CA VAL A 160 21.89 13.17 -50.72
C VAL A 160 23.27 12.52 -50.66
N VAL A 161 24.16 12.99 -51.53
CA VAL A 161 25.56 12.56 -51.58
C VAL A 161 26.41 13.76 -51.20
N PRO A 162 27.23 13.67 -50.14
CA PRO A 162 27.95 14.87 -49.66
C PRO A 162 29.00 15.38 -50.63
N SER A 163 29.43 14.60 -51.63
CA SER A 163 30.47 15.07 -52.53
C SER A 163 29.91 15.96 -53.63
N LYS A 164 28.77 15.56 -54.22
CA LYS A 164 28.12 16.34 -55.26
C LYS A 164 27.20 17.42 -54.69
N LEU A 165 27.51 17.94 -53.50
CA LEU A 165 26.67 18.93 -52.82
C LEU A 165 27.30 20.32 -52.79
N GLY A 166 28.62 20.41 -52.68
CA GLY A 166 29.29 21.70 -52.62
C GLY A 166 30.38 21.74 -51.57
N ASP A 167 31.20 22.79 -51.60
CA ASP A 167 32.28 22.94 -50.63
C ASP A 167 31.87 23.88 -49.51
N GLY A 168 31.90 25.19 -49.79
CA GLY A 168 31.54 26.18 -48.80
C GLY A 168 30.68 27.29 -49.38
N GLY A 169 29.39 27.28 -49.04
CA GLY A 169 28.45 28.23 -49.61
C GLY A 169 27.46 27.54 -50.52
N GLU A 170 27.98 26.82 -51.52
CA GLU A 170 27.12 26.02 -52.37
C GLU A 170 26.53 24.83 -51.62
N LYS A 171 27.29 24.26 -50.69
CA LYS A 171 26.78 23.17 -49.87
C LYS A 171 25.64 23.63 -48.98
N THR A 172 25.80 24.81 -48.35
CA THR A 172 24.75 25.34 -47.51
C THR A 172 23.51 25.72 -48.33
N ALA A 173 23.72 26.23 -49.54
CA ALA A 173 22.59 26.63 -50.38
C ALA A 173 21.80 25.43 -50.88
N ASN A 174 22.50 24.35 -51.26
CA ASN A 174 21.81 23.17 -51.75
C ASN A 174 21.09 22.43 -50.61
N ILE A 175 21.70 22.42 -49.42
CA ILE A 175 21.02 21.81 -48.27
C ILE A 175 19.74 22.57 -47.96
N LYS A 176 19.80 23.90 -47.97
CA LYS A 176 18.59 24.69 -47.77
C LYS A 176 17.60 24.51 -48.92
N ALA A 177 18.10 24.17 -50.12
CA ALA A 177 17.22 23.88 -51.23
C ALA A 177 16.62 22.48 -51.14
N ILE A 178 17.42 21.51 -50.70
CA ILE A 178 16.90 20.15 -50.48
C ILE A 178 16.03 20.10 -49.24
N ALA A 179 16.12 21.09 -48.36
CA ALA A 179 15.29 21.13 -47.16
C ALA A 179 13.96 21.86 -47.40
N SER A 180 14.00 22.94 -48.18
CA SER A 180 12.78 23.69 -48.47
C SER A 180 11.93 23.05 -49.55
N SER A 181 12.47 22.08 -50.29
CA SER A 181 11.73 21.42 -51.36
C SER A 181 11.07 20.11 -50.91
N PHE A 182 11.54 19.50 -49.83
CA PHE A 182 11.01 18.23 -49.36
C PHE A 182 10.50 18.30 -47.93
N ASP A 183 10.39 19.49 -47.35
CA ASP A 183 9.92 19.68 -45.98
C ASP A 183 10.78 18.91 -44.99
N LEU A 184 11.93 19.45 -44.64
CA LEU A 184 12.83 18.82 -43.69
C LEU A 184 13.72 19.89 -43.06
N THR A 185 14.13 19.65 -41.82
CA THR A 185 14.97 20.60 -41.11
C THR A 185 16.35 20.70 -41.75
N GLU A 186 16.85 21.93 -41.87
CA GLU A 186 18.21 22.12 -42.37
C GLU A 186 19.24 21.51 -41.44
N ASP A 187 18.99 21.56 -40.13
CA ASP A 187 19.88 20.91 -39.18
C ASP A 187 19.77 19.39 -39.22
N ALA A 188 18.66 18.87 -39.77
CA ALA A 188 18.51 17.42 -39.87
C ALA A 188 19.31 16.84 -41.03
N ILE A 189 19.39 17.57 -42.15
CA ILE A 189 20.19 17.11 -43.29
C ILE A 189 21.67 17.17 -42.95
N ASN A 190 22.10 18.19 -42.20
CA ASN A 190 23.49 18.28 -41.79
C ASN A 190 23.83 17.19 -40.78
N GLN A 191 22.90 16.86 -39.89
CA GLN A 191 23.14 15.81 -38.91
C GLN A 191 23.22 14.43 -39.56
N ALA A 192 22.50 14.24 -40.67
CA ALA A 192 22.54 12.96 -41.35
C ALA A 192 23.84 12.78 -42.12
N ILE A 193 24.27 13.81 -42.86
CA ILE A 193 25.50 13.72 -43.65
C ILE A 193 26.75 13.85 -42.80
N SER A 194 26.62 14.03 -41.48
CA SER A 194 27.77 14.15 -40.60
C SER A 194 27.83 13.04 -39.56
N GLN A 195 27.06 11.98 -39.72
CA GLN A 195 27.11 10.88 -38.77
C GLN A 195 28.42 10.10 -38.94
N SER A 196 28.64 9.14 -38.05
CA SER A 196 29.93 8.44 -38.02
C SER A 196 30.12 7.56 -39.25
N TRP A 197 29.10 6.78 -39.62
CA TRP A 197 29.24 5.81 -40.70
C TRP A 197 29.39 6.45 -42.07
N VAL A 198 28.99 7.72 -42.21
CA VAL A 198 28.97 8.36 -43.52
C VAL A 198 30.38 8.52 -44.07
N GLN A 199 30.55 8.25 -45.35
CA GLN A 199 31.77 8.48 -46.10
C GLN A 199 31.50 9.45 -47.24
N PRO A 200 32.54 10.11 -47.77
CA PRO A 200 32.31 11.17 -48.77
C PRO A 200 31.39 10.80 -49.93
N ASP A 201 31.61 9.66 -50.57
CA ASP A 201 30.88 9.28 -51.79
C ASP A 201 29.73 8.33 -51.50
N TYR A 202 29.09 8.45 -50.34
CA TYR A 202 27.97 7.59 -49.97
C TYR A 202 26.63 8.26 -50.24
N PHE A 203 25.62 7.43 -50.48
CA PHE A 203 24.24 7.88 -50.59
C PHE A 203 23.63 7.86 -49.18
N VAL A 204 23.37 9.04 -48.64
CA VAL A 204 22.81 9.18 -47.30
C VAL A 204 21.29 9.25 -47.43
N PRO A 205 20.55 8.24 -46.99
CA PRO A 205 19.09 8.30 -47.08
C PRO A 205 18.52 9.34 -46.12
N LEU A 206 17.39 9.92 -46.52
CA LEU A 206 16.80 10.99 -45.74
C LEU A 206 15.33 10.73 -45.43
N LYS A 207 14.50 10.56 -46.46
CA LYS A 207 13.07 10.50 -46.28
C LYS A 207 12.44 9.71 -47.43
N ILE A 208 11.36 8.99 -47.11
CA ILE A 208 10.57 8.30 -48.12
C ILE A 208 9.53 9.26 -48.67
N ILE A 209 9.48 9.37 -50.00
CA ILE A 209 8.52 10.21 -50.69
C ILE A 209 7.36 9.35 -51.14
N ASP A 210 6.14 9.74 -50.77
CA ASP A 210 4.94 8.97 -51.07
C ASP A 210 4.20 9.47 -52.31
N GLY A 211 4.61 10.59 -52.89
CA GLY A 211 3.99 11.10 -54.09
C GLY A 211 4.89 11.04 -55.30
N ALA A 212 4.74 12.01 -56.19
CA ALA A 212 5.60 12.15 -57.36
C ALA A 212 6.88 12.88 -56.97
N THR A 213 7.95 12.61 -57.71
CA THR A 213 9.24 13.19 -57.36
C THR A 213 9.20 14.69 -57.60
N PRO A 214 9.51 15.51 -56.59
CA PRO A 214 9.61 16.95 -56.82
C PRO A 214 10.94 17.29 -57.49
N GLU A 215 11.29 18.57 -57.55
CA GLU A 215 12.58 18.92 -58.16
C GLU A 215 13.73 18.45 -57.27
N LEU A 216 14.73 17.82 -57.90
CA LEU A 216 15.88 17.32 -57.16
C LEU A 216 17.04 18.30 -57.27
N PRO A 217 17.41 19.01 -56.21
CA PRO A 217 18.56 19.91 -56.28
C PRO A 217 19.87 19.14 -56.41
N ALA A 218 20.99 19.87 -56.43
CA ALA A 218 22.29 19.22 -56.56
C ALA A 218 22.58 18.33 -55.37
N GLY A 219 22.94 17.07 -55.64
CA GLY A 219 23.22 16.08 -54.63
C GLY A 219 22.05 15.16 -54.32
N ALA A 220 20.82 15.63 -54.50
CA ALA A 220 19.66 14.82 -54.20
C ALA A 220 19.44 13.76 -55.28
N THR A 221 19.09 12.55 -54.85
CA THR A 221 18.88 11.42 -55.74
C THR A 221 17.85 10.50 -55.13
N ILE A 222 17.05 9.85 -55.97
CA ILE A 222 16.03 8.92 -55.55
C ILE A 222 16.46 7.52 -55.98
N GLN A 223 16.39 6.57 -55.05
CA GLN A 223 16.74 5.18 -55.31
C GLN A 223 15.58 4.31 -54.88
N GLU A 224 15.04 3.52 -55.81
CA GLU A 224 13.87 2.70 -55.53
C GLU A 224 14.25 1.52 -54.66
N VAL A 225 13.62 1.41 -53.50
CA VAL A 225 13.81 0.29 -52.59
C VAL A 225 12.47 -0.36 -52.33
N ASP A 226 12.49 -1.67 -52.12
CA ASP A 226 11.29 -2.43 -51.83
C ASP A 226 11.15 -2.59 -50.31
N GLY A 227 9.94 -2.36 -49.81
CA GLY A 227 9.72 -2.45 -48.38
C GLY A 227 8.23 -2.52 -48.09
N ARG A 228 7.93 -2.68 -46.80
CA ARG A 228 6.55 -2.77 -46.37
C ARG A 228 5.87 -1.41 -46.48
N TYR A 229 4.66 -1.39 -47.02
CA TYR A 229 3.90 -0.15 -47.22
C TYR A 229 2.49 -0.33 -46.70
N TYR A 230 2.00 0.69 -46.01
CA TYR A 230 0.65 0.71 -45.45
C TYR A 230 -0.17 1.81 -46.09
N PRO A 231 -1.10 1.47 -46.99
CA PRO A 231 -1.84 2.54 -47.70
C PRO A 231 -2.64 3.44 -46.76
N LEU A 232 -3.45 2.85 -45.88
CA LEU A 232 -4.29 3.66 -45.00
C LEU A 232 -3.46 4.51 -44.03
N GLY A 233 -2.27 4.06 -43.68
CA GLY A 233 -1.40 4.86 -42.85
C GLY A 233 -1.84 4.81 -41.39
N GLU A 234 -1.87 5.98 -40.76
CA GLU A 234 -2.28 6.07 -39.36
C GLU A 234 -3.73 5.67 -39.15
N ALA A 235 -4.53 5.63 -40.22
CA ALA A 235 -5.95 5.32 -40.07
C ALA A 235 -6.17 3.92 -39.49
N ALA A 236 -5.24 2.99 -39.75
CA ALA A 236 -5.35 1.63 -39.23
C ALA A 236 -4.02 1.15 -38.67
N ALA A 237 -3.21 2.06 -38.13
CA ALA A 237 -1.89 1.69 -37.62
C ALA A 237 -2.01 0.77 -36.40
N GLN A 238 -2.99 1.02 -35.53
CA GLN A 238 -3.13 0.19 -34.34
C GLN A 238 -3.60 -1.21 -34.70
N LEU A 239 -4.52 -1.33 -35.66
CA LEU A 239 -5.04 -2.63 -36.05
C LEU A 239 -3.97 -3.46 -36.77
N ILE A 240 -3.47 -2.94 -37.88
CA ILE A 240 -2.50 -3.69 -38.69
C ILE A 240 -1.17 -3.81 -37.95
N GLY A 241 -0.70 -2.71 -37.38
CA GLY A 241 0.60 -2.69 -36.73
C GLY A 241 1.70 -2.32 -37.70
N TYR A 242 2.93 -2.79 -37.43
CA TYR A 242 4.05 -2.51 -38.30
C TYR A 242 5.06 -3.63 -38.18
N VAL A 243 6.08 -3.58 -39.04
CA VAL A 243 7.16 -4.56 -39.03
C VAL A 243 8.48 -3.80 -38.89
N GLY A 244 9.43 -4.45 -38.21
CA GLY A 244 10.76 -3.89 -38.05
C GLY A 244 11.82 -4.89 -38.47
N ASP A 245 13.06 -4.41 -38.54
CA ASP A 245 14.17 -5.28 -38.89
C ASP A 245 14.34 -6.37 -37.85
N ILE A 246 14.67 -7.57 -38.31
CA ILE A 246 14.87 -8.71 -37.42
C ILE A 246 16.23 -8.60 -36.76
N THR A 247 16.26 -8.76 -35.44
CA THR A 247 17.48 -8.59 -34.67
C THR A 247 18.10 -9.95 -34.34
N ALA A 248 19.30 -9.89 -33.73
CA ALA A 248 20.00 -11.12 -33.37
C ALA A 248 19.24 -11.90 -32.31
N GLU A 249 18.52 -11.20 -31.41
CA GLU A 249 17.76 -11.89 -30.38
C GLU A 249 16.55 -12.61 -30.97
N ASP A 250 15.93 -12.03 -31.99
CA ASP A 250 14.79 -12.67 -32.63
C ASP A 250 15.19 -13.99 -33.29
N ILE A 251 16.40 -14.04 -33.85
CA ILE A 251 16.89 -15.28 -34.46
C ILE A 251 17.23 -16.29 -33.37
N ASP A 252 17.81 -15.82 -32.26
CA ASP A 252 18.05 -16.71 -31.13
C ASP A 252 16.76 -17.29 -30.58
N LYS A 253 15.65 -16.55 -30.67
CA LYS A 253 14.37 -17.08 -30.21
C LYS A 253 13.73 -18.01 -31.23
N ASN A 254 13.76 -17.64 -32.51
CA ASN A 254 13.17 -18.45 -33.57
C ASN A 254 14.14 -18.50 -34.75
N PRO A 255 14.88 -19.60 -34.93
CA PRO A 255 15.82 -19.67 -36.05
C PRO A 255 15.16 -19.69 -37.41
N GLU A 256 13.88 -20.02 -37.50
CA GLU A 256 13.20 -20.10 -38.78
C GLU A 256 12.88 -18.73 -39.37
N LEU A 257 13.06 -17.66 -38.61
CA LEU A 257 12.97 -16.32 -39.18
C LEU A 257 14.13 -16.07 -40.14
N SER A 258 13.95 -15.09 -41.01
CA SER A 258 15.02 -14.69 -41.90
C SER A 258 15.94 -13.72 -41.19
N SER A 259 17.24 -14.02 -41.19
CA SER A 259 18.22 -13.16 -40.55
C SER A 259 18.48 -11.92 -41.39
N ASN A 260 17.54 -11.58 -42.26
CA ASN A 260 17.73 -10.48 -43.21
C ASN A 260 16.38 -9.84 -43.55
N GLY A 261 15.30 -10.41 -43.05
CA GLY A 261 13.95 -10.00 -43.40
C GLY A 261 13.32 -9.07 -42.38
N LYS A 262 12.01 -9.17 -42.24
CA LYS A 262 11.22 -8.31 -41.37
C LYS A 262 10.35 -9.16 -40.46
N ILE A 263 10.02 -8.60 -39.30
CA ILE A 263 9.18 -9.26 -38.30
C ILE A 263 8.17 -8.25 -37.78
N GLY A 264 6.92 -8.70 -37.61
CA GLY A 264 5.90 -7.82 -37.06
C GLY A 264 6.14 -7.54 -35.58
N ARG A 265 5.96 -6.28 -35.20
CA ARG A 265 6.21 -5.85 -33.83
C ARG A 265 4.93 -5.57 -33.04
N SER A 266 3.81 -5.31 -33.70
CA SER A 266 2.55 -5.06 -33.02
C SER A 266 1.41 -5.27 -34.00
N GLY A 267 0.20 -5.35 -33.46
CA GLY A 267 -0.98 -5.47 -34.30
C GLY A 267 -1.07 -6.81 -35.01
N LEU A 268 -1.67 -6.78 -36.19
CA LEU A 268 -1.87 -8.01 -36.96
C LEU A 268 -0.60 -8.49 -37.63
N GLU A 269 0.31 -7.57 -38.00
CA GLU A 269 1.59 -7.99 -38.56
C GLU A 269 2.35 -8.90 -37.61
N MET A 270 2.16 -8.74 -36.31
CA MET A 270 2.76 -9.63 -35.33
C MET A 270 1.87 -10.83 -35.04
N ALA A 271 0.56 -10.64 -34.95
CA ALA A 271 -0.34 -11.75 -34.67
C ALA A 271 -0.34 -12.79 -35.79
N PHE A 272 -0.08 -12.36 -37.03
CA PHE A 272 -0.05 -13.26 -38.17
C PHE A 272 1.33 -13.32 -38.81
N ASP A 273 2.38 -13.15 -37.99
CA ASP A 273 3.73 -13.13 -38.53
C ASP A 273 4.14 -14.49 -39.08
N LYS A 274 3.67 -15.58 -38.48
CA LYS A 274 4.02 -16.90 -38.97
C LYS A 274 3.35 -17.18 -40.31
N ASP A 275 2.10 -16.74 -40.47
CA ASP A 275 1.37 -16.95 -41.71
C ASP A 275 1.75 -15.97 -42.81
N LEU A 276 2.41 -14.87 -42.46
CA LEU A 276 2.78 -13.85 -43.42
C LEU A 276 4.24 -13.91 -43.85
N ARG A 277 5.13 -14.41 -42.98
CA ARG A 277 6.55 -14.43 -43.32
C ARG A 277 6.90 -15.57 -44.27
N GLY A 278 6.11 -16.64 -44.27
CA GLY A 278 6.43 -17.80 -45.07
C GLY A 278 7.46 -18.68 -44.39
N THR A 279 8.12 -19.50 -45.20
CA THR A 279 9.20 -20.37 -44.74
C THR A 279 10.42 -20.17 -45.62
N THR A 280 11.58 -20.07 -44.98
CA THR A 280 12.82 -19.81 -45.71
C THR A 280 13.21 -21.02 -46.53
N GLY A 281 13.35 -20.84 -47.85
CA GLY A 281 13.86 -21.88 -48.71
C GLY A 281 15.38 -21.87 -48.78
N GLY A 282 15.93 -23.01 -49.16
CA GLY A 282 17.37 -23.12 -49.29
C GLY A 282 17.82 -24.57 -49.15
N LYS A 283 19.12 -24.72 -48.86
CA LYS A 283 19.73 -26.05 -48.80
C LYS A 283 20.90 -26.02 -47.83
N LEU A 284 20.83 -26.84 -46.78
CA LEU A 284 21.96 -27.09 -45.90
C LEU A 284 22.60 -28.40 -46.31
N SER A 285 23.90 -28.36 -46.61
CA SER A 285 24.59 -29.51 -47.17
C SER A 285 25.98 -29.63 -46.57
N ILE A 286 26.54 -30.83 -46.69
CA ILE A 286 27.89 -31.13 -46.24
C ILE A 286 28.77 -31.26 -47.47
N THR A 287 29.77 -30.40 -47.59
CA THR A 287 30.67 -30.42 -48.72
C THR A 287 32.01 -31.01 -48.29
N ASP A 288 32.83 -31.33 -49.28
CA ASP A 288 34.15 -31.90 -49.04
C ASP A 288 35.15 -30.76 -48.82
N ALA A 289 36.43 -31.01 -49.11
CA ALA A 289 37.47 -30.01 -48.86
C ALA A 289 37.15 -28.68 -49.56
N ASP A 290 36.55 -28.72 -50.75
CA ASP A 290 36.19 -27.51 -51.46
C ASP A 290 34.67 -27.35 -51.45
N GLY A 291 34.04 -27.33 -52.62
CA GLY A 291 32.60 -27.18 -52.68
C GLY A 291 31.88 -28.31 -53.39
N VAL A 292 32.40 -29.53 -53.31
CA VAL A 292 31.74 -30.69 -53.89
C VAL A 292 30.85 -31.32 -52.81
N GLU A 293 29.55 -31.29 -53.08
CA GLU A 293 28.57 -31.68 -52.08
C GLU A 293 28.57 -33.19 -51.87
N LYS A 294 28.58 -33.61 -50.60
CA LYS A 294 28.49 -35.02 -50.25
C LYS A 294 27.05 -35.36 -49.89
N LYS A 295 26.59 -34.85 -48.75
CA LYS A 295 25.25 -35.15 -48.23
C LYS A 295 24.47 -33.86 -48.09
N VAL A 296 23.24 -33.85 -48.61
CA VAL A 296 22.34 -32.72 -48.46
C VAL A 296 21.47 -32.99 -47.23
N LEU A 297 21.66 -32.20 -46.18
CA LEU A 297 20.94 -32.43 -44.93
C LEU A 297 19.51 -31.92 -45.01
N ILE A 298 19.32 -30.65 -45.37
CA ILE A 298 18.01 -30.04 -45.47
C ILE A 298 17.89 -29.36 -46.81
N GLU A 299 16.70 -29.44 -47.42
CA GLU A 299 16.43 -28.72 -48.66
C GLU A 299 14.94 -28.71 -48.96
N HIS A 300 14.41 -27.52 -49.23
CA HIS A 300 13.03 -27.37 -49.67
C HIS A 300 12.87 -25.98 -50.29
N GLU A 301 12.02 -25.91 -51.31
CA GLU A 301 11.84 -24.66 -52.03
C GLU A 301 11.24 -23.59 -51.13
N VAL A 302 11.41 -22.34 -51.53
CA VAL A 302 10.91 -21.21 -50.75
C VAL A 302 9.40 -21.11 -50.89
N GLN A 303 8.73 -20.89 -49.76
CA GLN A 303 7.28 -20.70 -49.73
C GLN A 303 7.00 -19.27 -49.30
N ASN A 304 6.44 -18.49 -50.22
CA ASN A 304 6.07 -17.12 -49.88
C ASN A 304 4.92 -17.12 -48.88
N GLY A 305 4.81 -16.02 -48.14
CA GLY A 305 3.80 -15.92 -47.10
C GLY A 305 2.39 -15.92 -47.66
N LYS A 306 1.45 -16.34 -46.81
CA LYS A 306 0.05 -16.34 -47.20
C LYS A 306 -0.54 -14.94 -47.03
N ASP A 307 -1.69 -14.74 -47.66
CA ASP A 307 -2.43 -13.49 -47.55
C ASP A 307 -3.57 -13.65 -46.55
N ILE A 308 -3.75 -12.64 -45.71
CA ILE A 308 -4.81 -12.62 -44.71
C ILE A 308 -5.85 -11.60 -45.15
N LYS A 309 -7.08 -12.07 -45.35
CA LYS A 309 -8.18 -11.23 -45.80
C LYS A 309 -9.06 -10.92 -44.60
N LEU A 310 -9.21 -9.64 -44.29
CA LEU A 310 -9.97 -9.17 -43.14
C LEU A 310 -11.40 -8.83 -43.53
N THR A 311 -12.26 -8.73 -42.52
CA THR A 311 -13.61 -8.23 -42.71
C THR A 311 -13.67 -6.70 -42.78
N ILE A 312 -12.54 -6.02 -42.62
CA ILE A 312 -12.51 -4.58 -42.59
C ILE A 312 -12.95 -4.02 -43.94
N ASP A 313 -13.67 -2.90 -43.90
CA ASP A 313 -13.92 -2.08 -45.08
C ASP A 313 -12.90 -0.96 -45.08
N ALA A 314 -12.13 -0.85 -46.18
CA ALA A 314 -11.05 0.11 -46.24
C ALA A 314 -11.56 1.54 -46.10
N LYS A 315 -12.61 1.89 -46.85
CA LYS A 315 -13.12 3.25 -46.79
C LYS A 315 -13.83 3.53 -45.47
N ALA A 316 -14.53 2.53 -44.92
CA ALA A 316 -15.16 2.72 -43.61
C ALA A 316 -14.11 2.89 -42.52
N GLN A 317 -12.99 2.17 -42.62
CA GLN A 317 -11.91 2.35 -41.67
C GLN A 317 -11.32 3.75 -41.76
N LYS A 318 -11.13 4.25 -42.98
CA LYS A 318 -10.57 5.59 -43.15
C LYS A 318 -11.58 6.66 -42.72
N THR A 319 -12.86 6.45 -43.03
CA THR A 319 -13.89 7.42 -42.61
C THR A 319 -14.04 7.43 -41.09
N ALA A 320 -14.02 6.25 -40.46
CA ALA A 320 -14.20 6.19 -39.01
C ALA A 320 -13.04 6.86 -38.27
N PHE A 321 -11.81 6.65 -38.75
CA PHE A 321 -10.67 7.27 -38.09
C PHE A 321 -10.67 8.78 -38.30
N ASP A 322 -10.86 9.23 -39.54
CA ASP A 322 -10.87 10.67 -39.82
C ASP A 322 -11.98 11.38 -39.07
N SER A 323 -13.09 10.68 -38.82
CA SER A 323 -14.20 11.31 -38.10
C SER A 323 -13.82 11.69 -36.68
N LEU A 324 -12.88 10.95 -36.08
CA LEU A 324 -12.43 11.29 -34.73
C LEU A 324 -11.57 12.55 -34.71
N GLY A 325 -11.04 12.96 -35.86
CA GLY A 325 -10.35 14.24 -35.96
C GLY A 325 -9.12 14.38 -35.09
N GLY A 326 -8.38 13.29 -34.89
CA GLY A 326 -7.17 13.33 -34.10
C GLY A 326 -7.36 13.35 -32.61
N LYS A 327 -8.60 13.47 -32.12
CA LYS A 327 -8.85 13.43 -30.70
C LYS A 327 -8.72 12.00 -30.18
N ALA A 328 -8.85 11.84 -28.87
CA ALA A 328 -8.73 10.53 -28.24
C ALA A 328 -10.08 9.82 -28.27
N GLY A 329 -10.09 8.59 -28.76
CA GLY A 329 -11.31 7.82 -28.84
C GLY A 329 -11.15 6.64 -29.78
N SER A 330 -12.29 6.00 -30.08
CA SER A 330 -12.30 4.81 -30.91
C SER A 330 -13.66 4.68 -31.56
N THR A 331 -13.72 3.84 -32.60
CA THR A 331 -14.97 3.60 -33.32
C THR A 331 -14.94 2.18 -33.87
N VAL A 332 -16.01 1.42 -33.60
CA VAL A 332 -16.17 0.06 -34.10
C VAL A 332 -17.44 0.00 -34.93
N ALA A 333 -17.32 -0.51 -36.16
CA ALA A 333 -18.46 -0.67 -37.05
C ALA A 333 -18.55 -2.14 -37.44
N THR A 334 -19.75 -2.71 -37.28
CA THR A 334 -19.97 -4.13 -37.56
C THR A 334 -21.24 -4.31 -38.39
N THR A 335 -21.37 -5.51 -38.97
CA THR A 335 -22.62 -6.00 -39.51
C THR A 335 -23.22 -6.93 -38.46
N PRO A 336 -24.16 -6.45 -37.62
CA PRO A 336 -24.50 -7.19 -36.40
C PRO A 336 -25.10 -8.57 -36.60
N LYS A 337 -25.55 -8.92 -37.82
CA LYS A 337 -26.10 -10.25 -38.01
C LYS A 337 -25.02 -11.29 -38.28
N THR A 338 -23.88 -10.88 -38.83
CA THR A 338 -22.77 -11.80 -39.09
C THR A 338 -21.56 -11.57 -38.19
N GLY A 339 -21.46 -10.40 -37.57
CA GLY A 339 -20.33 -10.09 -36.72
C GLY A 339 -19.12 -9.55 -37.44
N ASP A 340 -19.18 -9.35 -38.75
CA ASP A 340 -18.06 -8.82 -39.50
C ASP A 340 -17.64 -7.46 -38.94
N LEU A 341 -16.35 -7.30 -38.68
CA LEU A 341 -15.81 -6.04 -38.19
C LEU A 341 -15.47 -5.18 -39.40
N LEU A 342 -16.33 -4.20 -39.68
CA LEU A 342 -16.12 -3.34 -40.83
C LEU A 342 -15.05 -2.29 -40.59
N ALA A 343 -14.89 -1.84 -39.35
CA ALA A 343 -13.91 -0.82 -39.02
C ALA A 343 -13.51 -0.93 -37.56
N LEU A 344 -12.21 -0.81 -37.30
CA LEU A 344 -11.65 -0.80 -35.95
C LEU A 344 -10.69 0.39 -35.87
N ALA A 345 -11.24 1.57 -35.63
CA ALA A 345 -10.44 2.80 -35.61
C ALA A 345 -10.03 3.14 -34.19
N SER A 346 -8.83 3.70 -34.06
CA SER A 346 -8.32 4.17 -32.78
C SER A 346 -7.55 5.46 -33.01
N SER A 347 -7.89 6.49 -32.24
CA SER A 347 -7.29 7.82 -32.40
C SER A 347 -6.88 8.35 -31.03
N PRO A 348 -5.76 9.07 -30.93
CA PRO A 348 -4.83 9.38 -32.03
C PRO A 348 -3.99 8.17 -32.41
N SER A 349 -3.21 8.29 -33.49
CA SER A 349 -2.44 7.18 -34.02
C SER A 349 -1.03 7.62 -34.35
N TYR A 350 -0.24 6.68 -34.85
CA TYR A 350 1.13 6.91 -35.28
C TYR A 350 1.26 6.60 -36.76
N ASP A 351 2.42 6.91 -37.32
CA ASP A 351 2.68 6.65 -38.73
C ASP A 351 3.37 5.31 -38.90
N PRO A 352 2.67 4.27 -39.36
CA PRO A 352 3.33 2.96 -39.53
C PRO A 352 4.32 2.94 -40.67
N ASN A 353 4.14 3.80 -41.69
CA ASN A 353 5.10 3.89 -42.76
C ASN A 353 6.40 4.53 -42.26
N LYS A 354 6.29 5.63 -41.52
CA LYS A 354 7.47 6.21 -40.88
C LYS A 354 8.05 5.25 -39.85
N MET A 355 7.22 4.42 -39.23
CA MET A 355 7.69 3.50 -38.20
C MET A 355 8.54 2.39 -38.81
N THR A 356 8.10 1.83 -39.94
CA THR A 356 8.80 0.70 -40.54
C THR A 356 9.95 1.12 -41.45
N ASN A 357 10.02 2.40 -41.82
CA ASN A 357 11.15 2.87 -42.63
C ASN A 357 12.17 3.57 -41.75
N GLY A 358 12.32 4.88 -41.90
CA GLY A 358 13.24 5.63 -41.08
C GLY A 358 12.55 6.49 -40.05
N ILE A 359 12.55 6.05 -38.79
CA ILE A 359 11.94 6.78 -37.68
C ILE A 359 13.04 7.28 -36.76
N SER A 360 13.02 8.58 -36.48
CA SER A 360 14.01 9.20 -35.62
C SER A 360 13.68 8.96 -34.15
N GLN A 361 14.73 8.95 -33.31
CA GLN A 361 14.54 8.77 -31.88
C GLN A 361 13.77 9.92 -31.24
N GLU A 362 13.63 11.04 -31.94
CA GLU A 362 12.84 12.16 -31.42
C GLU A 362 11.36 12.01 -31.72
N ASP A 363 11.01 11.61 -32.95
CA ASP A 363 9.60 11.41 -33.28
C ASP A 363 9.02 10.19 -32.58
N TYR A 364 9.83 9.15 -32.37
CA TYR A 364 9.36 7.99 -31.61
C TYR A 364 9.13 8.37 -30.15
N LYS A 365 10.03 9.17 -29.57
CA LYS A 365 9.81 9.66 -28.21
C LYS A 365 8.54 10.49 -28.13
N ALA A 366 8.23 11.26 -29.19
CA ALA A 366 6.99 12.03 -29.21
C ALA A 366 5.78 11.11 -29.22
N TYR A 367 5.88 9.94 -29.85
CA TYR A 367 4.76 9.01 -29.87
C TYR A 367 4.59 8.30 -28.54
N GLU A 368 5.66 8.11 -27.78
CA GLU A 368 5.62 7.39 -26.52
C GLU A 368 5.43 8.30 -25.32
N GLU A 369 5.26 9.61 -25.54
CA GLU A 369 5.04 10.54 -24.44
C GLU A 369 3.78 11.37 -24.58
N ASN A 370 3.16 11.41 -25.76
CA ASN A 370 1.86 12.03 -25.94
C ASN A 370 0.88 11.49 -24.89
N PRO A 371 0.36 12.34 -24.00
CA PRO A 371 -0.55 11.86 -22.96
C PRO A 371 -1.77 11.13 -23.52
N GLU A 372 -2.16 11.43 -24.77
CA GLU A 372 -3.24 10.71 -25.41
C GLU A 372 -2.83 9.32 -25.87
N GLN A 373 -1.53 9.00 -25.82
CA GLN A 373 -0.98 7.68 -26.09
C GLN A 373 -1.48 7.11 -27.41
N PRO A 374 -0.87 7.48 -28.54
CA PRO A 374 -1.36 6.98 -29.84
C PRO A 374 -1.11 5.49 -30.04
N PHE A 375 -0.17 4.88 -29.31
CA PHE A 375 0.12 3.47 -29.46
C PHE A 375 -0.99 2.57 -28.91
N ILE A 376 -1.94 3.11 -28.17
CA ILE A 376 -2.98 2.31 -27.54
C ILE A 376 -4.00 1.88 -28.59
N SER A 377 -4.29 0.58 -28.63
CA SER A 377 -5.40 0.06 -29.42
C SER A 377 -6.67 0.23 -28.60
N ARG A 378 -7.33 1.38 -28.80
CA ARG A 378 -8.46 1.73 -27.94
C ARG A 378 -9.70 0.86 -28.21
N PHE A 379 -9.79 0.25 -29.38
CA PHE A 379 -10.89 -0.69 -29.63
C PHE A 379 -10.74 -1.98 -28.85
N ALA A 380 -9.56 -2.25 -28.29
CA ALA A 380 -9.31 -3.44 -27.48
C ALA A 380 -8.97 -3.11 -26.04
N THR A 381 -9.15 -1.85 -25.63
CA THR A 381 -8.86 -1.42 -24.27
C THR A 381 -10.15 -1.39 -23.46
N GLY A 382 -10.11 -1.98 -22.26
CA GLY A 382 -11.30 -2.03 -21.44
C GLY A 382 -11.67 -0.66 -20.89
N TYR A 383 -12.90 -0.25 -21.12
CA TYR A 383 -13.43 1.01 -20.61
C TYR A 383 -14.76 0.75 -19.90
N ALA A 384 -15.18 1.72 -19.11
CA ALA A 384 -16.54 1.70 -18.60
C ALA A 384 -17.49 2.05 -19.75
N PRO A 385 -18.54 1.26 -19.98
CA PRO A 385 -19.35 1.46 -21.19
C PRO A 385 -20.10 2.78 -21.22
N GLY A 386 -20.35 3.41 -20.08
CA GLY A 386 -21.06 4.66 -20.07
C GLY A 386 -22.56 4.47 -19.89
N SER A 387 -23.28 5.59 -20.02
CA SER A 387 -24.73 5.57 -19.86
C SER A 387 -25.44 4.90 -21.03
N THR A 388 -24.72 4.53 -22.09
CA THR A 388 -25.33 3.69 -23.12
C THR A 388 -25.71 2.31 -22.58
N PHE A 389 -25.05 1.87 -21.51
CA PHE A 389 -25.32 0.55 -20.94
C PHE A 389 -26.69 0.43 -20.28
N LYS A 390 -27.45 1.53 -20.16
CA LYS A 390 -28.80 1.42 -19.62
C LYS A 390 -29.68 0.50 -20.46
N MET A 391 -29.39 0.41 -21.77
CA MET A 391 -30.17 -0.49 -22.63
C MET A 391 -30.12 -1.92 -22.11
N ILE A 392 -28.92 -2.39 -21.75
CA ILE A 392 -28.79 -3.74 -21.22
C ILE A 392 -29.50 -3.87 -19.89
N THR A 393 -29.33 -2.89 -19.00
CA THR A 393 -30.03 -2.92 -17.71
C THR A 393 -31.54 -2.90 -17.91
N ALA A 394 -32.02 -2.14 -18.90
CA ALA A 394 -33.44 -2.13 -19.20
C ALA A 394 -33.89 -3.45 -19.81
N ALA A 395 -33.08 -4.01 -20.72
CA ALA A 395 -33.42 -5.29 -21.33
C ALA A 395 -33.47 -6.40 -20.28
N ILE A 396 -32.57 -6.35 -19.30
CA ILE A 396 -32.62 -7.31 -18.20
C ILE A 396 -33.86 -7.06 -17.35
N GLY A 397 -34.18 -5.80 -17.07
CA GLY A 397 -35.35 -5.48 -16.28
C GLY A 397 -36.65 -5.88 -16.95
N LEU A 398 -36.68 -5.89 -18.27
CA LEU A 398 -37.88 -6.32 -19.00
C LEU A 398 -38.01 -7.84 -19.04
N ASP A 399 -36.91 -8.58 -18.88
CA ASP A 399 -36.98 -10.03 -18.93
C ASP A 399 -37.39 -10.63 -17.60
N ASN A 400 -37.07 -9.99 -16.49
CA ASN A 400 -37.42 -10.48 -15.17
C ASN A 400 -38.61 -9.76 -14.56
N GLY A 401 -39.35 -8.98 -15.36
CA GLY A 401 -40.56 -8.34 -14.88
C GLY A 401 -40.35 -7.22 -13.89
N THR A 402 -39.10 -6.81 -13.64
CA THR A 402 -38.87 -5.71 -12.71
C THR A 402 -39.31 -4.38 -13.30
N ILE A 403 -39.09 -4.19 -14.59
CA ILE A 403 -39.34 -2.90 -15.26
C ILE A 403 -40.66 -2.98 -16.02
N ASP A 404 -41.61 -2.12 -15.65
CA ASP A 404 -42.82 -1.94 -16.43
C ASP A 404 -42.62 -0.77 -17.38
N PRO A 405 -42.65 -0.99 -18.70
CA PRO A 405 -42.36 0.12 -19.62
C PRO A 405 -43.27 1.32 -19.48
N ASN A 406 -44.47 1.14 -18.94
CA ASN A 406 -45.43 2.24 -18.80
C ASN A 406 -45.44 2.83 -17.39
N GLU A 407 -44.84 2.16 -16.41
CA GLU A 407 -44.77 2.70 -15.06
C GLU A 407 -43.90 3.95 -15.05
N VAL A 408 -44.38 4.98 -14.36
CA VAL A 408 -43.76 6.30 -14.36
C VAL A 408 -43.18 6.57 -12.97
N LEU A 409 -41.87 6.79 -12.91
CA LEU A 409 -41.21 7.19 -11.68
C LEU A 409 -41.26 8.70 -11.54
N THR A 410 -41.44 9.16 -10.31
CA THR A 410 -41.46 10.59 -9.99
C THR A 410 -40.08 10.99 -9.47
N ILE A 411 -39.35 11.75 -10.27
CA ILE A 411 -37.99 12.16 -9.94
C ILE A 411 -37.95 13.68 -9.88
N ASN A 412 -37.50 14.22 -8.76
CA ASN A 412 -37.42 15.65 -8.54
C ASN A 412 -35.96 16.08 -8.47
N GLY A 413 -35.55 16.93 -9.40
CA GLY A 413 -34.22 17.48 -9.40
C GLY A 413 -33.27 16.77 -10.34
N LEU A 414 -31.98 16.91 -10.03
CA LEU A 414 -30.91 16.33 -10.84
C LEU A 414 -30.04 15.35 -10.08
N LYS A 415 -30.19 15.26 -8.76
CA LYS A 415 -29.41 14.34 -7.94
C LYS A 415 -30.36 13.47 -7.13
N TRP A 416 -29.91 12.25 -6.81
CA TRP A 416 -30.75 11.33 -6.07
C TRP A 416 -29.87 10.30 -5.37
N GLN A 417 -30.32 9.89 -4.18
CA GLN A 417 -29.67 8.82 -3.43
C GLN A 417 -30.75 8.02 -2.70
N LYS A 418 -30.49 6.72 -2.52
CA LYS A 418 -31.45 5.86 -1.85
C LYS A 418 -31.66 6.29 -0.40
N ASP A 419 -30.58 6.48 0.34
CA ASP A 419 -30.64 6.78 1.76
C ASP A 419 -29.53 7.76 2.10
N SER A 420 -29.68 8.43 3.25
CA SER A 420 -28.61 9.27 3.76
C SER A 420 -27.34 8.47 4.02
N SER A 421 -27.45 7.13 4.10
CA SER A 421 -26.27 6.28 4.26
C SER A 421 -25.29 6.40 3.10
N TRP A 422 -25.77 6.82 1.92
CA TRP A 422 -24.87 7.00 0.78
C TRP A 422 -23.89 8.15 0.98
N GLY A 423 -24.06 8.96 2.02
CA GLY A 423 -23.13 10.05 2.24
C GLY A 423 -23.34 11.17 1.24
N SER A 424 -22.27 11.55 0.56
CA SER A 424 -22.31 12.65 -0.38
C SER A 424 -22.48 12.21 -1.83
N TYR A 425 -22.52 10.91 -2.10
CA TYR A 425 -22.69 10.44 -3.47
C TYR A 425 -24.15 10.51 -3.88
N GLN A 426 -24.39 11.04 -5.08
CA GLN A 426 -25.74 11.13 -5.64
C GLN A 426 -25.68 10.84 -7.13
N VAL A 427 -26.63 10.05 -7.61
CA VAL A 427 -26.72 9.77 -9.04
C VAL A 427 -27.21 11.02 -9.75
N THR A 428 -26.46 11.44 -10.77
CA THR A 428 -26.70 12.71 -11.45
C THR A 428 -27.30 12.47 -12.83
N ARG A 429 -28.25 13.33 -13.19
CA ARG A 429 -28.84 13.33 -14.53
C ARG A 429 -28.78 14.75 -15.09
N VAL A 430 -29.00 14.86 -16.40
CA VAL A 430 -28.81 16.12 -17.09
C VAL A 430 -30.14 16.85 -17.28
N SER A 431 -31.24 16.09 -17.32
CA SER A 431 -32.56 16.65 -17.61
C SER A 431 -33.46 16.47 -16.40
N ASP A 432 -34.07 17.57 -15.95
CA ASP A 432 -34.98 17.55 -14.80
C ASP A 432 -36.38 17.26 -15.31
N VAL A 433 -36.62 15.99 -15.61
CA VAL A 433 -37.92 15.52 -16.05
C VAL A 433 -38.64 14.90 -14.85
N SER A 434 -39.88 15.34 -14.60
CA SER A 434 -40.59 14.90 -13.41
C SER A 434 -41.18 13.51 -13.59
N GLN A 435 -41.93 13.29 -14.66
CA GLN A 435 -42.59 12.01 -14.91
C GLN A 435 -41.77 11.23 -15.93
N VAL A 436 -40.97 10.28 -15.45
CA VAL A 436 -40.05 9.50 -16.28
C VAL A 436 -40.49 8.04 -16.27
N ASP A 437 -40.74 7.50 -17.45
CA ASP A 437 -40.90 6.07 -17.64
C ASP A 437 -39.71 5.54 -18.43
N LEU A 438 -39.84 4.31 -18.96
CA LEU A 438 -38.72 3.71 -19.68
C LEU A 438 -38.43 4.47 -20.97
N LYS A 439 -39.46 4.74 -21.77
CA LYS A 439 -39.25 5.46 -23.03
C LYS A 439 -38.65 6.84 -22.78
N THR A 440 -39.13 7.55 -21.76
CA THR A 440 -38.56 8.86 -21.44
C THR A 440 -37.12 8.73 -20.97
N ALA A 441 -36.82 7.69 -20.21
CA ALA A 441 -35.47 7.53 -19.67
C ALA A 441 -34.45 7.26 -20.77
N LEU A 442 -34.84 6.55 -21.83
CA LEU A 442 -33.91 6.29 -22.92
C LEU A 442 -33.75 7.50 -23.83
N ILE A 443 -34.81 8.31 -23.98
CA ILE A 443 -34.72 9.50 -24.82
C ILE A 443 -33.79 10.53 -24.18
N TYR A 444 -34.03 10.82 -22.90
CA TYR A 444 -33.26 11.85 -22.19
C TYR A 444 -31.98 11.31 -21.55
N SER A 445 -31.75 10.01 -21.60
CA SER A 445 -30.61 9.36 -20.94
C SER A 445 -30.60 9.72 -19.44
N ASP A 446 -31.60 9.20 -18.75
CA ASP A 446 -31.82 9.50 -17.34
C ASP A 446 -31.14 8.42 -16.50
N ASN A 447 -30.06 8.80 -15.82
CA ASN A 447 -29.34 7.86 -14.98
C ASN A 447 -30.06 7.59 -13.67
N ILE A 448 -30.86 8.55 -13.20
CA ILE A 448 -31.59 8.35 -11.94
C ILE A 448 -32.66 7.28 -12.10
N TYR A 449 -33.33 7.26 -13.26
CA TYR A 449 -34.28 6.19 -13.54
C TYR A 449 -33.58 4.84 -13.55
N THR A 450 -32.45 4.75 -14.25
CA THR A 450 -31.71 3.49 -14.32
C THR A 450 -31.19 3.08 -12.95
N ALA A 451 -30.67 4.05 -12.18
CA ALA A 451 -30.17 3.73 -10.85
C ALA A 451 -31.27 3.24 -9.93
N GLN A 452 -32.49 3.75 -10.09
CA GLN A 452 -33.58 3.31 -9.24
C GLN A 452 -34.10 1.93 -9.65
N GLU A 453 -34.24 1.69 -10.95
CA GLU A 453 -34.72 0.39 -11.41
C GLU A 453 -33.67 -0.69 -11.16
N THR A 454 -32.39 -0.34 -11.18
CA THR A 454 -31.34 -1.31 -10.88
C THR A 454 -31.41 -1.75 -9.42
N LEU A 455 -31.61 -0.80 -8.50
CA LEU A 455 -31.72 -1.14 -7.09
C LEU A 455 -32.99 -1.95 -6.82
N LYS A 456 -34.09 -1.62 -7.50
CA LYS A 456 -35.31 -2.40 -7.35
C LYS A 456 -35.13 -3.82 -7.89
N MET A 457 -34.31 -3.97 -8.94
CA MET A 457 -34.07 -5.28 -9.52
C MET A 457 -33.28 -6.17 -8.56
N GLY A 458 -32.34 -5.59 -7.82
CA GLY A 458 -31.51 -6.36 -6.92
C GLY A 458 -30.27 -6.89 -7.60
N GLU A 459 -29.23 -7.12 -6.80
CA GLU A 459 -27.96 -7.59 -7.33
C GLU A 459 -28.10 -8.98 -7.96
N LYS A 460 -28.88 -9.86 -7.32
CA LYS A 460 -28.99 -11.24 -7.78
C LYS A 460 -29.64 -11.30 -9.17
N LYS A 461 -30.81 -10.67 -9.31
CA LYS A 461 -31.47 -10.67 -10.61
C LYS A 461 -30.67 -9.90 -11.66
N PHE A 462 -29.96 -8.86 -11.24
CA PHE A 462 -29.19 -8.07 -12.20
C PHE A 462 -28.01 -8.88 -12.75
N ARG A 463 -27.28 -9.58 -11.87
CA ARG A 463 -26.18 -10.41 -12.33
C ARG A 463 -26.67 -11.61 -13.15
N THR A 464 -27.83 -12.15 -12.79
CA THR A 464 -28.39 -13.26 -13.57
C THR A 464 -28.64 -12.84 -15.01
N GLY A 465 -29.09 -11.61 -15.22
CA GLY A 465 -29.24 -11.11 -16.58
C GLY A 465 -27.93 -10.78 -17.24
N LEU A 466 -26.94 -10.31 -16.48
CA LEU A 466 -25.64 -9.97 -17.06
C LEU A 466 -24.86 -11.22 -17.41
N ASP A 467 -24.98 -12.28 -16.61
CA ASP A 467 -24.19 -13.50 -16.84
C ASP A 467 -24.56 -14.19 -18.14
N LYS A 468 -25.74 -13.91 -18.71
CA LYS A 468 -26.10 -14.45 -20.00
C LYS A 468 -25.33 -13.80 -21.15
N PHE A 469 -24.51 -12.80 -20.89
CA PHE A 469 -23.73 -12.14 -21.93
C PHE A 469 -22.35 -12.77 -22.06
N ILE A 470 -21.34 -11.96 -22.37
CA ILE A 470 -20.01 -12.46 -22.69
C ILE A 470 -18.98 -12.03 -21.64
N PHE A 471 -19.42 -11.71 -20.43
CA PHE A 471 -18.48 -11.34 -19.37
C PHE A 471 -17.61 -12.53 -19.00
N GLY A 472 -16.29 -12.33 -19.05
CA GLY A 472 -15.34 -13.38 -18.73
C GLY A 472 -14.95 -14.26 -19.89
N GLU A 473 -15.45 -13.99 -21.10
CA GLU A 473 -15.18 -14.81 -22.27
C GLU A 473 -14.03 -14.22 -23.08
N ASP A 474 -13.13 -15.08 -23.52
CA ASP A 474 -12.05 -14.69 -24.41
C ASP A 474 -12.51 -14.86 -25.85
N LEU A 475 -12.67 -13.75 -26.55
CA LEU A 475 -13.18 -13.80 -27.92
C LEU A 475 -12.14 -14.38 -28.87
N ASP A 476 -12.61 -15.04 -29.91
CA ASP A 476 -11.74 -15.68 -30.89
C ASP A 476 -11.36 -14.65 -31.97
N LEU A 477 -10.49 -13.73 -31.57
CA LEU A 477 -10.03 -12.67 -32.44
C LEU A 477 -8.52 -12.51 -32.33
N PRO A 478 -7.83 -12.25 -33.44
CA PRO A 478 -6.37 -12.10 -33.39
C PRO A 478 -5.95 -10.73 -32.86
N ILE A 479 -6.65 -10.23 -31.85
CA ILE A 479 -6.36 -8.95 -31.23
C ILE A 479 -6.12 -9.19 -29.75
N SER A 480 -4.95 -8.78 -29.26
CA SER A 480 -4.63 -8.93 -27.85
C SER A 480 -5.65 -8.18 -27.01
N MET A 481 -6.38 -8.92 -26.17
CA MET A 481 -7.52 -8.37 -25.45
C MET A 481 -7.66 -9.05 -24.11
N ASN A 482 -8.24 -8.33 -23.16
CA ASN A 482 -8.64 -8.92 -21.89
C ASN A 482 -10.16 -9.06 -21.85
N PRO A 483 -10.68 -10.10 -21.22
CA PRO A 483 -12.14 -10.30 -21.20
C PRO A 483 -12.85 -9.25 -20.39
N ALA A 484 -14.11 -9.00 -20.76
CA ALA A 484 -14.92 -8.02 -20.05
C ALA A 484 -15.33 -8.53 -18.68
N GLN A 485 -15.40 -7.60 -17.72
CA GLN A 485 -15.77 -7.94 -16.36
C GLN A 485 -16.97 -7.10 -15.92
N ILE A 486 -17.76 -7.67 -15.01
CA ILE A 486 -18.85 -6.92 -14.39
C ILE A 486 -18.32 -6.05 -13.25
N SER A 487 -17.42 -6.60 -12.45
CA SER A 487 -16.79 -5.88 -11.35
C SER A 487 -15.48 -6.58 -11.03
N ASN A 488 -14.82 -6.15 -9.96
CA ASN A 488 -13.59 -6.82 -9.55
C ASN A 488 -13.88 -8.19 -8.96
N GLU A 489 -14.79 -8.26 -7.99
CA GLU A 489 -15.18 -9.51 -7.37
C GLU A 489 -16.57 -9.92 -7.88
N ASP A 490 -17.01 -11.10 -7.45
CA ASP A 490 -18.29 -11.65 -7.89
C ASP A 490 -19.48 -11.06 -7.13
N SER A 491 -19.25 -10.18 -6.18
CA SER A 491 -20.32 -9.54 -5.43
C SER A 491 -20.03 -8.06 -5.31
N PHE A 492 -21.04 -7.22 -5.61
CA PHE A 492 -20.84 -5.78 -5.50
C PHE A 492 -20.57 -5.38 -4.05
N ASN A 493 -21.33 -5.92 -3.12
CA ASN A 493 -21.20 -5.61 -1.68
C ASN A 493 -21.32 -4.12 -1.41
N SER A 494 -22.08 -3.42 -2.25
CA SER A 494 -22.27 -1.98 -2.12
C SER A 494 -23.44 -1.53 -2.97
N ASP A 495 -24.51 -1.03 -2.33
CA ASP A 495 -25.65 -0.53 -3.08
C ASP A 495 -25.25 0.60 -4.02
N ILE A 496 -24.26 1.40 -3.63
CA ILE A 496 -23.78 2.48 -4.50
C ILE A 496 -23.19 1.90 -5.78
N LEU A 497 -22.33 0.89 -5.65
CA LEU A 497 -21.70 0.30 -6.82
C LEU A 497 -22.73 -0.38 -7.72
N LEU A 498 -23.74 -1.02 -7.13
CA LEU A 498 -24.79 -1.64 -7.93
C LEU A 498 -25.54 -0.60 -8.74
N ALA A 499 -25.86 0.55 -8.13
CA ALA A 499 -26.55 1.60 -8.86
C ALA A 499 -25.69 2.16 -9.99
N ASP A 500 -24.40 2.36 -9.73
CA ASP A 500 -23.50 2.85 -10.77
C ASP A 500 -23.42 1.86 -11.92
N THR A 501 -23.27 0.57 -11.61
CA THR A 501 -23.23 -0.45 -12.65
C THR A 501 -24.53 -0.49 -13.45
N GLY A 502 -25.63 -0.01 -12.87
CA GLY A 502 -26.89 0.02 -13.60
C GLY A 502 -26.79 0.84 -14.88
N TYR A 503 -26.28 2.07 -14.78
CA TYR A 503 -26.09 2.91 -15.95
C TYR A 503 -24.65 2.90 -16.44
N GLY A 504 -23.94 1.80 -16.20
CA GLY A 504 -22.72 1.50 -16.95
C GLY A 504 -21.48 2.26 -16.57
N GLN A 505 -21.25 2.49 -15.28
CA GLN A 505 -19.97 3.06 -14.85
C GLN A 505 -19.67 2.74 -13.39
N GLY A 506 -19.47 1.46 -13.10
CA GLY A 506 -18.96 1.05 -11.80
C GLY A 506 -17.55 0.51 -11.97
N GLU A 507 -17.38 -0.78 -11.70
CA GLU A 507 -16.14 -1.48 -12.04
C GLU A 507 -16.24 -2.21 -13.37
N LEU A 508 -17.20 -1.82 -14.21
CA LEU A 508 -17.36 -2.42 -15.53
C LEU A 508 -16.16 -2.11 -16.41
N LEU A 509 -15.69 -3.12 -17.13
CA LEU A 509 -14.60 -2.95 -18.09
C LEU A 509 -14.98 -3.73 -19.35
N ILE A 510 -15.33 -3.03 -20.41
CA ILE A 510 -15.74 -3.63 -21.68
C ILE A 510 -15.12 -2.83 -22.81
N ASN A 511 -14.28 -3.48 -23.63
CA ASN A 511 -13.67 -2.79 -24.75
C ASN A 511 -14.67 -2.64 -25.89
N PRO A 512 -14.46 -1.67 -26.78
CA PRO A 512 -15.46 -1.38 -27.82
C PRO A 512 -15.82 -2.58 -28.69
N ILE A 513 -14.91 -3.53 -28.89
CA ILE A 513 -15.25 -4.72 -29.66
C ILE A 513 -16.22 -5.60 -28.88
N GLN A 514 -15.97 -5.77 -27.58
CA GLN A 514 -16.92 -6.50 -26.74
C GLN A 514 -18.23 -5.75 -26.57
N GLN A 515 -18.19 -4.41 -26.63
CA GLN A 515 -19.42 -3.62 -26.57
C GLN A 515 -20.30 -3.88 -27.79
N ALA A 516 -19.70 -3.83 -28.98
CA ALA A 516 -20.46 -4.10 -30.20
C ALA A 516 -21.01 -5.53 -30.21
N ALA A 517 -20.34 -6.45 -29.53
CA ALA A 517 -20.86 -7.81 -29.43
C ALA A 517 -22.10 -7.85 -28.54
N MET A 518 -22.03 -7.23 -27.36
CA MET A 518 -23.17 -7.23 -26.45
C MET A 518 -24.35 -6.46 -27.02
N TYR A 519 -24.09 -5.37 -27.74
CA TYR A 519 -25.15 -4.55 -28.30
C TYR A 519 -25.77 -5.15 -29.55
N SER A 520 -25.17 -6.22 -30.11
CA SER A 520 -25.71 -6.84 -31.31
C SER A 520 -27.03 -7.55 -31.05
N VAL A 521 -27.40 -7.76 -29.79
CA VAL A 521 -28.65 -8.47 -29.48
C VAL A 521 -29.86 -7.69 -29.97
N PHE A 522 -29.75 -6.37 -30.05
CA PHE A 522 -30.84 -5.53 -30.52
C PHE A 522 -31.02 -5.60 -32.04
N ALA A 523 -30.15 -6.32 -32.75
CA ALA A 523 -30.29 -6.51 -34.18
C ALA A 523 -30.52 -7.98 -34.54
N ASN A 524 -30.70 -8.85 -33.56
CA ASN A 524 -30.94 -10.26 -33.82
C ASN A 524 -32.01 -10.84 -32.90
N ASN A 525 -32.88 -9.99 -32.34
CA ASN A 525 -33.98 -10.42 -31.48
C ASN A 525 -33.47 -11.23 -30.28
N GLY A 526 -32.54 -10.63 -29.54
CA GLY A 526 -32.03 -11.24 -28.33
C GLY A 526 -30.98 -12.31 -28.55
N THR A 527 -30.38 -12.37 -29.73
CA THR A 527 -29.31 -13.33 -30.03
C THR A 527 -28.01 -12.58 -30.20
N LEU A 528 -27.01 -12.91 -29.39
CA LEU A 528 -25.72 -12.26 -29.45
C LEU A 528 -24.90 -12.86 -30.59
N VAL A 529 -24.33 -12.00 -31.43
CA VAL A 529 -23.49 -12.42 -32.55
C VAL A 529 -22.06 -12.01 -32.25
N TYR A 530 -21.18 -13.00 -32.11
CA TYR A 530 -19.79 -12.71 -31.81
C TYR A 530 -19.13 -11.98 -32.98
N PRO A 531 -18.26 -11.01 -32.71
CA PRO A 531 -17.58 -10.30 -33.79
C PRO A 531 -16.59 -11.20 -34.51
N LYS A 532 -16.34 -10.87 -35.78
CA LYS A 532 -15.50 -11.67 -36.65
C LYS A 532 -14.58 -10.76 -37.44
N LEU A 533 -13.29 -11.06 -37.44
CA LEU A 533 -12.31 -10.26 -38.16
C LEU A 533 -11.77 -10.93 -39.41
N ILE A 534 -11.63 -12.24 -39.43
CA ILE A 534 -11.16 -12.97 -40.60
C ILE A 534 -12.36 -13.31 -41.48
N ALA A 535 -12.22 -13.08 -42.79
CA ALA A 535 -13.37 -13.16 -43.68
C ALA A 535 -13.89 -14.58 -43.84
N ASP A 536 -13.03 -15.59 -43.69
CA ASP A 536 -13.43 -16.95 -43.96
C ASP A 536 -14.06 -17.66 -42.77
N LYS A 537 -13.91 -17.12 -41.57
CA LYS A 537 -14.44 -17.80 -40.38
C LYS A 537 -15.96 -17.82 -40.40
N GLU A 538 -16.52 -18.73 -39.62
CA GLU A 538 -17.96 -18.91 -39.51
C GLU A 538 -18.55 -18.00 -38.43
N THR A 539 -19.83 -17.70 -38.59
CA THR A 539 -20.53 -16.81 -37.67
C THR A 539 -20.95 -17.59 -36.42
N LYS A 540 -20.41 -17.19 -35.27
CA LYS A 540 -20.78 -17.78 -33.99
C LYS A 540 -21.83 -16.91 -33.32
N ASP A 541 -22.77 -17.55 -32.63
CA ASP A 541 -23.89 -16.83 -32.03
C ASP A 541 -24.17 -17.38 -30.64
N LYS A 542 -24.95 -16.61 -29.88
CA LYS A 542 -25.35 -16.98 -28.53
C LYS A 542 -26.83 -16.62 -28.43
N LYS A 543 -27.70 -17.63 -28.53
CA LYS A 543 -29.13 -17.39 -28.63
C LYS A 543 -29.77 -17.22 -27.26
N ASN A 544 -30.87 -16.45 -27.24
CA ASN A 544 -31.67 -16.23 -26.04
C ASN A 544 -30.87 -15.52 -24.95
N VAL A 545 -30.11 -14.49 -25.35
CA VAL A 545 -29.43 -13.66 -24.36
C VAL A 545 -30.43 -12.79 -23.62
N ILE A 546 -31.25 -12.04 -24.35
CA ILE A 546 -32.35 -11.29 -23.79
C ILE A 546 -33.62 -11.65 -24.54
N GLY A 547 -34.76 -11.30 -23.96
CA GLY A 547 -36.03 -11.68 -24.54
C GLY A 547 -36.35 -10.84 -25.77
N GLU A 548 -36.99 -11.48 -26.75
CA GLU A 548 -37.43 -10.77 -27.95
C GLU A 548 -38.46 -9.70 -27.61
N THR A 549 -39.21 -9.89 -26.52
CA THR A 549 -40.13 -8.86 -26.06
C THR A 549 -39.38 -7.60 -25.65
N ALA A 550 -38.23 -7.76 -25.00
CA ALA A 550 -37.44 -6.60 -24.58
C ALA A 550 -36.86 -5.86 -25.78
N VAL A 551 -36.45 -6.59 -26.82
CA VAL A 551 -35.90 -5.95 -28.01
C VAL A 551 -36.97 -5.13 -28.73
N GLN A 552 -38.14 -5.73 -28.95
CA GLN A 552 -39.24 -5.03 -29.60
C GLN A 552 -39.80 -3.90 -28.77
N THR A 553 -39.43 -3.80 -27.50
CA THR A 553 -39.83 -2.69 -26.65
C THR A 553 -38.79 -1.56 -26.64
N ILE A 554 -37.51 -1.92 -26.68
CA ILE A 554 -36.44 -0.94 -26.53
C ILE A 554 -36.07 -0.30 -27.88
N VAL A 555 -36.02 -1.10 -28.94
CA VAL A 555 -35.64 -0.56 -30.25
C VAL A 555 -36.55 0.58 -30.69
N PRO A 556 -37.89 0.48 -30.57
CA PRO A 556 -38.72 1.65 -30.89
C PRO A 556 -38.38 2.86 -30.02
N ASP A 557 -38.04 2.64 -28.75
CA ASP A 557 -37.58 3.74 -27.92
C ASP A 557 -36.24 4.29 -28.39
N LEU A 558 -35.36 3.40 -28.87
CA LEU A 558 -34.07 3.86 -29.41
C LEU A 558 -34.25 4.66 -30.68
N ARG A 559 -35.32 4.41 -31.44
CA ARG A 559 -35.65 5.27 -32.56
C ARG A 559 -35.96 6.68 -32.09
N GLU A 560 -36.74 6.80 -31.01
CA GLU A 560 -37.09 8.11 -30.47
C GLU A 560 -35.89 8.87 -29.93
N VAL A 561 -34.81 8.17 -29.58
CA VAL A 561 -33.58 8.86 -29.19
C VAL A 561 -33.09 9.75 -30.32
N VAL A 562 -33.40 9.40 -31.56
CA VAL A 562 -33.02 10.19 -32.72
C VAL A 562 -34.16 11.09 -33.20
N GLN A 563 -35.40 10.59 -33.13
CA GLN A 563 -36.53 11.29 -33.72
C GLN A 563 -37.15 12.32 -32.80
N ASP A 564 -37.24 12.04 -31.50
CA ASP A 564 -37.79 13.02 -30.56
C ASP A 564 -36.91 14.25 -30.53
N VAL A 565 -37.55 15.42 -30.47
CA VAL A 565 -36.81 16.67 -30.55
C VAL A 565 -35.94 16.90 -29.33
N ASN A 566 -36.27 16.26 -28.20
CA ASN A 566 -35.43 16.32 -27.00
C ASN A 566 -34.57 15.08 -26.85
N GLY A 567 -34.47 14.25 -27.89
CA GLY A 567 -33.58 13.12 -27.83
C GLY A 567 -32.12 13.54 -27.85
N THR A 568 -31.30 12.74 -27.16
CA THR A 568 -29.87 13.07 -27.04
C THR A 568 -29.14 12.93 -28.37
N ALA A 569 -29.68 12.16 -29.31
CA ALA A 569 -29.08 11.99 -30.63
C ALA A 569 -29.94 12.60 -31.73
N HIS A 570 -30.77 13.60 -31.38
CA HIS A 570 -31.66 14.21 -32.35
C HIS A 570 -30.90 14.86 -33.51
N SER A 571 -29.64 15.22 -33.30
CA SER A 571 -28.83 15.79 -34.38
C SER A 571 -28.62 14.79 -35.52
N LEU A 572 -28.81 13.49 -35.27
CA LEU A 572 -28.68 12.49 -36.30
C LEU A 572 -29.92 12.35 -37.17
N SER A 573 -31.05 12.93 -36.76
CA SER A 573 -32.22 12.97 -37.63
C SER A 573 -31.99 13.82 -38.87
N ALA A 574 -30.94 14.64 -38.87
CA ALA A 574 -30.55 15.39 -40.06
C ALA A 574 -30.25 14.46 -41.23
N LEU A 575 -29.82 13.23 -40.93
CA LEU A 575 -29.51 12.27 -41.99
C LEU A 575 -30.76 11.91 -42.78
N GLY A 576 -31.88 11.74 -42.11
CA GLY A 576 -33.08 11.28 -42.79
C GLY A 576 -33.06 9.80 -43.10
N ILE A 577 -32.34 9.02 -42.30
CA ILE A 577 -32.24 7.58 -42.51
C ILE A 577 -32.81 6.90 -41.26
N PRO A 578 -33.26 5.65 -41.39
CA PRO A 578 -33.74 4.91 -40.21
C PRO A 578 -32.59 4.65 -39.25
N LEU A 579 -32.73 5.16 -38.03
CA LEU A 579 -31.67 5.10 -37.04
C LEU A 579 -32.27 4.81 -35.67
N ALA A 580 -31.82 3.73 -35.05
CA ALA A 580 -32.05 3.46 -33.63
C ALA A 580 -30.71 3.64 -32.92
N ALA A 581 -30.63 4.65 -32.04
CA ALA A 581 -29.36 5.03 -31.45
C ALA A 581 -29.50 5.22 -29.94
N LYS A 582 -28.35 5.30 -29.28
CA LYS A 582 -28.28 5.59 -27.85
C LYS A 582 -26.95 6.25 -27.55
N THR A 583 -26.99 7.32 -26.76
CA THR A 583 -25.78 8.01 -26.33
C THR A 583 -25.45 7.63 -24.89
N GLY A 584 -24.39 8.21 -24.37
CA GLY A 584 -23.97 7.92 -23.01
C GLY A 584 -22.75 8.71 -22.65
N THR A 585 -22.58 8.91 -21.34
CA THR A 585 -21.41 9.59 -20.78
C THR A 585 -20.87 8.75 -19.63
N ALA A 586 -19.63 9.04 -19.26
CA ALA A 586 -18.97 8.34 -18.17
C ALA A 586 -17.99 9.28 -17.49
N GLU A 587 -18.16 9.49 -16.19
CA GLU A 587 -17.27 10.35 -15.42
C GLU A 587 -16.15 9.50 -14.85
N ILE A 588 -14.91 9.89 -15.14
CA ILE A 588 -13.73 9.18 -14.68
C ILE A 588 -12.91 10.13 -13.81
N LYS A 589 -12.60 9.70 -12.59
CA LYS A 589 -11.85 10.54 -11.65
C LYS A 589 -11.24 9.61 -10.59
N GLU A 590 -10.02 9.18 -10.84
CA GLU A 590 -9.27 8.39 -9.88
C GLU A 590 -8.49 9.32 -8.95
N LYS A 591 -7.53 8.77 -8.21
CA LYS A 591 -6.70 9.61 -7.35
C LYS A 591 -5.67 10.40 -8.17
N GLN A 592 -5.22 9.85 -9.29
CA GLN A 592 -4.22 10.50 -10.12
C GLN A 592 -4.81 11.61 -10.99
N ASP A 593 -6.14 11.66 -11.15
CA ASP A 593 -6.76 12.64 -12.03
C ASP A 593 -6.91 13.98 -11.33
N VAL A 594 -6.66 15.05 -12.07
CA VAL A 594 -6.77 16.41 -11.54
C VAL A 594 -8.22 16.71 -11.22
N LYS A 595 -9.00 17.03 -12.24
CA LYS A 595 -10.45 17.18 -12.13
C LYS A 595 -11.12 16.00 -12.82
N GLY A 596 -12.44 16.12 -13.02
CA GLY A 596 -13.19 15.04 -13.63
C GLY A 596 -12.97 14.99 -15.14
N LYS A 597 -12.76 13.78 -15.64
CA LYS A 597 -12.62 13.52 -17.07
C LYS A 597 -13.87 12.78 -17.54
N GLU A 598 -14.41 13.19 -18.69
CA GLU A 598 -15.65 12.65 -19.21
C GLU A 598 -15.41 11.95 -20.54
N ASN A 599 -16.08 10.83 -20.74
CA ASN A 599 -16.04 10.07 -21.98
C ASN A 599 -17.41 10.10 -22.63
N SER A 600 -17.45 10.36 -23.93
CA SER A 600 -18.70 10.46 -24.69
C SER A 600 -18.84 9.22 -25.56
N PHE A 601 -20.05 8.64 -25.55
CA PHE A 601 -20.34 7.42 -26.28
C PHE A 601 -21.47 7.63 -27.25
N LEU A 602 -21.50 6.81 -28.30
CA LEU A 602 -22.63 6.76 -29.22
C LEU A 602 -22.76 5.34 -29.75
N PHE A 603 -23.96 4.79 -29.67
CA PHE A 603 -24.30 3.50 -30.25
C PHE A 603 -25.43 3.72 -31.23
N ALA A 604 -25.29 3.17 -32.44
CA ALA A 604 -26.29 3.36 -33.47
C ALA A 604 -26.27 2.18 -34.43
N PHE A 605 -27.44 1.87 -34.98
CA PHE A 605 -27.58 0.80 -35.95
C PHE A 605 -28.89 1.00 -36.69
N ASN A 606 -28.98 0.38 -37.87
CA ASN A 606 -30.18 0.49 -38.70
C ASN A 606 -31.23 -0.48 -38.17
N PRO A 607 -32.34 0.03 -37.62
CA PRO A 607 -33.36 -0.85 -37.05
C PRO A 607 -34.26 -1.51 -38.09
N ASP A 608 -34.18 -1.09 -39.35
CA ASP A 608 -35.03 -1.65 -40.40
C ASP A 608 -34.42 -2.91 -41.02
N ASN A 609 -33.16 -2.84 -41.44
CA ASN A 609 -32.50 -3.95 -42.12
C ASN A 609 -31.45 -4.65 -41.28
N GLN A 610 -31.05 -4.06 -40.15
CA GLN A 610 -29.96 -4.59 -39.32
C GLN A 610 -28.68 -4.77 -40.12
N GLY A 611 -28.44 -3.89 -41.08
CA GLY A 611 -27.31 -4.04 -41.97
C GLY A 611 -25.98 -3.63 -41.37
N TYR A 612 -25.99 -2.67 -40.45
CA TYR A 612 -24.77 -2.18 -39.83
C TYR A 612 -25.03 -1.83 -38.38
N MET A 613 -23.95 -1.76 -37.61
CA MET A 613 -23.99 -1.35 -36.21
C MET A 613 -22.70 -0.61 -35.90
N MET A 614 -22.80 0.41 -35.04
CA MET A 614 -21.68 1.29 -34.78
C MET A 614 -21.63 1.66 -33.30
N VAL A 615 -20.45 1.58 -32.70
CA VAL A 615 -20.19 2.09 -31.37
C VAL A 615 -18.96 2.99 -31.45
N SER A 616 -19.09 4.21 -30.92
CA SER A 616 -18.03 5.21 -30.99
C SER A 616 -17.83 5.85 -29.63
N MET A 617 -16.57 6.10 -29.27
CA MET A 617 -16.23 6.67 -27.98
C MET A 617 -15.27 7.84 -28.17
N LEU A 618 -15.37 8.82 -27.27
CA LEU A 618 -14.46 9.96 -27.21
C LEU A 618 -13.89 10.01 -25.81
N GLU A 619 -12.67 9.49 -25.66
CA GLU A 619 -12.02 9.43 -24.37
C GLU A 619 -11.55 10.83 -23.96
N ASN A 620 -11.85 11.21 -22.72
CA ASN A 620 -11.45 12.50 -22.15
C ASN A 620 -11.85 13.64 -23.08
N LYS A 621 -13.16 13.77 -23.28
CA LYS A 621 -13.69 14.68 -24.29
C LYS A 621 -13.38 16.13 -23.94
N GLU A 622 -13.09 16.92 -24.98
CA GLU A 622 -13.08 18.37 -24.82
C GLU A 622 -14.51 18.86 -24.62
N ASP A 623 -14.62 20.07 -24.07
CA ASP A 623 -15.94 20.66 -23.85
C ASP A 623 -16.64 20.90 -25.19
N ASP A 624 -17.95 20.70 -25.19
CA ASP A 624 -18.79 20.89 -26.38
C ASP A 624 -18.45 19.90 -27.50
N ASP A 625 -17.86 18.76 -27.15
CA ASP A 625 -17.53 17.72 -28.11
C ASP A 625 -18.23 16.43 -27.72
N SER A 626 -18.58 15.61 -28.71
CA SER A 626 -19.30 14.38 -28.43
C SER A 626 -19.12 13.40 -29.59
N ALA A 627 -19.37 12.12 -29.31
CA ALA A 627 -19.28 11.10 -30.34
C ALA A 627 -20.38 11.25 -31.38
N THR A 628 -21.55 11.74 -30.97
CA THR A 628 -22.64 11.93 -31.91
C THR A 628 -22.33 13.04 -32.91
N LYS A 629 -21.55 14.04 -32.50
CA LYS A 629 -21.24 15.15 -33.38
C LYS A 629 -20.42 14.71 -34.59
N ARG A 630 -19.64 13.63 -34.47
CA ARG A 630 -18.69 13.23 -35.50
C ARG A 630 -19.12 11.98 -36.25
N ALA A 631 -20.33 11.46 -36.00
CA ALA A 631 -20.77 10.21 -36.60
C ALA A 631 -21.67 10.40 -37.80
N SER A 632 -21.82 11.63 -38.31
CA SER A 632 -22.73 11.86 -39.42
C SER A 632 -22.24 11.17 -40.69
N GLU A 633 -20.92 11.20 -40.94
CA GLU A 633 -20.40 10.69 -42.20
C GLU A 633 -20.32 9.16 -42.21
N LEU A 634 -19.87 8.55 -41.11
CA LEU A 634 -19.74 7.10 -41.08
C LEU A 634 -21.12 6.43 -41.16
N LEU A 635 -22.13 7.04 -40.55
CA LEU A 635 -23.47 6.47 -40.61
C LEU A 635 -24.04 6.52 -42.02
N GLN A 636 -23.72 7.58 -42.77
CA GLN A 636 -24.15 7.66 -44.17
C GLN A 636 -23.53 6.54 -44.99
N TYR A 637 -22.23 6.31 -44.82
CA TYR A 637 -21.55 5.28 -45.61
C TYR A 637 -22.08 3.89 -45.29
N LEU A 638 -22.23 3.58 -44.00
CA LEU A 638 -22.74 2.27 -43.61
C LEU A 638 -24.19 2.08 -44.03
N ASN A 639 -24.99 3.14 -43.99
CA ASN A 639 -26.38 3.04 -44.41
C ASN A 639 -26.51 2.84 -45.92
N GLN A 640 -25.58 3.41 -46.70
CA GLN A 640 -25.63 3.28 -48.14
C GLN A 640 -25.10 1.92 -48.61
N ASN A 641 -24.00 1.46 -48.03
CA ASN A 641 -23.26 0.31 -48.54
C ASN A 641 -23.53 -0.98 -47.79
N TYR A 642 -24.34 -0.96 -46.72
CA TYR A 642 -24.57 -2.17 -45.90
C TYR A 642 -26.04 -2.20 -45.47
N GLN A 643 -26.90 -2.66 -46.37
CA GLN A 643 -28.32 -2.83 -46.07
C GLN A 643 -28.62 -4.28 -45.71
N THR B 4 -40.57 -47.28 -43.95
CA THR B 4 -39.45 -46.44 -43.54
C THR B 4 -39.94 -45.05 -43.15
N GLN B 5 -40.85 -44.49 -43.95
CA GLN B 5 -41.42 -43.19 -43.63
C GLN B 5 -42.22 -43.25 -42.34
N ALA B 6 -43.03 -44.30 -42.17
CA ALA B 6 -43.77 -44.48 -40.93
C ALA B 6 -42.87 -44.94 -39.79
N VAL B 7 -41.74 -45.58 -40.11
CA VAL B 7 -40.81 -46.00 -39.06
C VAL B 7 -40.05 -44.80 -38.51
N GLU B 8 -39.69 -43.85 -39.38
CA GLU B 8 -39.02 -42.64 -38.92
C GLU B 8 -39.94 -41.79 -38.05
N ALA B 9 -41.25 -41.81 -38.34
CA ALA B 9 -42.19 -41.11 -37.49
C ALA B 9 -42.36 -41.80 -36.14
N GLY B 10 -42.23 -43.13 -36.10
CA GLY B 10 -42.35 -43.84 -34.84
C GLY B 10 -41.25 -43.49 -33.85
N GLU B 11 -40.00 -43.49 -34.31
CA GLU B 11 -38.90 -43.10 -33.43
C GLU B 11 -39.07 -41.65 -32.96
N LYS B 12 -39.57 -40.78 -33.83
CA LYS B 12 -39.79 -39.39 -33.45
C LYS B 12 -40.77 -39.28 -32.28
N THR B 13 -41.82 -40.11 -32.30
CA THR B 13 -42.77 -40.12 -31.18
C THR B 13 -42.09 -40.56 -29.89
N VAL B 14 -41.31 -41.65 -29.95
CA VAL B 14 -40.60 -42.13 -28.78
C VAL B 14 -39.64 -41.07 -28.25
N GLU B 15 -38.91 -40.40 -29.15
CA GLU B 15 -37.98 -39.35 -28.73
C GLU B 15 -38.72 -38.20 -28.08
N GLN B 16 -39.82 -37.75 -28.69
CA GLN B 16 -40.61 -36.69 -28.09
C GLN B 16 -41.23 -37.14 -26.78
N PHE B 17 -41.57 -38.43 -26.66
CA PHE B 17 -42.15 -38.94 -25.43
C PHE B 17 -41.13 -38.91 -24.30
N VAL B 18 -39.92 -39.41 -24.55
CA VAL B 18 -38.89 -39.40 -23.53
C VAL B 18 -38.49 -37.97 -23.17
N GLN B 19 -38.41 -37.10 -24.18
CA GLN B 19 -38.09 -35.69 -23.93
C GLN B 19 -39.12 -35.05 -23.01
N ALA B 20 -40.41 -35.31 -23.25
CA ALA B 20 -41.44 -34.78 -22.38
C ALA B 20 -41.30 -35.33 -20.96
N LEU B 21 -40.90 -36.60 -20.83
CA LEU B 21 -40.63 -37.15 -19.51
C LEU B 21 -39.39 -36.52 -18.89
N ASN B 22 -38.37 -36.27 -19.70
CA ASN B 22 -37.12 -35.70 -19.18
C ASN B 22 -37.32 -34.28 -18.68
N LYS B 23 -38.18 -33.50 -19.33
CA LYS B 23 -38.44 -32.14 -18.92
C LYS B 23 -39.53 -32.05 -17.85
N GLY B 24 -40.03 -33.18 -17.35
CA GLY B 24 -41.04 -33.20 -16.32
C GLY B 24 -42.45 -32.90 -16.79
N ASP B 25 -42.65 -32.64 -18.08
CA ASP B 25 -43.98 -32.35 -18.62
C ASP B 25 -44.71 -33.67 -18.85
N TYR B 26 -45.31 -34.19 -17.78
CA TYR B 26 -45.97 -35.49 -17.85
C TYR B 26 -47.26 -35.42 -18.65
N ASN B 27 -47.98 -34.30 -18.59
CA ASN B 27 -49.18 -34.15 -19.41
C ASN B 27 -48.85 -34.19 -20.89
N LYS B 28 -47.76 -33.53 -21.29
CA LYS B 28 -47.33 -33.56 -22.68
C LYS B 28 -46.98 -34.98 -23.12
N ALA B 29 -46.32 -35.74 -22.24
CA ALA B 29 -46.02 -37.14 -22.56
C ALA B 29 -47.27 -37.99 -22.55
N ALA B 30 -48.22 -37.70 -21.67
CA ALA B 30 -49.45 -38.50 -21.59
C ALA B 30 -50.35 -38.27 -22.80
N GLU B 31 -50.25 -37.12 -23.44
CA GLU B 31 -51.05 -36.84 -24.62
C GLU B 31 -50.49 -37.49 -25.88
N MET B 32 -49.33 -38.12 -25.78
CA MET B 32 -48.75 -38.86 -26.90
C MET B 32 -49.11 -40.34 -26.86
N THR B 33 -49.96 -40.75 -25.93
CA THR B 33 -50.34 -42.16 -25.78
C THR B 33 -51.64 -42.43 -26.53
N SER B 34 -51.81 -43.68 -26.94
CA SER B 34 -53.00 -44.09 -27.68
C SER B 34 -54.21 -44.14 -26.75
N LYS B 35 -55.36 -44.48 -27.32
CA LYS B 35 -56.58 -44.59 -26.55
C LYS B 35 -56.50 -45.76 -25.56
N LYS B 36 -57.31 -45.68 -24.51
CA LYS B 36 -57.35 -46.72 -23.49
C LYS B 36 -58.12 -47.93 -24.04
N ALA B 37 -57.48 -49.08 -24.05
CA ALA B 37 -58.11 -50.30 -24.58
C ALA B 37 -57.38 -51.50 -24.00
N ALA B 38 -57.56 -52.66 -24.62
CA ALA B 38 -56.95 -53.88 -24.10
C ALA B 38 -55.52 -54.05 -24.60
N ASN B 39 -55.31 -53.96 -25.91
CA ASN B 39 -53.98 -54.10 -26.49
C ASN B 39 -53.28 -52.77 -26.73
N LYS B 40 -53.99 -51.65 -26.62
CA LYS B 40 -53.38 -50.35 -26.83
C LYS B 40 -52.88 -49.77 -25.51
N SER B 41 -53.29 -48.55 -25.18
CA SER B 41 -52.82 -47.94 -23.94
C SER B 41 -53.56 -48.55 -22.75
N ALA B 42 -52.87 -48.62 -21.62
CA ALA B 42 -53.41 -49.29 -20.45
C ALA B 42 -54.17 -48.36 -19.52
N LEU B 43 -53.93 -47.05 -19.59
CA LEU B 43 -54.58 -46.09 -18.71
C LEU B 43 -54.98 -44.86 -19.53
N SER B 44 -55.81 -44.02 -18.93
CA SER B 44 -56.21 -42.79 -19.57
C SER B 44 -55.09 -41.74 -19.47
N GLU B 45 -55.29 -40.61 -20.15
CA GLU B 45 -54.27 -39.57 -20.14
C GLU B 45 -54.08 -38.99 -18.74
N LYS B 46 -55.18 -38.69 -18.05
CA LYS B 46 -55.09 -38.18 -16.70
C LYS B 46 -54.49 -39.21 -15.75
N GLU B 47 -54.82 -40.49 -15.95
CA GLU B 47 -54.27 -41.53 -15.09
C GLU B 47 -52.78 -41.70 -15.32
N ILE B 48 -52.33 -41.60 -16.58
CA ILE B 48 -50.91 -41.67 -16.86
C ILE B 48 -50.18 -40.48 -16.27
N LEU B 49 -50.80 -39.29 -16.34
CA LEU B 49 -50.22 -38.10 -15.73
C LEU B 49 -49.99 -38.31 -14.24
N ASP B 50 -51.02 -38.78 -13.52
CA ASP B 50 -50.90 -38.98 -12.09
C ASP B 50 -49.89 -40.07 -11.76
N LYS B 51 -49.81 -41.11 -12.59
CA LYS B 51 -48.89 -42.21 -12.33
C LYS B 51 -47.44 -41.75 -12.38
N TYR B 52 -47.08 -40.97 -13.42
CA TYR B 52 -45.73 -40.45 -13.53
C TYR B 52 -45.44 -39.43 -12.43
N GLN B 53 -46.36 -38.48 -12.22
CA GLN B 53 -46.15 -37.44 -11.22
C GLN B 53 -45.93 -38.04 -9.84
N ASN B 54 -46.67 -39.09 -9.50
CA ASN B 54 -46.54 -39.70 -8.18
C ASN B 54 -45.24 -40.49 -8.06
N ILE B 55 -44.96 -41.36 -9.03
CA ILE B 55 -43.82 -42.26 -8.92
C ILE B 55 -42.53 -41.50 -9.15
N TYR B 56 -42.41 -40.82 -10.30
CA TYR B 56 -41.18 -40.10 -10.61
C TYR B 56 -40.92 -38.96 -9.62
N GLY B 57 -41.98 -38.45 -8.99
CA GLY B 57 -41.78 -37.40 -7.99
C GLY B 57 -41.38 -37.93 -6.64
N ALA B 58 -41.79 -39.16 -6.30
CA ALA B 58 -41.39 -39.74 -5.03
C ALA B 58 -39.92 -40.12 -5.04
N ALA B 59 -39.41 -40.59 -6.18
CA ALA B 59 -38.01 -40.97 -6.31
C ALA B 59 -37.12 -39.81 -6.76
N ASP B 60 -37.70 -38.62 -6.97
CA ASP B 60 -36.96 -37.46 -7.47
C ASP B 60 -36.25 -37.79 -8.77
N VAL B 61 -36.96 -38.45 -9.69
CA VAL B 61 -36.39 -38.82 -10.97
C VAL B 61 -36.09 -37.56 -11.77
N LYS B 62 -34.89 -37.50 -12.35
CA LYS B 62 -34.46 -36.33 -13.09
C LYS B 62 -33.37 -36.72 -14.06
N GLY B 63 -33.45 -36.23 -15.29
CA GLY B 63 -32.43 -36.47 -16.29
C GLY B 63 -32.60 -37.79 -17.03
N LEU B 64 -33.80 -38.04 -17.55
CA LEU B 64 -34.05 -39.26 -18.31
C LEU B 64 -33.50 -39.09 -19.72
N GLN B 65 -32.49 -39.90 -20.05
CA GLN B 65 -31.92 -39.92 -21.39
C GLN B 65 -31.79 -41.35 -21.86
N ILE B 66 -31.97 -41.56 -23.17
CA ILE B 66 -32.04 -42.90 -23.75
C ILE B 66 -30.90 -43.12 -24.73
N SER B 67 -30.82 -44.34 -25.25
CA SER B 67 -29.81 -44.73 -26.23
C SER B 67 -30.22 -46.07 -26.82
N ASN B 68 -29.58 -46.43 -27.94
CA ASN B 68 -29.80 -47.71 -28.60
C ASN B 68 -31.26 -47.90 -28.99
N LEU B 69 -31.87 -46.84 -29.53
CA LEU B 69 -33.27 -46.89 -29.92
C LEU B 69 -33.43 -47.70 -31.20
N LYS B 70 -34.33 -48.68 -31.17
CA LYS B 70 -34.58 -49.56 -32.32
C LYS B 70 -36.09 -49.70 -32.50
N VAL B 71 -36.62 -49.20 -33.61
CA VAL B 71 -38.04 -49.28 -33.93
C VAL B 71 -38.18 -50.11 -35.20
N ASP B 72 -38.97 -51.18 -35.13
CA ASP B 72 -39.24 -52.00 -36.30
C ASP B 72 -40.75 -52.05 -36.59
N LYS B 73 -41.24 -53.21 -37.03
CA LYS B 73 -42.64 -53.35 -37.39
C LYS B 73 -43.14 -54.72 -36.96
N LYS B 74 -44.31 -54.75 -36.34
CA LYS B 74 -44.95 -55.99 -35.90
C LYS B 74 -46.17 -56.38 -36.74
N ASP B 75 -47.05 -55.42 -37.03
CA ASP B 75 -48.19 -55.66 -37.89
C ASP B 75 -48.32 -54.48 -38.84
N ASP B 76 -49.45 -54.41 -39.55
CA ASP B 76 -49.69 -53.29 -40.46
C ASP B 76 -49.92 -51.98 -39.72
N SER B 77 -50.31 -52.05 -38.45
CA SER B 77 -50.52 -50.88 -37.62
C SER B 77 -49.68 -50.88 -36.35
N THR B 78 -49.04 -52.00 -36.01
CA THR B 78 -48.28 -52.14 -34.78
C THR B 78 -46.78 -52.02 -35.08
N TYR B 79 -46.11 -51.09 -34.41
CA TYR B 79 -44.68 -50.90 -34.53
C TYR B 79 -44.06 -51.01 -33.14
N SER B 80 -43.19 -52.00 -32.96
CA SER B 80 -42.53 -52.23 -31.68
C SER B 80 -41.26 -51.39 -31.56
N PHE B 81 -40.98 -50.94 -30.34
CA PHE B 81 -39.79 -50.15 -30.06
C PHE B 81 -39.11 -50.68 -28.80
N SER B 82 -37.81 -50.36 -28.68
CA SER B 82 -37.02 -50.77 -27.53
C SER B 82 -35.81 -49.86 -27.44
N TYR B 83 -35.39 -49.55 -26.21
CA TYR B 83 -34.23 -48.69 -26.02
C TYR B 83 -33.66 -48.91 -24.63
N LYS B 84 -32.36 -48.63 -24.49
CA LYS B 84 -31.72 -48.53 -23.19
C LYS B 84 -31.84 -47.10 -22.69
N ALA B 85 -31.89 -46.95 -21.36
CA ALA B 85 -32.08 -45.63 -20.77
C ALA B 85 -31.41 -45.58 -19.42
N LYS B 86 -31.17 -44.36 -18.95
CA LYS B 86 -30.62 -44.15 -17.61
C LYS B 86 -31.20 -42.86 -17.04
N MET B 87 -31.34 -42.83 -15.72
CA MET B 87 -31.96 -41.71 -15.03
C MET B 87 -31.27 -41.51 -13.69
N ASN B 88 -31.47 -40.33 -13.12
CA ASN B 88 -30.92 -39.96 -11.82
C ASN B 88 -32.06 -39.85 -10.81
N THR B 89 -31.91 -40.53 -9.68
CA THR B 89 -32.90 -40.53 -8.61
C THR B 89 -32.27 -39.98 -7.32
N SER B 90 -33.06 -39.98 -6.25
CA SER B 90 -32.57 -39.53 -4.96
C SER B 90 -31.54 -40.47 -4.35
N LEU B 91 -31.42 -41.71 -4.87
CA LEU B 91 -30.44 -42.66 -4.37
C LEU B 91 -29.21 -42.77 -5.24
N GLY B 92 -29.31 -42.41 -6.52
CA GLY B 92 -28.17 -42.52 -7.41
C GLY B 92 -28.64 -42.54 -8.85
N GLU B 93 -27.78 -43.10 -9.70
CA GLU B 93 -28.03 -43.18 -11.14
C GLU B 93 -28.51 -44.58 -11.49
N LEU B 94 -29.73 -44.68 -12.00
CA LEU B 94 -30.25 -45.93 -12.55
C LEU B 94 -29.71 -46.10 -13.96
N LYS B 95 -28.86 -47.10 -14.17
CA LYS B 95 -28.31 -47.39 -15.48
C LYS B 95 -28.77 -48.76 -15.96
N ASP B 96 -28.58 -49.00 -17.25
CA ASP B 96 -28.94 -50.26 -17.90
C ASP B 96 -30.41 -50.61 -17.68
N LEU B 97 -31.27 -49.71 -18.14
CA LEU B 97 -32.72 -49.90 -18.06
C LEU B 97 -33.24 -50.30 -19.44
N SER B 98 -33.72 -51.53 -19.55
CA SER B 98 -34.21 -52.07 -20.83
C SER B 98 -35.70 -51.79 -20.93
N TYR B 99 -36.08 -50.81 -21.74
CA TYR B 99 -37.47 -50.46 -21.98
C TYR B 99 -37.97 -51.10 -23.26
N LYS B 100 -39.27 -51.37 -23.30
CA LYS B 100 -39.90 -51.97 -24.46
C LYS B 100 -41.34 -51.51 -24.53
N GLY B 101 -41.90 -51.53 -25.73
CA GLY B 101 -43.28 -51.14 -25.92
C GLY B 101 -43.69 -51.30 -27.37
N THR B 102 -44.88 -50.77 -27.67
CA THR B 102 -45.42 -50.82 -29.02
C THR B 102 -46.01 -49.47 -29.37
N LEU B 103 -46.28 -49.26 -30.65
CA LEU B 103 -46.87 -48.03 -31.15
C LEU B 103 -48.10 -48.37 -31.98
N ASP B 104 -48.85 -47.33 -32.33
CA ASP B 104 -50.10 -47.49 -33.08
C ASP B 104 -50.25 -46.31 -34.03
N ARG B 105 -50.31 -46.59 -35.32
CA ARG B 105 -50.52 -45.58 -36.35
C ARG B 105 -51.93 -45.72 -36.92
N ASN B 106 -52.92 -45.37 -36.09
CA ASN B 106 -54.31 -45.54 -36.48
C ASN B 106 -54.70 -44.55 -37.57
N ASP B 107 -54.32 -43.28 -37.39
CA ASP B 107 -54.61 -42.26 -38.40
C ASP B 107 -53.31 -41.75 -38.99
N GLY B 108 -53.21 -40.43 -39.18
CA GLY B 108 -51.99 -39.82 -39.68
C GLY B 108 -51.01 -39.50 -38.57
N GLN B 109 -51.19 -40.11 -37.40
CA GLN B 109 -50.41 -39.81 -36.21
C GLN B 109 -50.04 -41.11 -35.52
N THR B 110 -48.76 -41.27 -35.22
CA THR B 110 -48.27 -42.40 -34.44
C THR B 110 -48.30 -42.05 -32.96
N THR B 111 -48.87 -42.94 -32.16
CA THR B 111 -48.98 -42.75 -30.72
C THR B 111 -48.40 -43.97 -30.00
N ILE B 112 -48.07 -43.77 -28.74
CA ILE B 112 -47.45 -44.82 -27.93
C ILE B 112 -48.54 -45.65 -27.25
N ASN B 113 -48.49 -46.96 -27.46
CA ASN B 113 -49.33 -47.87 -26.69
C ASN B 113 -48.81 -47.95 -25.27
N TRP B 114 -49.24 -47.03 -24.42
CA TRP B 114 -48.65 -46.88 -23.10
C TRP B 114 -48.97 -48.09 -22.21
N GLN B 115 -47.96 -48.54 -21.49
CA GLN B 115 -48.07 -49.64 -20.53
C GLN B 115 -47.31 -49.25 -19.29
N PRO B 116 -47.66 -49.84 -18.12
CA PRO B 116 -46.96 -49.49 -16.89
C PRO B 116 -45.48 -49.84 -16.88
N ASN B 117 -44.99 -50.61 -17.86
CA ASN B 117 -43.57 -50.89 -17.96
C ASN B 117 -42.78 -49.72 -18.55
N LEU B 118 -43.47 -48.68 -19.01
CA LEU B 118 -42.80 -47.47 -19.49
C LEU B 118 -42.45 -46.52 -18.37
N VAL B 119 -42.84 -46.82 -17.13
CA VAL B 119 -42.40 -46.06 -15.96
C VAL B 119 -41.07 -46.64 -15.50
N PHE B 120 -41.10 -47.90 -15.06
CA PHE B 120 -39.92 -48.68 -14.73
C PHE B 120 -39.99 -50.00 -15.48
N PRO B 121 -38.83 -50.54 -15.90
CA PRO B 121 -38.81 -51.67 -16.85
C PRO B 121 -39.78 -52.81 -16.54
N GLU B 122 -39.69 -53.39 -15.34
CA GLU B 122 -40.44 -54.61 -15.02
C GLU B 122 -41.70 -54.33 -14.20
N MET B 123 -42.34 -53.19 -14.41
CA MET B 123 -43.60 -52.90 -13.74
C MET B 123 -44.74 -53.48 -14.57
N GLU B 124 -45.69 -54.11 -13.89
CA GLU B 124 -46.78 -54.80 -14.58
C GLU B 124 -48.08 -54.61 -13.79
N GLY B 125 -49.12 -54.18 -14.48
CA GLY B 125 -50.43 -54.04 -13.84
C GLY B 125 -50.41 -52.91 -12.82
N ASN B 126 -50.96 -53.19 -11.64
CA ASN B 126 -51.06 -52.20 -10.56
C ASN B 126 -49.91 -52.36 -9.57
N ASP B 127 -48.68 -52.38 -10.08
CA ASP B 127 -47.51 -52.45 -9.22
C ASP B 127 -47.22 -51.07 -8.61
N LYS B 128 -46.85 -51.07 -7.34
CA LYS B 128 -46.48 -49.85 -6.64
C LYS B 128 -44.96 -49.70 -6.61
N VAL B 129 -44.52 -48.51 -6.20
CA VAL B 129 -43.10 -48.20 -6.07
C VAL B 129 -42.86 -47.69 -4.65
N SER B 130 -41.84 -48.24 -4.00
CA SER B 130 -41.51 -47.88 -2.63
C SER B 130 -40.08 -47.37 -2.56
N LEU B 131 -39.88 -46.30 -1.79
CA LEU B 131 -38.56 -45.68 -1.62
C LEU B 131 -38.31 -45.45 -0.13
N THR B 132 -37.37 -46.20 0.43
CA THR B 132 -36.90 -45.98 1.79
C THR B 132 -35.55 -45.29 1.73
N THR B 133 -35.32 -44.34 2.63
CA THR B 133 -34.08 -43.57 2.66
C THR B 133 -33.61 -43.38 4.09
N GLN B 134 -32.29 -43.40 4.27
CA GLN B 134 -31.66 -43.11 5.55
C GLN B 134 -30.67 -41.95 5.36
N GLU B 135 -30.83 -40.90 6.14
CA GLU B 135 -30.01 -39.71 6.00
C GLU B 135 -28.55 -40.00 6.35
N ALA B 136 -27.65 -39.32 5.65
CA ALA B 136 -26.22 -39.41 5.91
C ALA B 136 -25.78 -38.28 6.84
N ALA B 137 -24.96 -38.62 7.83
CA ALA B 137 -24.49 -37.62 8.77
C ALA B 137 -23.41 -36.75 8.13
N ARG B 138 -23.59 -35.43 8.23
CA ARG B 138 -22.64 -34.51 7.62
C ARG B 138 -21.30 -34.59 8.32
N GLY B 139 -20.23 -34.66 7.54
CA GLY B 139 -18.89 -34.75 8.08
C GLY B 139 -18.46 -33.49 8.81
N ASN B 140 -17.34 -33.61 9.51
CA ASN B 140 -16.79 -32.53 10.32
C ASN B 140 -15.64 -31.83 9.61
N ILE B 141 -15.42 -30.58 9.98
CA ILE B 141 -14.27 -29.80 9.53
C ILE B 141 -13.40 -29.54 10.76
N ILE B 142 -12.13 -29.92 10.67
CA ILE B 142 -11.21 -29.82 11.80
C ILE B 142 -9.99 -29.02 11.38
N ASP B 143 -9.28 -28.50 12.38
CA ASP B 143 -8.07 -27.74 12.14
C ASP B 143 -6.90 -28.70 11.94
N ARG B 144 -5.67 -28.18 11.98
CA ARG B 144 -4.49 -29.01 11.77
C ARG B 144 -4.23 -29.95 12.94
N ASN B 145 -4.79 -29.67 14.12
CA ASN B 145 -4.57 -30.48 15.31
C ASN B 145 -5.83 -31.23 15.74
N GLY B 146 -6.77 -31.44 14.82
CA GLY B 146 -7.98 -32.18 15.12
C GLY B 146 -9.04 -31.43 15.90
N GLU B 147 -8.78 -30.19 16.30
CA GLU B 147 -9.80 -29.41 16.99
C GLU B 147 -10.95 -29.10 16.02
N PRO B 148 -12.20 -29.18 16.48
CA PRO B 148 -13.33 -29.05 15.56
C PRO B 148 -13.58 -27.60 15.17
N LEU B 149 -13.79 -27.36 13.87
CA LEU B 149 -14.23 -26.08 13.37
C LEU B 149 -15.68 -26.10 12.90
N ALA B 150 -16.19 -27.28 12.53
CA ALA B 150 -17.60 -27.45 12.17
C ALA B 150 -17.97 -28.88 12.48
N THR B 151 -18.90 -29.07 13.42
CA THR B 151 -19.27 -30.40 13.87
C THR B 151 -20.80 -30.51 13.95
N THR B 152 -21.27 -31.69 14.32
CA THR B 152 -22.69 -31.94 14.59
C THR B 152 -22.83 -32.34 16.05
N GLY B 153 -23.44 -31.46 16.85
CA GLY B 153 -23.61 -31.69 18.27
C GLY B 153 -25.04 -31.44 18.72
N LYS B 154 -25.25 -31.63 20.02
CA LYS B 154 -26.55 -31.41 20.64
C LYS B 154 -26.64 -29.96 21.13
N LEU B 155 -27.73 -29.30 20.77
CA LEU B 155 -27.96 -27.91 21.13
C LEU B 155 -29.12 -27.77 22.10
N LYS B 156 -29.07 -26.74 22.94
CA LYS B 156 -30.10 -26.49 23.94
C LYS B 156 -31.10 -25.50 23.37
N GLN B 157 -32.31 -25.96 23.07
CA GLN B 157 -33.34 -25.15 22.44
C GLN B 157 -34.25 -24.58 23.52
N LEU B 158 -34.13 -23.27 23.76
CA LEU B 158 -34.99 -22.58 24.72
C LEU B 158 -36.28 -22.16 24.04
N GLY B 159 -37.41 -22.53 24.65
CA GLY B 159 -38.71 -22.20 24.11
C GLY B 159 -39.75 -22.12 25.20
N VAL B 160 -40.94 -21.67 24.81
CA VAL B 160 -42.05 -21.48 25.74
C VAL B 160 -43.30 -22.15 25.18
N VAL B 161 -44.20 -22.53 26.07
CA VAL B 161 -45.50 -23.09 25.73
C VAL B 161 -46.57 -22.10 26.18
N PRO B 162 -47.41 -21.58 25.27
CA PRO B 162 -48.33 -20.50 25.66
C PRO B 162 -49.40 -20.90 26.66
N SER B 163 -49.65 -22.19 26.86
CA SER B 163 -50.70 -22.59 27.78
C SER B 163 -50.23 -22.57 29.23
N LYS B 164 -49.03 -23.09 29.49
CA LYS B 164 -48.45 -23.10 30.83
C LYS B 164 -47.73 -21.79 31.17
N LEU B 165 -48.18 -20.69 30.59
CA LEU B 165 -47.56 -19.38 30.77
C LEU B 165 -48.40 -18.42 31.59
N GLY B 166 -49.73 -18.49 31.48
CA GLY B 166 -50.60 -17.61 32.22
C GLY B 166 -51.74 -17.06 31.39
N ASP B 167 -52.72 -16.42 32.04
CA ASP B 167 -53.85 -15.85 31.33
C ASP B 167 -53.66 -14.34 31.14
N GLY B 168 -53.88 -13.58 32.21
CA GLY B 168 -53.74 -12.14 32.15
C GLY B 168 -53.05 -11.57 33.37
N GLY B 169 -51.79 -11.14 33.20
CA GLY B 169 -51.00 -10.66 34.32
C GLY B 169 -49.86 -11.61 34.62
N GLU B 170 -50.19 -12.88 34.87
CA GLU B 170 -49.16 -13.89 35.06
C GLU B 170 -48.43 -14.18 33.76
N LYS B 171 -49.14 -14.13 32.63
CA LYS B 171 -48.50 -14.32 31.33
C LYS B 171 -47.52 -13.20 31.03
N THR B 172 -47.90 -11.96 31.33
CA THR B 172 -47.01 -10.83 31.09
C THR B 172 -45.79 -10.89 32.01
N ALA B 173 -45.99 -11.35 33.26
CA ALA B 173 -44.88 -11.42 34.20
C ALA B 173 -43.89 -12.53 33.83
N ASN B 174 -44.40 -13.68 33.38
CA ASN B 174 -43.51 -14.77 33.01
C ASN B 174 -42.77 -14.48 31.71
N ILE B 175 -43.42 -13.79 30.76
CA ILE B 175 -42.73 -13.39 29.55
C ILE B 175 -41.59 -12.42 29.88
N LYS B 176 -41.88 -11.44 30.74
CA LYS B 176 -40.82 -10.52 31.19
C LYS B 176 -39.76 -11.24 32.00
N ALA B 177 -40.13 -12.33 32.68
CA ALA B 177 -39.14 -13.13 33.41
C ALA B 177 -38.34 -14.02 32.47
N ILE B 178 -39.01 -14.59 31.46
CA ILE B 178 -38.29 -15.39 30.47
C ILE B 178 -37.50 -14.52 29.51
N ALA B 179 -37.78 -13.21 29.46
CA ALA B 179 -37.03 -12.29 28.61
C ALA B 179 -35.84 -11.69 29.33
N SER B 180 -35.98 -11.38 30.63
CA SER B 180 -34.89 -10.81 31.41
C SER B 180 -33.89 -11.86 31.87
N SER B 181 -34.23 -13.15 31.76
CA SER B 181 -33.33 -14.23 32.18
C SER B 181 -32.50 -14.79 31.03
N PHE B 182 -32.93 -14.61 29.79
CA PHE B 182 -32.24 -15.16 28.62
C PHE B 182 -31.84 -14.09 27.62
N ASP B 183 -31.96 -12.81 27.97
CA ASP B 183 -31.61 -11.69 27.11
C ASP B 183 -32.38 -11.75 25.79
N LEU B 184 -33.63 -11.30 25.82
CA LEU B 184 -34.47 -11.27 24.63
C LEU B 184 -35.54 -10.21 24.81
N THR B 185 -35.98 -9.63 23.70
CA THR B 185 -36.99 -8.58 23.75
C THR B 185 -38.33 -9.14 24.21
N GLU B 186 -39.01 -8.39 25.07
CA GLU B 186 -40.35 -8.80 25.50
C GLU B 186 -41.32 -8.80 24.34
N ASP B 187 -41.17 -7.86 23.40
CA ASP B 187 -42.00 -7.86 22.21
C ASP B 187 -41.64 -8.98 21.25
N ALA B 188 -40.44 -9.56 21.38
CA ALA B 188 -40.05 -10.67 20.52
C ALA B 188 -40.68 -11.98 20.97
N ILE B 189 -40.79 -12.19 22.28
CA ILE B 189 -41.44 -13.40 22.79
C ILE B 189 -42.93 -13.38 22.48
N ASN B 190 -43.56 -12.21 22.56
CA ASN B 190 -44.97 -12.10 22.22
C ASN B 190 -45.19 -12.31 20.73
N GLN B 191 -44.28 -11.81 19.89
CA GLN B 191 -44.42 -12.00 18.45
C GLN B 191 -44.22 -13.46 18.04
N ALA B 192 -43.41 -14.20 18.80
CA ALA B 192 -43.19 -15.61 18.47
C ALA B 192 -44.40 -16.46 18.84
N ILE B 193 -44.95 -16.25 20.04
CA ILE B 193 -46.10 -17.02 20.50
C ILE B 193 -47.40 -16.58 19.85
N SER B 194 -47.36 -15.60 18.94
CA SER B 194 -48.55 -15.13 18.25
C SER B 194 -48.48 -15.35 16.74
N GLN B 195 -47.55 -16.18 16.27
CA GLN B 195 -47.47 -16.50 14.86
C GLN B 195 -48.64 -17.38 14.43
N SER B 196 -48.69 -17.62 13.11
CA SER B 196 -49.84 -18.32 12.53
C SER B 196 -49.87 -19.78 12.97
N TRP B 197 -48.73 -20.46 12.88
CA TRP B 197 -48.70 -21.90 13.17
C TRP B 197 -48.89 -22.21 14.64
N VAL B 198 -48.69 -21.23 15.53
CA VAL B 198 -48.70 -21.50 16.96
C VAL B 198 -50.09 -21.92 17.40
N GLN B 199 -50.15 -22.98 18.21
CA GLN B 199 -51.35 -23.47 18.88
C GLN B 199 -51.09 -23.50 20.38
N PRO B 200 -52.14 -23.52 21.21
CA PRO B 200 -51.93 -23.41 22.67
C PRO B 200 -50.87 -24.33 23.25
N ASP B 201 -50.91 -25.63 22.95
CA ASP B 201 -49.99 -26.60 23.56
C ASP B 201 -48.81 -26.93 22.66
N TYR B 202 -48.33 -25.98 21.86
CA TYR B 202 -47.17 -26.20 21.02
C TYR B 202 -45.92 -25.64 21.70
N PHE B 203 -44.78 -26.24 21.38
CA PHE B 203 -43.49 -25.74 21.83
C PHE B 203 -42.98 -24.74 20.80
N VAL B 204 -42.96 -23.46 21.18
CA VAL B 204 -42.51 -22.40 20.29
C VAL B 204 -41.02 -22.16 20.56
N PRO B 205 -40.13 -22.50 19.63
CA PRO B 205 -38.71 -22.27 19.86
C PRO B 205 -38.38 -20.79 19.87
N LEU B 206 -37.35 -20.44 20.64
CA LEU B 206 -36.97 -19.04 20.80
C LEU B 206 -35.50 -18.81 20.51
N LYS B 207 -34.61 -19.49 21.23
CA LYS B 207 -33.19 -19.19 21.15
C LYS B 207 -32.38 -20.42 21.54
N ILE B 208 -31.22 -20.56 20.90
CA ILE B 208 -30.26 -21.61 21.24
C ILE B 208 -29.36 -21.07 22.34
N ILE B 209 -29.21 -21.84 23.41
CA ILE B 209 -28.35 -21.48 24.53
C ILE B 209 -27.02 -22.21 24.37
N ASP B 210 -25.93 -21.45 24.35
CA ASP B 210 -24.60 -22.00 24.16
C ASP B 210 -23.82 -22.15 25.48
N GLY B 211 -24.36 -21.65 26.58
CA GLY B 211 -23.72 -21.79 27.88
C GLY B 211 -24.48 -22.71 28.80
N ALA B 212 -24.44 -22.44 30.11
CA ALA B 212 -25.22 -23.22 31.05
C ALA B 212 -26.64 -22.70 31.15
N THR B 213 -27.57 -23.61 31.37
CA THR B 213 -28.98 -23.23 31.45
C THR B 213 -29.27 -22.53 32.77
N PRO B 214 -29.85 -21.32 32.74
CA PRO B 214 -30.25 -20.67 34.00
C PRO B 214 -31.56 -21.21 34.55
N GLU B 215 -32.12 -20.50 35.53
CA GLU B 215 -33.40 -20.89 36.13
C GLU B 215 -34.51 -20.78 35.10
N LEU B 216 -35.40 -21.78 35.09
CA LEU B 216 -36.44 -21.88 34.09
C LEU B 216 -37.73 -21.29 34.65
N PRO B 217 -38.18 -20.12 34.15
CA PRO B 217 -39.44 -19.56 34.66
C PRO B 217 -40.66 -20.37 34.24
N ALA B 218 -41.85 -19.94 34.65
CA ALA B 218 -43.07 -20.65 34.29
C ALA B 218 -43.28 -20.56 32.78
N GLY B 219 -43.45 -21.72 32.14
CA GLY B 219 -43.62 -21.81 30.72
C GLY B 219 -42.34 -22.10 29.95
N ALA B 220 -41.20 -21.68 30.48
CA ALA B 220 -39.93 -21.89 29.80
C ALA B 220 -39.47 -23.34 29.94
N THR B 221 -38.92 -23.88 28.85
CA THR B 221 -38.47 -25.26 28.82
C THR B 221 -37.32 -25.40 27.83
N ILE B 222 -36.41 -26.33 28.14
CA ILE B 222 -35.23 -26.61 27.31
C ILE B 222 -35.42 -27.97 26.65
N GLN B 223 -35.19 -28.04 25.35
CA GLN B 223 -35.30 -29.28 24.59
C GLN B 223 -34.03 -29.48 23.78
N GLU B 224 -33.35 -30.61 24.00
CA GLU B 224 -32.10 -30.91 23.30
C GLU B 224 -32.40 -31.33 21.87
N VAL B 225 -31.84 -30.59 20.90
CA VAL B 225 -31.98 -30.90 19.49
C VAL B 225 -30.58 -31.00 18.89
N ASP B 226 -30.43 -31.87 17.89
CA ASP B 226 -29.17 -32.07 17.20
C ASP B 226 -29.13 -31.22 15.94
N GLY B 227 -28.01 -30.53 15.73
CA GLY B 227 -27.87 -29.66 14.57
C GLY B 227 -26.42 -29.28 14.37
N ARG B 228 -26.18 -28.53 13.29
CA ARG B 228 -24.83 -28.09 12.96
C ARG B 228 -24.37 -27.01 13.93
N TYR B 229 -23.13 -27.13 14.41
CA TYR B 229 -22.56 -26.22 15.37
C TYR B 229 -21.18 -25.79 14.88
N TYR B 230 -20.88 -24.49 15.01
CA TYR B 230 -19.59 -23.93 14.59
C TYR B 230 -18.87 -23.41 15.82
N PRO B 231 -17.86 -24.12 16.34
CA PRO B 231 -17.25 -23.73 17.63
C PRO B 231 -16.60 -22.36 17.66
N LEU B 232 -15.68 -22.06 16.73
CA LEU B 232 -14.99 -20.76 16.79
C LEU B 232 -15.95 -19.60 16.62
N GLY B 233 -17.08 -19.82 15.96
CA GLY B 233 -18.08 -18.77 15.82
C GLY B 233 -17.77 -17.77 14.73
N GLU B 234 -17.97 -16.48 15.03
CA GLU B 234 -17.70 -15.45 14.03
C GLU B 234 -16.23 -15.37 13.65
N ALA B 235 -15.33 -15.94 14.47
CA ALA B 235 -13.90 -15.82 14.20
C ALA B 235 -13.52 -16.45 12.87
N ALA B 236 -14.26 -17.47 12.42
CA ALA B 236 -13.99 -18.13 11.15
C ALA B 236 -15.26 -18.34 10.35
N ALA B 237 -16.23 -17.44 10.50
CA ALA B 237 -17.51 -17.59 9.78
C ALA B 237 -17.33 -17.45 8.28
N GLN B 238 -16.46 -16.53 7.84
CA GLN B 238 -16.26 -16.34 6.40
C GLN B 238 -15.55 -17.54 5.79
N LEU B 239 -14.56 -18.10 6.49
CA LEU B 239 -13.83 -19.23 5.96
C LEU B 239 -14.70 -20.48 5.90
N ILE B 240 -15.23 -20.91 7.06
CA ILE B 240 -16.02 -22.12 7.10
C ILE B 240 -17.35 -21.94 6.38
N GLY B 241 -18.02 -20.82 6.64
CA GLY B 241 -19.33 -20.60 6.07
C GLY B 241 -20.42 -21.13 6.98
N TYR B 242 -21.57 -21.51 6.40
CA TYR B 242 -22.67 -22.05 7.17
C TYR B 242 -23.49 -22.96 6.28
N VAL B 243 -24.44 -23.66 6.90
CA VAL B 243 -25.35 -24.55 6.19
C VAL B 243 -26.78 -24.12 6.48
N GLY B 244 -27.66 -24.31 5.49
CA GLY B 244 -29.06 -24.01 5.65
C GLY B 244 -29.91 -25.20 5.24
N ASP B 245 -31.20 -25.09 5.52
CA ASP B 245 -32.14 -26.13 5.15
C ASP B 245 -32.19 -26.28 3.63
N ILE B 246 -32.31 -27.52 3.16
CA ILE B 246 -32.36 -27.78 1.73
C ILE B 246 -33.76 -27.48 1.22
N THR B 247 -33.84 -26.74 0.12
CA THR B 247 -35.11 -26.28 -0.41
C THR B 247 -35.56 -27.17 -1.57
N ALA B 248 -36.78 -26.93 -2.04
CA ALA B 248 -37.33 -27.72 -3.14
C ALA B 248 -36.54 -27.52 -4.42
N GLU B 249 -36.01 -26.31 -4.66
CA GLU B 249 -35.24 -26.08 -5.87
C GLU B 249 -33.87 -26.76 -5.80
N ASP B 250 -33.28 -26.83 -4.60
CA ASP B 250 -31.98 -27.51 -4.47
C ASP B 250 -32.10 -28.99 -4.81
N ILE B 251 -33.24 -29.60 -4.47
CA ILE B 251 -33.45 -31.00 -4.83
C ILE B 251 -33.72 -31.12 -6.32
N ASP B 252 -34.46 -30.16 -6.89
CA ASP B 252 -34.66 -30.13 -8.34
C ASP B 252 -33.34 -30.00 -9.08
N LYS B 253 -32.37 -29.30 -8.49
CA LYS B 253 -31.08 -29.15 -9.14
C LYS B 253 -30.21 -30.39 -8.96
N ASN B 254 -30.18 -30.95 -7.76
CA ASN B 254 -29.40 -32.15 -7.46
C ASN B 254 -30.26 -33.10 -6.64
N PRO B 255 -30.83 -34.14 -7.26
CA PRO B 255 -31.69 -35.07 -6.51
C PRO B 255 -30.94 -35.88 -5.47
N GLU B 256 -29.63 -35.99 -5.56
CA GLU B 256 -28.86 -36.80 -4.62
C GLU B 256 -28.73 -36.14 -3.25
N LEU B 257 -29.11 -34.88 -3.11
CA LEU B 257 -29.20 -34.27 -1.80
C LEU B 257 -30.33 -34.89 -1.01
N SER B 258 -30.28 -34.72 0.31
CA SER B 258 -31.36 -35.17 1.17
C SER B 258 -32.46 -34.12 1.22
N SER B 259 -33.70 -34.53 0.92
CA SER B 259 -34.82 -33.62 0.95
C SER B 259 -35.24 -33.30 2.38
N ASN B 260 -34.31 -33.47 3.32
CA ASN B 260 -34.62 -33.32 4.74
C ASN B 260 -33.38 -32.86 5.51
N GLY B 261 -32.24 -32.78 4.82
CA GLY B 261 -30.96 -32.50 5.43
C GLY B 261 -30.56 -31.04 5.32
N LYS B 262 -29.24 -30.82 5.24
CA LYS B 262 -28.66 -29.49 5.21
C LYS B 262 -27.71 -29.37 4.02
N ILE B 263 -27.54 -28.14 3.54
CA ILE B 263 -26.66 -27.85 2.42
C ILE B 263 -25.85 -26.60 2.75
N GLY B 264 -24.56 -26.62 2.40
CA GLY B 264 -23.72 -25.47 2.64
C GLY B 264 -24.08 -24.33 1.69
N ARG B 265 -24.12 -23.11 2.24
CA ARG B 265 -24.51 -21.94 1.48
C ARG B 265 -23.35 -21.00 1.15
N SER B 266 -22.25 -21.08 1.89
CA SER B 266 -21.09 -20.24 1.62
C SER B 266 -19.87 -20.85 2.30
N GLY B 267 -18.70 -20.36 1.90
CA GLY B 267 -17.46 -20.79 2.53
C GLY B 267 -17.10 -22.23 2.19
N LEU B 268 -16.46 -22.90 3.14
CA LEU B 268 -16.00 -24.27 2.93
C LEU B 268 -17.14 -25.28 3.03
N GLU B 269 -18.15 -24.99 3.84
CA GLU B 269 -19.32 -25.87 3.92
C GLU B 269 -19.97 -26.04 2.55
N MET B 270 -19.89 -25.02 1.70
CA MET B 270 -20.38 -25.12 0.33
C MET B 270 -19.34 -25.69 -0.62
N ALA B 271 -18.08 -25.29 -0.47
CA ALA B 271 -17.03 -25.80 -1.35
C ALA B 271 -16.81 -27.29 -1.17
N PHE B 272 -17.06 -27.82 0.03
CA PHE B 272 -16.88 -29.24 0.31
C PHE B 272 -18.21 -29.92 0.66
N ASP B 273 -19.30 -29.43 0.08
CA ASP B 273 -20.61 -29.98 0.41
C ASP B 273 -20.77 -31.41 -0.10
N LYS B 274 -20.15 -31.74 -1.24
CA LYS B 274 -20.25 -33.09 -1.76
C LYS B 274 -19.48 -34.08 -0.90
N ASP B 275 -18.31 -33.68 -0.39
CA ASP B 275 -17.51 -34.56 0.43
C ASP B 275 -17.99 -34.63 1.88
N LEU B 276 -18.83 -33.68 2.29
CA LEU B 276 -19.32 -33.64 3.66
C LEU B 276 -20.73 -34.18 3.82
N ARG B 277 -21.56 -34.12 2.77
CA ARG B 277 -22.94 -34.58 2.90
C ARG B 277 -23.07 -36.09 2.87
N GLY B 278 -22.10 -36.79 2.28
CA GLY B 278 -22.19 -38.23 2.16
C GLY B 278 -23.05 -38.65 0.99
N THR B 279 -23.54 -39.88 1.05
CA THR B 279 -24.45 -40.43 0.05
C THR B 279 -25.66 -41.01 0.76
N THR B 280 -26.85 -40.70 0.23
CA THR B 280 -28.08 -41.16 0.85
C THR B 280 -28.23 -42.67 0.67
N GLY B 281 -28.34 -43.38 1.78
CA GLY B 281 -28.64 -44.80 1.73
C GLY B 281 -30.13 -45.07 1.67
N GLY B 282 -30.47 -46.25 1.18
CA GLY B 282 -31.87 -46.64 1.09
C GLY B 282 -32.09 -47.68 0.01
N LYS B 283 -33.34 -47.80 -0.40
CA LYS B 283 -33.74 -48.83 -1.36
C LYS B 283 -34.96 -48.37 -2.13
N LEU B 284 -34.82 -48.27 -3.45
CA LEU B 284 -35.95 -48.05 -4.36
C LEU B 284 -36.35 -49.41 -4.95
N SER B 285 -37.62 -49.77 -4.78
CA SER B 285 -38.08 -51.10 -5.15
C SER B 285 -39.45 -51.03 -5.79
N ILE B 286 -39.79 -52.11 -6.51
CA ILE B 286 -41.09 -52.27 -7.14
C ILE B 286 -41.84 -53.34 -6.35
N THR B 287 -42.99 -52.96 -5.80
CA THR B 287 -43.81 -53.85 -5.00
C THR B 287 -45.03 -54.31 -5.79
N ASP B 288 -45.74 -55.28 -5.20
CA ASP B 288 -46.96 -55.84 -5.78
C ASP B 288 -48.14 -54.94 -5.48
N ALA B 289 -49.36 -55.50 -5.51
CA ALA B 289 -50.55 -54.71 -5.21
C ALA B 289 -50.44 -54.06 -3.84
N ASP B 290 -49.82 -54.77 -2.89
CA ASP B 290 -49.57 -54.31 -1.54
C ASP B 290 -48.06 -54.08 -1.39
N GLY B 291 -47.54 -54.24 -0.18
CA GLY B 291 -46.13 -54.04 0.07
C GLY B 291 -45.25 -55.25 -0.16
N VAL B 292 -45.62 -56.11 -1.10
CA VAL B 292 -44.83 -57.30 -1.42
C VAL B 292 -43.85 -56.94 -2.53
N GLU B 293 -42.57 -56.90 -2.19
CA GLU B 293 -41.55 -56.41 -3.11
C GLU B 293 -41.29 -57.43 -4.23
N LYS B 294 -41.27 -56.93 -5.46
CA LYS B 294 -40.93 -57.76 -6.62
C LYS B 294 -39.46 -57.56 -7.00
N LYS B 295 -39.13 -56.38 -7.52
CA LYS B 295 -37.81 -56.08 -8.03
C LYS B 295 -37.23 -54.90 -7.26
N VAL B 296 -35.99 -55.04 -6.80
CA VAL B 296 -35.27 -53.96 -6.12
C VAL B 296 -34.45 -53.23 -7.17
N LEU B 297 -34.81 -51.97 -7.45
CA LEU B 297 -34.14 -51.20 -8.49
C LEU B 297 -32.80 -50.67 -8.00
N ILE B 298 -32.80 -49.93 -6.90
CA ILE B 298 -31.60 -49.34 -6.33
C ILE B 298 -31.51 -49.70 -4.85
N GLU B 299 -30.29 -49.96 -4.38
CA GLU B 299 -30.07 -50.20 -2.95
C GLU B 299 -28.58 -50.15 -2.63
N HIS B 300 -28.21 -49.36 -1.63
CA HIS B 300 -26.85 -49.32 -1.12
C HIS B 300 -26.88 -48.67 0.26
N GLU B 301 -26.01 -49.15 1.14
CA GLU B 301 -25.98 -48.66 2.52
C GLU B 301 -25.61 -47.18 2.56
N VAL B 302 -25.96 -46.54 3.67
CA VAL B 302 -25.68 -45.12 3.84
C VAL B 302 -24.20 -44.92 4.12
N GLN B 303 -23.61 -43.92 3.45
CA GLN B 303 -22.21 -43.54 3.64
C GLN B 303 -22.18 -42.16 4.29
N ASN B 304 -21.71 -42.10 5.52
CA ASN B 304 -21.60 -40.83 6.22
C ASN B 304 -20.52 -39.97 5.58
N GLY B 305 -20.62 -38.66 5.81
CA GLY B 305 -19.70 -37.72 5.20
C GLY B 305 -18.28 -37.89 5.68
N LYS B 306 -17.36 -37.43 4.84
CA LYS B 306 -15.94 -37.44 5.15
C LYS B 306 -15.57 -36.25 6.02
N ASP B 307 -14.39 -36.33 6.63
CA ASP B 307 -13.85 -35.24 7.42
C ASP B 307 -12.83 -34.47 6.61
N ILE B 308 -12.90 -33.15 6.70
CA ILE B 308 -11.98 -32.26 5.99
C ILE B 308 -11.03 -31.67 7.02
N LYS B 309 -9.74 -31.93 6.86
CA LYS B 309 -8.71 -31.45 7.77
C LYS B 309 -7.99 -30.27 7.13
N LEU B 310 -8.05 -29.11 7.78
CA LEU B 310 -7.46 -27.88 7.29
C LEU B 310 -6.08 -27.66 7.90
N THR B 311 -5.31 -26.78 7.28
CA THR B 311 -4.05 -26.31 7.84
C THR B 311 -4.24 -25.25 8.91
N ILE B 312 -5.48 -24.81 9.14
CA ILE B 312 -5.75 -23.73 10.08
C ILE B 312 -5.34 -24.14 11.48
N ASP B 313 -4.80 -23.18 12.24
CA ASP B 313 -4.62 -23.33 13.68
C ASP B 313 -5.81 -22.66 14.35
N ALA B 314 -6.52 -23.41 15.20
CA ALA B 314 -7.74 -22.90 15.81
C ALA B 314 -7.45 -21.69 16.69
N LYS B 315 -6.40 -21.78 17.52
CA LYS B 315 -6.10 -20.67 18.42
C LYS B 315 -5.54 -19.48 17.67
N ALA B 316 -4.74 -19.73 16.62
CA ALA B 316 -4.25 -18.63 15.81
C ALA B 316 -5.38 -17.95 15.04
N GLN B 317 -6.36 -18.73 14.58
CA GLN B 317 -7.51 -18.15 13.90
C GLN B 317 -8.32 -17.27 14.83
N LYS B 318 -8.52 -17.72 16.08
CA LYS B 318 -9.26 -16.93 17.05
C LYS B 318 -8.49 -15.69 17.46
N THR B 319 -7.17 -15.82 17.65
CA THR B 319 -6.35 -14.68 18.03
C THR B 319 -6.28 -13.66 16.91
N ALA B 320 -6.13 -14.12 15.67
CA ALA B 320 -6.03 -13.19 14.54
C ALA B 320 -7.30 -12.38 14.35
N PHE B 321 -8.46 -13.04 14.50
CA PHE B 321 -9.73 -12.33 14.35
C PHE B 321 -9.95 -11.36 15.50
N ASP B 322 -9.76 -11.82 16.74
CA ASP B 322 -9.96 -10.95 17.89
C ASP B 322 -9.03 -9.75 17.86
N SER B 323 -7.83 -9.91 17.29
CA SER B 323 -6.89 -8.79 17.22
C SER B 323 -7.43 -7.65 16.37
N LEU B 324 -8.27 -7.96 15.38
CA LEU B 324 -8.85 -6.92 14.55
C LEU B 324 -9.91 -6.12 15.30
N GLY B 325 -10.42 -6.64 16.39
CA GLY B 325 -11.30 -5.88 17.27
C GLY B 325 -12.59 -5.40 16.62
N GLY B 326 -13.16 -6.18 15.72
CA GLY B 326 -14.41 -5.83 15.08
C GLY B 326 -14.30 -4.80 13.98
N LYS B 327 -13.13 -4.19 13.78
CA LYS B 327 -12.94 -3.25 12.69
C LYS B 327 -12.89 -3.99 11.36
N ALA B 328 -12.81 -3.23 10.27
CA ALA B 328 -12.75 -3.80 8.94
C ALA B 328 -11.30 -4.12 8.58
N GLY B 329 -11.07 -5.36 8.15
CA GLY B 329 -9.74 -5.79 7.79
C GLY B 329 -9.65 -7.29 7.71
N SER B 330 -8.42 -7.77 7.59
CA SER B 330 -8.16 -9.20 7.44
C SER B 330 -6.76 -9.50 7.92
N THR B 331 -6.49 -10.78 8.16
CA THR B 331 -5.19 -11.24 8.62
C THR B 331 -4.96 -12.66 8.10
N VAL B 332 -3.81 -12.87 7.47
CA VAL B 332 -3.41 -14.18 6.97
C VAL B 332 -2.10 -14.57 7.63
N ALA B 333 -2.06 -15.76 8.22
CA ALA B 333 -0.86 -16.29 8.86
C ALA B 333 -0.51 -17.61 8.20
N THR B 334 0.75 -17.74 7.77
CA THR B 334 1.21 -18.92 7.06
C THR B 334 2.54 -19.40 7.63
N THR B 335 2.89 -20.64 7.28
CA THR B 335 4.24 -21.15 7.46
C THR B 335 4.94 -21.03 6.12
N PRO B 336 5.74 -19.98 5.89
CA PRO B 336 6.16 -19.66 4.52
C PRO B 336 7.00 -20.74 3.85
N LYS B 337 7.48 -21.74 4.58
CA LYS B 337 8.27 -22.80 3.97
C LYS B 337 7.40 -23.87 3.33
N THR B 338 6.20 -24.11 3.87
CA THR B 338 5.29 -25.10 3.34
C THR B 338 4.03 -24.53 2.72
N GLY B 339 3.68 -23.28 3.05
CA GLY B 339 2.46 -22.68 2.54
C GLY B 339 1.22 -22.96 3.36
N ASP B 340 1.35 -23.69 4.47
CA ASP B 340 0.19 -23.97 5.31
C ASP B 340 -0.46 -22.68 5.77
N LEU B 341 -1.78 -22.60 5.60
CA LEU B 341 -2.56 -21.44 6.02
C LEU B 341 -2.94 -21.64 7.48
N LEU B 342 -2.24 -20.96 8.38
CA LEU B 342 -2.52 -21.11 9.81
C LEU B 342 -3.75 -20.35 10.24
N ALA B 343 -4.06 -19.23 9.58
CA ALA B 343 -5.22 -18.43 9.96
C ALA B 343 -5.68 -17.61 8.76
N LEU B 344 -6.99 -17.56 8.57
CA LEU B 344 -7.63 -16.75 7.52
C LEU B 344 -8.78 -15.99 8.18
N ALA B 345 -8.45 -14.87 8.82
CA ALA B 345 -9.41 -14.07 9.56
C ALA B 345 -9.95 -12.95 8.70
N SER B 346 -11.23 -12.63 8.88
CA SER B 346 -11.86 -11.52 8.20
C SER B 346 -12.82 -10.84 9.17
N SER B 347 -12.70 -9.52 9.29
CA SER B 347 -13.49 -8.74 10.23
C SER B 347 -14.04 -7.52 9.54
N PRO B 348 -15.29 -7.11 9.86
CA PRO B 348 -16.19 -7.76 10.82
C PRO B 348 -16.80 -9.04 10.25
N SER B 349 -17.52 -9.78 11.09
CA SER B 349 -18.05 -11.09 10.71
C SER B 349 -19.50 -11.20 11.15
N TYR B 350 -20.10 -12.35 10.86
CA TYR B 350 -21.47 -12.68 11.23
C TYR B 350 -21.46 -13.90 12.15
N ASP B 351 -22.63 -14.22 12.69
CA ASP B 351 -22.75 -15.37 13.58
C ASP B 351 -23.21 -16.58 12.78
N PRO B 352 -22.31 -17.54 12.49
CA PRO B 352 -22.73 -18.72 11.73
C PRO B 352 -23.64 -19.65 12.51
N ASN B 353 -23.54 -19.64 13.84
CA ASN B 353 -24.47 -20.44 14.65
C ASN B 353 -25.87 -19.84 14.61
N LYS B 354 -25.98 -18.52 14.77
CA LYS B 354 -27.27 -17.86 14.59
C LYS B 354 -27.76 -18.00 13.15
N MET B 355 -26.83 -18.07 12.20
CA MET B 355 -27.21 -18.16 10.79
C MET B 355 -27.84 -19.52 10.47
N THR B 356 -27.25 -20.60 10.99
CA THR B 356 -27.73 -21.94 10.67
C THR B 356 -28.87 -22.40 11.56
N ASN B 357 -29.12 -21.70 12.67
CA ASN B 357 -30.24 -22.05 13.54
C ASN B 357 -31.42 -21.10 13.29
N GLY B 358 -31.74 -20.26 14.27
CA GLY B 358 -32.80 -19.29 14.10
C GLY B 358 -32.27 -17.89 13.93
N ILE B 359 -32.31 -17.39 12.69
CA ILE B 359 -31.85 -16.04 12.37
C ILE B 359 -33.07 -15.20 11.99
N SER B 360 -33.21 -14.05 12.64
CA SER B 360 -34.35 -13.17 12.36
C SER B 360 -34.09 -12.37 11.09
N GLN B 361 -35.19 -12.03 10.40
CA GLN B 361 -35.09 -11.23 9.18
C GLN B 361 -34.58 -9.82 9.46
N GLU B 362 -34.59 -9.38 10.72
CA GLU B 362 -34.05 -8.07 11.04
C GLU B 362 -32.54 -8.13 11.26
N ASP B 363 -32.07 -9.16 11.97
CA ASP B 363 -30.64 -9.31 12.18
C ASP B 363 -29.92 -9.70 10.89
N TYR B 364 -30.58 -10.46 10.02
CA TYR B 364 -29.99 -10.76 8.72
C TYR B 364 -29.89 -9.50 7.86
N LYS B 365 -30.93 -8.66 7.90
CA LYS B 365 -30.84 -7.37 7.21
C LYS B 365 -29.72 -6.51 7.77
N ALA B 366 -29.49 -6.60 9.09
CA ALA B 366 -28.38 -5.87 9.69
C ALA B 366 -27.04 -6.38 9.18
N TYR B 367 -26.93 -7.66 8.86
CA TYR B 367 -25.69 -8.20 8.32
C TYR B 367 -25.49 -7.81 6.87
N GLU B 368 -26.57 -7.62 6.13
CA GLU B 368 -26.50 -7.29 4.71
C GLU B 368 -26.54 -5.79 4.44
N GLU B 369 -26.56 -4.97 5.49
CA GLU B 369 -26.57 -3.52 5.33
C GLU B 369 -25.45 -2.82 6.08
N ASN B 370 -24.78 -3.50 7.01
CA ASN B 370 -23.58 -2.96 7.63
C ASN B 370 -22.61 -2.47 6.56
N PRO B 371 -22.30 -1.17 6.51
CA PRO B 371 -21.42 -0.67 5.43
C PRO B 371 -20.07 -1.36 5.38
N GLU B 372 -19.60 -1.90 6.51
CA GLU B 372 -18.35 -2.67 6.51
C GLU B 372 -18.53 -4.06 5.91
N GLN B 373 -19.77 -4.48 5.65
CA GLN B 373 -20.10 -5.73 4.96
C GLN B 373 -19.40 -6.93 5.61
N PRO B 374 -19.97 -7.49 6.68
CA PRO B 374 -19.31 -8.63 7.35
C PRO B 374 -19.31 -9.90 6.52
N PHE B 375 -20.19 -10.02 5.53
CA PHE B 375 -20.23 -11.23 4.70
C PHE B 375 -19.03 -11.36 3.78
N ILE B 376 -18.23 -10.31 3.62
CA ILE B 376 -17.11 -10.33 2.68
C ILE B 376 -15.98 -11.17 3.26
N SER B 377 -15.48 -12.12 2.46
CA SER B 377 -14.26 -12.85 2.79
C SER B 377 -13.09 -11.98 2.36
N ARG B 378 -12.61 -11.16 3.29
CA ARG B 378 -11.60 -10.16 2.95
C ARG B 378 -10.23 -10.77 2.66
N PHE B 379 -9.96 -11.99 3.13
CA PHE B 379 -8.72 -12.65 2.76
C PHE B 379 -8.71 -13.12 1.31
N ALA B 380 -9.87 -13.13 0.65
CA ALA B 380 -9.95 -13.52 -0.75
C ALA B 380 -10.43 -12.38 -1.64
N THR B 381 -10.48 -11.16 -1.12
CA THR B 381 -10.91 -9.99 -1.89
C THR B 381 -9.69 -9.24 -2.40
N GLY B 382 -9.70 -8.88 -3.68
CA GLY B 382 -8.57 -8.20 -4.28
C GLY B 382 -8.46 -6.78 -3.76
N TYR B 383 -7.28 -6.43 -3.24
CA TYR B 383 -7.00 -5.09 -2.76
C TYR B 383 -5.70 -4.59 -3.38
N ALA B 384 -5.49 -3.29 -3.30
CA ALA B 384 -4.18 -2.74 -3.60
C ALA B 384 -3.24 -3.07 -2.45
N PRO B 385 -2.06 -3.65 -2.71
CA PRO B 385 -1.22 -4.13 -1.61
C PRO B 385 -0.67 -3.02 -0.73
N GLY B 386 -0.60 -1.79 -1.21
CA GLY B 386 -0.09 -0.70 -0.42
C GLY B 386 1.40 -0.52 -0.60
N SER B 387 1.96 0.39 0.19
CA SER B 387 3.39 0.64 0.13
C SER B 387 4.21 -0.50 0.72
N THR B 388 3.56 -1.54 1.25
CA THR B 388 4.27 -2.76 1.60
C THR B 388 4.90 -3.40 0.37
N PHE B 389 4.36 -3.12 -0.81
CA PHE B 389 4.85 -3.67 -2.08
C PHE B 389 6.24 -3.16 -2.45
N LYS B 390 6.84 -2.26 -1.65
CA LYS B 390 8.19 -1.80 -1.93
C LYS B 390 9.18 -2.95 -1.98
N MET B 391 8.94 -3.99 -1.19
CA MET B 391 9.84 -5.14 -1.17
C MET B 391 9.97 -5.77 -2.55
N ILE B 392 8.84 -5.99 -3.22
CA ILE B 392 8.87 -6.62 -4.54
C ILE B 392 9.54 -5.70 -5.54
N THR B 393 9.17 -4.42 -5.54
CA THR B 393 9.79 -3.47 -6.47
C THR B 393 11.29 -3.34 -6.20
N ALA B 394 11.69 -3.38 -4.93
CA ALA B 394 13.12 -3.34 -4.61
C ALA B 394 13.80 -4.64 -5.01
N ALA B 395 13.15 -5.79 -4.75
CA ALA B 395 13.75 -7.06 -5.13
C ALA B 395 13.89 -7.17 -6.65
N ILE B 396 12.93 -6.62 -7.39
CA ILE B 396 13.07 -6.56 -8.85
C ILE B 396 14.19 -5.62 -9.24
N GLY B 397 14.28 -4.47 -8.57
CA GLY B 397 15.34 -3.52 -8.88
C GLY B 397 16.73 -4.04 -8.56
N LEU B 398 16.85 -4.92 -7.57
CA LEU B 398 18.13 -5.53 -7.26
C LEU B 398 18.51 -6.64 -8.21
N ASP B 399 17.53 -7.27 -8.87
CA ASP B 399 17.84 -8.36 -9.79
C ASP B 399 18.27 -7.87 -11.16
N ASN B 400 17.78 -6.72 -11.59
CA ASN B 400 18.13 -6.16 -12.89
C ASN B 400 19.13 -5.03 -12.80
N GLY B 401 19.78 -4.85 -11.64
CA GLY B 401 20.82 -3.87 -11.50
C GLY B 401 20.38 -2.43 -11.51
N THR B 402 19.08 -2.17 -11.53
CA THR B 402 18.61 -0.78 -11.53
C THR B 402 18.86 -0.11 -10.19
N ILE B 403 18.69 -0.85 -9.10
CA ILE B 403 18.77 -0.30 -7.75
C ILE B 403 20.12 -0.65 -7.15
N ASP B 404 20.90 0.39 -6.80
CA ASP B 404 22.11 0.21 -6.04
C ASP B 404 21.79 0.41 -4.56
N PRO B 405 21.95 -0.61 -3.71
CA PRO B 405 21.54 -0.47 -2.31
C PRO B 405 22.24 0.66 -1.57
N ASN B 406 23.43 1.07 -2.02
CA ASN B 406 24.18 2.14 -1.36
C ASN B 406 24.02 3.48 -2.04
N GLU B 407 23.46 3.53 -3.25
CA GLU B 407 23.23 4.80 -3.91
C GLU B 407 22.17 5.61 -3.16
N VAL B 408 22.45 6.89 -2.96
CA VAL B 408 21.62 7.75 -2.13
C VAL B 408 20.92 8.77 -3.03
N LEU B 409 19.59 8.76 -3.00
CA LEU B 409 18.80 9.76 -3.70
C LEU B 409 18.60 10.97 -2.80
N THR B 410 18.62 12.16 -3.41
CA THR B 410 18.39 13.42 -2.71
C THR B 410 16.95 13.83 -2.95
N ILE B 411 16.12 13.74 -1.90
CA ILE B 411 14.70 14.06 -1.99
C ILE B 411 14.42 15.21 -1.03
N ASN B 412 13.83 16.28 -1.55
CA ASN B 412 13.52 17.48 -0.78
C ASN B 412 12.01 17.59 -0.64
N GLY B 413 11.52 17.56 0.60
CA GLY B 413 10.12 17.76 0.88
C GLY B 413 9.37 16.45 1.05
N LEU B 414 8.05 16.53 0.86
CA LEU B 414 7.16 15.40 1.01
C LEU B 414 6.40 15.02 -0.25
N LYS B 415 6.49 15.84 -1.30
CA LYS B 415 5.81 15.56 -2.56
C LYS B 415 6.84 15.60 -3.69
N TRP B 416 6.58 14.84 -4.74
CA TRP B 416 7.50 14.77 -5.86
C TRP B 416 6.77 14.33 -7.12
N GLN B 417 7.20 14.87 -8.25
CA GLN B 417 6.70 14.47 -9.56
C GLN B 417 7.83 14.50 -10.56
N LYS B 418 7.76 13.62 -11.56
CA LYS B 418 8.81 13.55 -12.57
C LYS B 418 8.88 14.85 -13.38
N ASP B 419 7.73 15.31 -13.88
CA ASP B 419 7.68 16.45 -14.77
C ASP B 419 6.44 17.27 -14.46
N SER B 420 6.46 18.54 -14.90
CA SER B 420 5.26 19.36 -14.81
C SER B 420 4.10 18.78 -15.60
N SER B 421 4.37 17.84 -16.52
CA SER B 421 3.31 17.17 -17.27
C SER B 421 2.36 16.40 -16.36
N TRP B 422 2.81 16.00 -15.17
CA TRP B 422 1.95 15.29 -14.23
C TRP B 422 0.82 16.15 -13.70
N GLY B 423 0.85 17.46 -13.95
CA GLY B 423 -0.21 18.32 -13.46
C GLY B 423 -0.09 18.53 -11.96
N SER B 424 -1.17 18.26 -11.24
CA SER B 424 -1.23 18.48 -9.80
C SER B 424 -0.94 17.21 -9.00
N TYR B 425 -0.72 16.08 -9.66
CA TYR B 425 -0.45 14.84 -8.94
C TYR B 425 1.00 14.81 -8.49
N GLN B 426 1.21 14.40 -7.23
CA GLN B 426 2.55 14.28 -6.66
C GLN B 426 2.60 13.06 -5.75
N VAL B 427 3.69 12.31 -5.86
CA VAL B 427 3.90 11.16 -4.98
C VAL B 427 4.25 11.67 -3.59
N THR B 428 3.52 11.19 -2.58
CA THR B 428 3.60 11.71 -1.22
C THR B 428 4.33 10.74 -0.32
N ARG B 429 5.16 11.27 0.58
CA ARG B 429 5.80 10.51 1.63
C ARG B 429 5.55 11.19 2.98
N VAL B 430 5.82 10.46 4.05
CA VAL B 430 5.46 10.93 5.39
C VAL B 430 6.66 11.55 6.10
N SER B 431 7.88 11.14 5.72
CA SER B 431 9.09 11.57 6.39
C SER B 431 9.96 12.36 5.43
N ASP B 432 10.35 13.57 5.84
CA ASP B 432 11.19 14.44 5.01
C ASP B 432 12.65 14.12 5.29
N VAL B 433 13.10 13.01 4.71
CA VAL B 433 14.49 12.57 4.81
C VAL B 433 15.22 13.00 3.55
N SER B 434 16.35 13.68 3.71
CA SER B 434 17.05 14.25 2.56
C SER B 434 17.87 13.19 1.83
N GLN B 435 18.71 12.45 2.55
CA GLN B 435 19.59 11.45 1.94
C GLN B 435 18.97 10.07 2.16
N VAL B 436 18.31 9.55 1.14
CA VAL B 436 17.58 8.29 1.20
C VAL B 436 18.24 7.29 0.26
N ASP B 437 18.65 6.15 0.81
CA ASP B 437 19.07 5.01 0.01
C ASP B 437 18.02 3.90 0.17
N LEU B 438 18.37 2.67 -0.22
CA LEU B 438 17.42 1.58 -0.14
C LEU B 438 17.07 1.25 1.31
N LYS B 439 18.10 1.10 2.15
CA LYS B 439 17.86 0.78 3.56
C LYS B 439 17.01 1.86 4.24
N THR B 440 17.31 3.13 3.96
CA THR B 440 16.53 4.22 4.55
C THR B 440 15.10 4.21 4.03
N ALA B 441 14.91 3.89 2.75
CA ALA B 441 13.57 3.92 2.16
C ALA B 441 12.68 2.84 2.75
N LEU B 442 13.25 1.67 3.09
CA LEU B 442 12.45 0.61 3.69
C LEU B 442 12.15 0.87 5.15
N ILE B 443 13.07 1.53 5.87
CA ILE B 443 12.85 1.84 7.27
C ILE B 443 11.73 2.88 7.41
N TYR B 444 11.83 3.97 6.66
CA TYR B 444 10.88 5.07 6.75
C TYR B 444 9.65 4.89 5.86
N SER B 445 9.63 3.85 5.03
CA SER B 445 8.57 3.63 4.04
C SER B 445 8.41 4.86 3.14
N ASP B 446 9.44 5.09 2.34
CA ASP B 446 9.52 6.27 1.48
C ASP B 446 8.97 5.92 0.10
N ASN B 447 7.80 6.48 -0.22
CA ASN B 447 7.19 6.21 -1.52
C ASN B 447 7.87 7.00 -2.64
N ILE B 448 8.48 8.14 -2.32
CA ILE B 448 9.15 8.93 -3.36
C ILE B 448 10.39 8.20 -3.87
N TYR B 449 11.13 7.55 -2.97
CA TYR B 449 12.25 6.73 -3.41
C TYR B 449 11.78 5.61 -4.33
N THR B 450 10.72 4.91 -3.94
CA THR B 450 10.21 3.81 -4.76
C THR B 450 9.67 4.33 -6.09
N ALA B 451 8.96 5.46 -6.06
CA ALA B 451 8.43 6.02 -7.30
C ALA B 451 9.55 6.45 -8.25
N GLN B 452 10.68 6.90 -7.71
CA GLN B 452 11.79 7.31 -8.56
C GLN B 452 12.53 6.10 -9.13
N GLU B 453 12.78 5.09 -8.30
CA GLU B 453 13.48 3.90 -8.79
C GLU B 453 12.61 3.09 -9.74
N THR B 454 11.29 3.15 -9.56
CA THR B 454 10.39 2.46 -10.48
C THR B 454 10.44 3.09 -11.87
N LEU B 455 10.43 4.44 -11.93
CA LEU B 455 10.51 5.11 -13.21
C LEU B 455 11.87 4.89 -13.87
N LYS B 456 12.94 4.88 -13.08
CA LYS B 456 14.26 4.57 -13.63
C LYS B 456 14.33 3.15 -14.15
N MET B 457 13.62 2.22 -13.50
CA MET B 457 13.63 0.83 -13.95
C MET B 457 12.93 0.67 -15.30
N GLY B 458 11.88 1.44 -15.53
CA GLY B 458 11.13 1.32 -16.77
C GLY B 458 10.04 0.27 -16.68
N GLU B 459 9.01 0.48 -17.50
CA GLU B 459 7.87 -0.43 -17.48
C GLU B 459 8.28 -1.84 -17.92
N LYS B 460 9.14 -1.93 -18.93
CA LYS B 460 9.50 -3.24 -19.48
C LYS B 460 10.24 -4.09 -18.45
N LYS B 461 11.29 -3.54 -17.85
CA LYS B 461 12.03 -4.30 -16.83
C LYS B 461 11.19 -4.55 -15.59
N PHE B 462 10.29 -3.62 -15.25
CA PHE B 462 9.46 -3.80 -14.06
C PHE B 462 8.47 -4.94 -14.24
N ARG B 463 7.81 -5.00 -15.40
CA ARG B 463 6.89 -6.09 -15.65
C ARG B 463 7.61 -7.42 -15.81
N THR B 464 8.82 -7.41 -16.36
CA THR B 464 9.60 -8.63 -16.47
C THR B 464 9.86 -9.23 -15.10
N GLY B 465 10.12 -8.38 -14.10
CA GLY B 465 10.28 -8.88 -12.74
C GLY B 465 8.97 -9.28 -12.11
N LEU B 466 7.88 -8.59 -12.44
CA LEU B 466 6.58 -8.92 -11.86
C LEU B 466 6.02 -10.21 -12.46
N ASP B 467 6.26 -10.44 -13.74
CA ASP B 467 5.69 -11.60 -14.41
C ASP B 467 6.23 -12.92 -13.87
N LYS B 468 7.38 -12.90 -13.20
CA LYS B 468 7.89 -14.11 -12.56
C LYS B 468 7.09 -14.51 -11.33
N PHE B 469 6.10 -13.72 -10.92
CA PHE B 469 5.28 -14.04 -9.74
C PHE B 469 4.03 -14.82 -10.15
N ILE B 470 2.93 -14.58 -9.44
CA ILE B 470 1.71 -15.37 -9.60
C ILE B 470 0.57 -14.54 -10.16
N PHE B 471 0.87 -13.44 -10.85
CA PHE B 471 -0.18 -12.63 -11.44
C PHE B 471 -0.88 -13.39 -12.55
N GLY B 472 -2.21 -13.48 -12.46
CA GLY B 472 -3.00 -14.20 -13.44
C GLY B 472 -3.16 -15.68 -13.17
N GLU B 473 -2.62 -16.19 -12.07
CA GLU B 473 -2.68 -17.60 -11.75
C GLU B 473 -3.84 -17.89 -10.80
N ASP B 474 -4.56 -18.97 -11.08
CA ASP B 474 -5.64 -19.43 -10.21
C ASP B 474 -5.06 -20.42 -9.22
N LEU B 475 -5.03 -20.04 -7.95
CA LEU B 475 -4.46 -20.90 -6.92
C LEU B 475 -5.35 -22.12 -6.67
N ASP B 476 -4.72 -23.23 -6.28
CA ASP B 476 -5.44 -24.47 -6.02
C ASP B 476 -5.93 -24.47 -4.56
N LEU B 477 -6.94 -23.66 -4.32
CA LEU B 477 -7.52 -23.52 -3.00
C LEU B 477 -9.05 -23.54 -3.09
N PRO B 478 -9.71 -24.18 -2.14
CA PRO B 478 -11.18 -24.26 -2.18
C PRO B 478 -11.86 -22.98 -1.72
N ILE B 479 -11.32 -21.83 -2.11
CA ILE B 479 -11.87 -20.53 -1.77
C ILE B 479 -12.16 -19.79 -3.07
N SER B 480 -13.42 -19.37 -3.24
CA SER B 480 -13.80 -18.61 -4.43
C SER B 480 -12.95 -17.35 -4.51
N MET B 481 -12.17 -17.24 -5.58
CA MET B 481 -11.14 -16.22 -5.67
C MET B 481 -10.92 -15.83 -7.12
N ASN B 482 -10.48 -14.57 -7.32
CA ASN B 482 -10.04 -14.07 -8.61
C ASN B 482 -8.53 -13.91 -8.64
N PRO B 483 -7.89 -14.15 -9.79
CA PRO B 483 -6.43 -14.07 -9.85
C PRO B 483 -5.94 -12.63 -9.72
N ALA B 484 -4.72 -12.48 -9.20
CA ALA B 484 -4.14 -11.16 -9.02
C ALA B 484 -3.74 -10.57 -10.36
N GLN B 485 -3.88 -9.24 -10.47
CA GLN B 485 -3.54 -8.53 -11.69
C GLN B 485 -2.53 -7.43 -11.39
N ILE B 486 -1.71 -7.12 -12.39
CA ILE B 486 -0.80 -5.97 -12.28
C ILE B 486 -1.54 -4.69 -12.62
N SER B 487 -2.38 -4.73 -13.64
CA SER B 487 -3.20 -3.58 -14.03
C SER B 487 -4.39 -4.12 -14.81
N ASN B 488 -5.18 -3.20 -15.38
CA ASN B 488 -6.31 -3.64 -16.22
C ASN B 488 -5.82 -4.22 -17.53
N GLU B 489 -4.97 -3.48 -18.25
CA GLU B 489 -4.41 -3.95 -19.51
C GLU B 489 -2.95 -4.34 -19.30
N ASP B 490 -2.35 -4.88 -20.37
CA ASP B 490 -0.98 -5.36 -20.31
C ASP B 490 0.06 -4.24 -20.42
N SER B 491 -0.37 -3.00 -20.57
CA SER B 491 0.54 -1.87 -20.63
C SER B 491 0.00 -0.74 -19.77
N PHE B 492 0.86 -0.16 -18.94
CA PHE B 492 0.44 0.95 -18.08
C PHE B 492 0.02 2.15 -18.92
N ASN B 493 0.80 2.49 -19.94
CA ASN B 493 0.53 3.62 -20.82
C ASN B 493 0.39 4.93 -20.03
N SER B 494 1.08 5.03 -18.91
CA SER B 494 1.03 6.22 -18.06
C SER B 494 2.18 6.18 -17.08
N ASP B 495 3.10 7.14 -17.18
CA ASP B 495 4.20 7.21 -16.23
C ASP B 495 3.69 7.37 -14.81
N ILE B 496 2.56 8.05 -14.62
CA ILE B 496 1.98 8.20 -13.29
C ILE B 496 1.57 6.84 -12.73
N LEU B 497 0.88 6.04 -13.54
CA LEU B 497 0.42 4.73 -13.08
C LEU B 497 1.60 3.82 -12.78
N LEU B 498 2.66 3.90 -13.59
CA LEU B 498 3.85 3.10 -13.32
C LEU B 498 4.47 3.45 -11.97
N ALA B 499 4.55 4.75 -11.67
CA ALA B 499 5.10 5.16 -10.39
C ALA B 499 4.23 4.68 -9.23
N ASP B 500 2.91 4.79 -9.37
CA ASP B 500 2.01 4.31 -8.33
C ASP B 500 2.16 2.81 -8.13
N THR B 501 2.20 2.05 -9.22
CA THR B 501 2.40 0.61 -9.13
C THR B 501 3.72 0.26 -8.47
N GLY B 502 4.70 1.17 -8.51
CA GLY B 502 5.97 0.91 -7.86
C GLY B 502 5.82 0.67 -6.37
N TYR B 503 5.12 1.57 -5.68
CA TYR B 503 4.84 1.41 -4.26
C TYR B 503 3.45 0.84 -3.99
N GLY B 504 2.93 0.06 -4.94
CA GLY B 504 1.83 -0.84 -4.64
C GLY B 504 0.45 -0.24 -4.50
N GLN B 505 0.11 0.75 -5.33
CA GLN B 505 -1.26 1.23 -5.36
C GLN B 505 -1.60 1.90 -6.68
N GLY B 506 -1.60 1.12 -7.75
CA GLY B 506 -2.12 1.58 -9.03
C GLY B 506 -3.40 0.85 -9.35
N GLU B 507 -3.39 0.04 -10.40
CA GLU B 507 -4.48 -0.89 -10.66
C GLU B 507 -4.18 -2.29 -10.15
N LEU B 508 -3.24 -2.41 -9.20
CA LEU B 508 -2.92 -3.69 -8.60
C LEU B 508 -4.10 -4.22 -7.80
N LEU B 509 -4.36 -5.52 -7.95
CA LEU B 509 -5.40 -6.20 -7.18
C LEU B 509 -4.83 -7.54 -6.72
N ILE B 510 -4.55 -7.64 -5.42
CA ILE B 510 -3.97 -8.85 -4.84
C ILE B 510 -4.65 -9.09 -3.50
N ASN B 511 -5.32 -10.24 -3.36
CA ASN B 511 -5.96 -10.57 -2.09
C ASN B 511 -4.93 -11.04 -1.08
N PRO B 512 -5.24 -10.95 0.22
CA PRO B 512 -4.24 -11.26 1.24
C PRO B 512 -3.64 -12.65 1.14
N ILE B 513 -4.38 -13.63 0.61
CA ILE B 513 -3.80 -14.95 0.43
C ILE B 513 -2.75 -14.94 -0.67
N GLN B 514 -3.03 -14.25 -1.78
CA GLN B 514 -2.04 -14.08 -2.83
C GLN B 514 -0.88 -13.21 -2.37
N GLN B 515 -1.12 -12.28 -1.45
CA GLN B 515 -0.04 -11.45 -0.92
C GLN B 515 0.94 -12.31 -0.13
N ALA B 516 0.43 -13.15 0.77
CA ALA B 516 1.30 -14.02 1.56
C ALA B 516 2.07 -14.99 0.67
N ALA B 517 1.51 -15.35 -0.49
CA ALA B 517 2.24 -16.20 -1.43
C ALA B 517 3.41 -15.44 -2.04
N MET B 518 3.16 -14.23 -2.52
CA MET B 518 4.22 -13.44 -3.15
C MET B 518 5.28 -13.05 -2.14
N TYR B 519 4.89 -12.77 -0.90
CA TYR B 519 5.85 -12.36 0.11
C TYR B 519 6.63 -13.52 0.71
N SER B 520 6.25 -14.77 0.40
CA SER B 520 6.96 -15.92 0.92
C SER B 520 8.35 -16.08 0.34
N VAL B 521 8.68 -15.34 -0.74
CA VAL B 521 10.00 -15.46 -1.36
C VAL B 521 11.10 -15.02 -0.41
N PHE B 522 10.79 -14.11 0.52
CA PHE B 522 11.77 -13.62 1.47
C PHE B 522 12.05 -14.62 2.59
N ALA B 523 11.35 -15.76 2.61
CA ALA B 523 11.62 -16.81 3.59
C ALA B 523 12.10 -18.09 2.93
N ASN B 524 12.34 -18.07 1.61
CA ASN B 524 12.82 -19.26 0.91
C ASN B 524 13.91 -18.91 -0.11
N ASN B 525 14.60 -17.79 0.08
CA ASN B 525 15.70 -17.37 -0.81
C ASN B 525 15.23 -17.26 -2.25
N GLY B 526 14.17 -16.50 -2.46
CA GLY B 526 13.69 -16.24 -3.81
C GLY B 526 12.83 -17.34 -4.41
N THR B 527 12.33 -18.26 -3.59
CA THR B 527 11.46 -19.33 -4.07
C THR B 527 10.06 -19.10 -3.52
N LEU B 528 9.09 -18.96 -4.42
CA LEU B 528 7.70 -18.74 -4.02
C LEU B 528 7.06 -20.06 -3.64
N VAL B 529 6.40 -20.09 -2.49
CA VAL B 529 5.70 -21.27 -1.98
C VAL B 529 4.21 -21.00 -2.03
N TYR B 530 3.49 -21.76 -2.83
CA TYR B 530 2.05 -21.57 -2.95
C TYR B 530 1.36 -21.90 -1.63
N PRO B 531 0.34 -21.14 -1.25
CA PRO B 531 -0.36 -21.42 0.02
C PRO B 531 -1.14 -22.72 -0.07
N LYS B 532 -1.34 -23.33 1.10
CA LYS B 532 -1.99 -24.63 1.19
C LYS B 532 -3.00 -24.60 2.33
N LEU B 533 -4.23 -25.04 2.04
CA LEU B 533 -5.29 -25.08 3.04
C LEU B 533 -5.65 -26.47 3.52
N ILE B 534 -5.57 -27.47 2.65
CA ILE B 534 -5.85 -28.85 3.02
C ILE B 534 -4.57 -29.49 3.53
N ALA B 535 -4.67 -30.19 4.66
CA ALA B 535 -3.47 -30.66 5.35
C ALA B 535 -2.74 -31.76 4.57
N ASP B 536 -3.46 -32.52 3.75
CA ASP B 536 -2.85 -33.67 3.08
C ASP B 536 -2.19 -33.33 1.76
N LYS B 537 -2.47 -32.16 1.19
CA LYS B 537 -1.91 -31.82 -0.11
C LYS B 537 -0.40 -31.63 -0.03
N GLU B 538 0.24 -31.73 -1.19
CA GLU B 538 1.69 -31.60 -1.30
C GLU B 538 2.08 -30.13 -1.44
N THR B 539 3.32 -29.84 -1.05
CA THR B 539 3.83 -28.48 -1.09
C THR B 539 4.26 -28.13 -2.52
N LYS B 540 3.59 -27.16 -3.12
CA LYS B 540 3.93 -26.67 -4.45
C LYS B 540 4.79 -25.42 -4.31
N ASP B 541 5.78 -25.28 -5.19
CA ASP B 541 6.74 -24.19 -5.11
C ASP B 541 7.05 -23.65 -6.50
N LYS B 542 7.65 -22.47 -6.52
CA LYS B 542 8.06 -21.80 -7.76
C LYS B 542 9.44 -21.21 -7.51
N LYS B 543 10.47 -21.86 -8.04
CA LYS B 543 11.84 -21.50 -7.74
C LYS B 543 12.33 -20.37 -8.63
N ASN B 544 13.30 -19.60 -8.10
CA ASN B 544 13.97 -18.53 -8.83
C ASN B 544 12.99 -17.42 -9.23
N VAL B 545 12.13 -17.03 -8.29
CA VAL B 545 11.26 -15.88 -8.53
C VAL B 545 12.05 -14.59 -8.46
N ILE B 546 12.79 -14.39 -7.36
CA ILE B 546 13.73 -13.28 -7.23
C ILE B 546 15.08 -13.85 -6.83
N GLY B 547 16.11 -13.02 -6.97
CA GLY B 547 17.46 -13.48 -6.68
C GLY B 547 17.72 -13.59 -5.19
N GLU B 548 18.52 -14.61 -4.84
CA GLU B 548 18.92 -14.78 -3.44
C GLU B 548 19.75 -13.60 -2.96
N THR B 549 20.45 -12.92 -3.86
CA THR B 549 21.17 -11.71 -3.48
C THR B 549 20.22 -10.62 -3.02
N ALA B 550 19.06 -10.50 -3.68
CA ALA B 550 18.08 -9.50 -3.29
C ALA B 550 17.46 -9.83 -1.95
N VAL B 551 17.24 -11.11 -1.67
CA VAL B 551 16.66 -11.52 -0.39
C VAL B 551 17.61 -11.20 0.75
N GLN B 552 18.88 -11.60 0.61
CA GLN B 552 19.88 -11.33 1.63
C GLN B 552 20.20 -9.85 1.77
N THR B 553 19.72 -9.01 0.85
CA THR B 553 19.90 -7.57 0.95
C THR B 553 18.69 -6.89 1.62
N ILE B 554 17.48 -7.40 1.35
CA ILE B 554 16.27 -6.74 1.84
C ILE B 554 15.89 -7.21 3.24
N VAL B 555 16.03 -8.51 3.52
CA VAL B 555 15.66 -9.03 4.84
C VAL B 555 16.40 -8.33 5.97
N PRO B 556 17.73 -8.11 5.89
CA PRO B 556 18.37 -7.32 6.96
C PRO B 556 17.78 -5.91 7.07
N ASP B 557 17.40 -5.30 5.95
CA ASP B 557 16.73 -4.00 6.01
C ASP B 557 15.36 -4.13 6.65
N LEU B 558 14.65 -5.24 6.39
CA LEU B 558 13.36 -5.45 7.02
C LEU B 558 13.48 -5.66 8.52
N ARG B 559 14.63 -6.17 8.99
CA ARG B 559 14.88 -6.21 10.42
C ARG B 559 14.94 -4.81 11.01
N GLU B 560 15.61 -3.89 10.32
CA GLU B 560 15.73 -2.51 10.80
C GLU B 560 14.38 -1.80 10.83
N VAL B 561 13.40 -2.25 10.04
CA VAL B 561 12.07 -1.68 10.13
C VAL B 561 11.51 -1.85 11.54
N VAL B 562 11.96 -2.88 12.25
CA VAL B 562 11.52 -3.14 13.62
C VAL B 562 12.53 -2.60 14.64
N GLN B 563 13.83 -2.71 14.33
CA GLN B 563 14.86 -2.40 15.31
C GLN B 563 15.24 -0.92 15.32
N ASP B 564 15.30 -0.27 14.16
CA ASP B 564 15.62 1.15 14.12
C ASP B 564 14.55 1.94 14.85
N VAL B 565 14.98 2.94 15.61
CA VAL B 565 14.05 3.70 16.44
C VAL B 565 13.09 4.54 15.60
N ASN B 566 13.46 4.86 14.37
CA ASN B 566 12.57 5.55 13.45
C ASN B 566 11.91 4.60 12.46
N GLY B 567 12.00 3.29 12.70
CA GLY B 567 11.29 2.34 11.86
C GLY B 567 9.79 2.42 12.05
N THR B 568 9.06 2.14 10.97
CA THR B 568 7.61 2.24 11.02
C THR B 568 6.98 1.15 11.89
N ALA B 569 7.69 0.05 12.12
CA ALA B 569 7.21 -1.03 12.97
C ALA B 569 8.03 -1.16 14.25
N HIS B 570 8.65 -0.06 14.68
CA HIS B 570 9.49 -0.10 15.88
C HIS B 570 8.71 -0.50 17.12
N SER B 571 7.39 -0.29 17.13
CA SER B 571 6.58 -0.72 18.26
C SER B 571 6.58 -2.23 18.45
N LEU B 572 6.97 -2.99 17.42
CA LEU B 572 7.06 -4.44 17.52
C LEU B 572 8.35 -4.91 18.16
N SER B 573 9.35 -4.04 18.31
CA SER B 573 10.55 -4.40 19.06
C SER B 573 10.27 -4.63 20.53
N ALA B 574 9.10 -4.20 21.03
CA ALA B 574 8.70 -4.50 22.39
C ALA B 574 8.61 -6.00 22.62
N LEU B 575 8.35 -6.78 21.57
CA LEU B 575 8.27 -8.23 21.71
C LEU B 575 9.60 -8.83 22.14
N GLY B 576 10.70 -8.34 21.59
CA GLY B 576 11.99 -8.94 21.86
C GLY B 576 12.21 -10.25 21.12
N ILE B 577 11.58 -10.41 19.97
CA ILE B 577 11.73 -11.63 19.16
C ILE B 577 12.32 -11.23 17.82
N PRO B 578 12.97 -12.16 17.13
CA PRO B 578 13.50 -11.85 15.79
C PRO B 578 12.35 -11.58 14.83
N LEU B 579 12.33 -10.37 14.26
CA LEU B 579 11.24 -9.94 13.41
C LEU B 579 11.78 -9.14 12.23
N ALA B 580 11.48 -9.59 11.02
CA ALA B 580 11.67 -8.80 9.81
C ALA B 580 10.28 -8.41 9.31
N ALA B 581 10.00 -7.12 9.30
CA ALA B 581 8.66 -6.64 9.02
C ALA B 581 8.68 -5.49 8.03
N LYS B 582 7.49 -5.17 7.52
CA LYS B 582 7.27 -4.03 6.63
C LYS B 582 5.84 -3.57 6.78
N THR B 583 5.65 -2.25 6.90
CA THR B 583 4.32 -1.67 6.98
C THR B 583 3.95 -1.06 5.63
N GLY B 584 2.77 -0.49 5.57
CA GLY B 584 2.31 0.12 4.34
C GLY B 584 0.95 0.75 4.50
N THR B 585 0.68 1.73 3.63
CA THR B 585 -0.60 2.40 3.55
C THR B 585 -1.04 2.47 2.09
N ALA B 586 -2.33 2.72 1.89
CA ALA B 586 -2.89 2.82 0.55
C ALA B 586 -4.07 3.78 0.58
N GLU B 587 -4.00 4.83 -0.23
CA GLU B 587 -5.07 5.82 -0.32
C GLU B 587 -6.06 5.39 -1.40
N ILE B 588 -7.33 5.28 -1.03
CA ILE B 588 -8.40 4.89 -1.94
C ILE B 588 -9.40 6.04 -2.00
N LYS B 589 -9.68 6.53 -3.21
CA LYS B 589 -10.60 7.66 -3.38
C LYS B 589 -11.06 7.66 -4.84
N GLU B 590 -12.16 6.96 -5.11
CA GLU B 590 -12.78 6.99 -6.42
C GLU B 590 -13.84 8.09 -6.43
N LYS B 591 -14.76 8.05 -7.40
CA LYS B 591 -15.83 9.04 -7.43
C LYS B 591 -16.88 8.75 -6.36
N GLN B 592 -17.06 7.49 -5.99
CA GLN B 592 -18.07 7.12 -5.00
C GLN B 592 -17.66 7.43 -3.56
N ASP B 593 -16.37 7.66 -3.32
CA ASP B 593 -15.91 7.90 -1.96
C ASP B 593 -16.11 9.35 -1.57
N VAL B 594 -16.54 9.58 -0.32
CA VAL B 594 -16.78 10.91 0.19
C VAL B 594 -15.46 11.66 0.26
N LYS B 595 -14.65 11.35 1.27
CA LYS B 595 -13.28 11.84 1.39
C LYS B 595 -12.32 10.69 1.12
N GLY B 596 -11.04 10.92 1.41
CA GLY B 596 -10.03 9.90 1.17
C GLY B 596 -10.07 8.84 2.26
N LYS B 597 -10.02 7.58 1.84
CA LYS B 597 -9.97 6.45 2.76
C LYS B 597 -8.60 5.78 2.68
N GLU B 598 -8.06 5.41 3.84
CA GLU B 598 -6.73 4.83 3.93
C GLU B 598 -6.82 3.41 4.47
N ASN B 599 -6.00 2.53 3.91
CA ASN B 599 -5.88 1.14 4.36
C ASN B 599 -4.47 0.93 4.91
N SER B 600 -4.38 0.28 6.06
CA SER B 600 -3.11 0.05 6.74
C SER B 600 -2.72 -1.41 6.62
N PHE B 601 -1.45 -1.65 6.30
CA PHE B 601 -0.92 -2.99 6.08
C PHE B 601 0.24 -3.27 7.02
N LEU B 602 0.45 -4.56 7.30
CA LEU B 602 1.63 -5.01 8.03
C LEU B 602 2.01 -6.39 7.52
N PHE B 603 3.29 -6.54 7.18
CA PHE B 603 3.87 -7.82 6.81
C PHE B 603 5.00 -8.13 7.77
N ALA B 604 5.02 -9.35 8.29
CA ALA B 604 6.03 -9.74 9.27
C ALA B 604 6.26 -11.24 9.20
N PHE B 605 7.50 -11.64 9.50
CA PHE B 605 7.87 -13.05 9.52
C PHE B 605 9.17 -13.19 10.29
N ASN B 606 9.42 -14.39 10.78
CA ASN B 606 10.62 -14.66 11.55
C ASN B 606 11.80 -14.85 10.61
N PRO B 607 12.77 -13.93 10.61
CA PRO B 607 13.90 -14.04 9.68
C PRO B 607 14.95 -15.06 10.09
N ASP B 608 14.88 -15.61 11.31
CA ASP B 608 15.86 -16.58 11.77
C ASP B 608 15.49 -18.00 11.36
N ASN B 609 14.26 -18.42 11.65
CA ASN B 609 13.83 -19.79 11.39
C ASN B 609 12.85 -19.91 10.23
N GLN B 610 12.28 -18.80 9.76
CA GLN B 610 11.25 -18.80 8.73
C GLN B 610 10.06 -19.67 9.14
N GLY B 611 9.74 -19.69 10.43
CA GLY B 611 8.70 -20.57 10.92
C GLY B 611 7.29 -20.09 10.66
N TYR B 612 7.09 -18.77 10.59
CA TYR B 612 5.77 -18.20 10.36
C TYR B 612 5.88 -16.96 9.50
N MET B 613 4.77 -16.58 8.89
CA MET B 613 4.66 -15.37 8.11
C MET B 613 3.25 -14.82 8.27
N MET B 614 3.13 -13.49 8.28
CA MET B 614 1.88 -12.85 8.59
C MET B 614 1.68 -11.61 7.73
N VAL B 615 0.49 -11.48 7.16
CA VAL B 615 0.06 -10.26 6.48
C VAL B 615 -1.29 -9.85 7.06
N SER B 616 -1.39 -8.59 7.48
CA SER B 616 -2.60 -8.08 8.12
C SER B 616 -2.96 -6.73 7.52
N MET B 617 -4.26 -6.51 7.34
CA MET B 617 -4.78 -5.30 6.72
C MET B 617 -5.90 -4.72 7.57
N LEU B 618 -6.01 -3.39 7.53
CA LEU B 618 -7.10 -2.66 8.18
C LEU B 618 -7.77 -1.80 7.11
N GLU B 619 -8.89 -2.28 6.58
CA GLU B 619 -9.59 -1.56 5.53
C GLU B 619 -10.30 -0.35 6.11
N ASN B 620 -10.14 0.80 5.45
CA ASN B 620 -10.77 2.06 5.85
C ASN B 620 -10.49 2.34 7.32
N LYS B 621 -9.21 2.52 7.62
CA LYS B 621 -8.77 2.62 9.00
C LYS B 621 -9.32 3.87 9.67
N GLU B 622 -9.67 3.72 10.95
CA GLU B 622 -9.92 4.88 11.78
C GLU B 622 -8.61 5.63 12.03
N ASP B 623 -8.73 6.90 12.40
CA ASP B 623 -7.54 7.68 12.70
C ASP B 623 -6.80 7.11 13.90
N ASP B 624 -5.47 7.17 13.86
CA ASP B 624 -4.59 6.67 14.91
C ASP B 624 -4.70 5.17 15.10
N ASP B 625 -5.14 4.44 14.08
CA ASP B 625 -5.23 2.99 14.11
C ASP B 625 -4.39 2.40 13.00
N SER B 626 -3.84 1.21 13.23
CA SER B 626 -2.97 0.59 12.24
C SER B 626 -2.91 -0.91 12.48
N ALA B 627 -2.48 -1.62 11.44
CA ALA B 627 -2.33 -3.08 11.55
C ALA B 627 -1.20 -3.46 12.49
N THR B 628 -0.16 -2.64 12.57
CA THR B 628 0.95 -2.92 13.47
C THR B 628 0.53 -2.82 14.93
N LYS B 629 -0.43 -1.94 15.22
CA LYS B 629 -0.87 -1.75 16.61
C LYS B 629 -1.51 -3.00 17.19
N ARG B 630 -2.10 -3.84 16.35
CA ARG B 630 -2.91 -4.96 16.81
C ARG B 630 -2.25 -6.32 16.58
N ALA B 631 -0.99 -6.34 16.13
CA ALA B 631 -0.32 -7.58 15.77
C ALA B 631 0.62 -8.09 16.86
N SER B 632 0.59 -7.49 18.05
CA SER B 632 1.50 -7.91 19.11
C SER B 632 1.19 -9.32 19.58
N GLU B 633 -0.08 -9.67 19.70
CA GLU B 633 -0.45 -10.95 20.29
C GLU B 633 -0.29 -12.10 19.30
N LEU B 634 -0.69 -11.91 18.05
CA LEU B 634 -0.58 -12.99 17.07
C LEU B 634 0.89 -13.33 16.80
N LEU B 635 1.76 -12.32 16.80
CA LEU B 635 3.18 -12.58 16.56
C LEU B 635 3.79 -13.37 17.70
N GLN B 636 3.35 -13.13 18.94
CA GLN B 636 3.84 -13.92 20.06
C GLN B 636 3.48 -15.39 19.90
N TYR B 637 2.22 -15.66 19.54
CA TYR B 637 1.76 -17.04 19.40
C TYR B 637 2.49 -17.75 18.28
N LEU B 638 2.59 -17.11 17.11
CA LEU B 638 3.26 -17.73 15.98
C LEU B 638 4.75 -17.93 16.26
N ASN B 639 5.38 -17.01 16.97
CA ASN B 639 6.79 -17.15 17.30
C ASN B 639 7.03 -18.26 18.31
N GLN B 640 6.07 -18.49 19.20
CA GLN B 640 6.22 -19.52 20.21
C GLN B 640 5.95 -20.92 19.65
N ASN B 641 4.91 -21.06 18.83
CA ASN B 641 4.42 -22.37 18.42
C ASN B 641 4.85 -22.79 17.03
N TYR B 642 5.58 -21.94 16.28
CA TYR B 642 5.96 -22.26 14.90
C TYR B 642 7.38 -21.76 14.65
N GLN B 643 8.36 -22.55 15.08
CA GLN B 643 9.77 -22.24 14.84
C GLN B 643 10.28 -23.03 13.65
N THR C 4 28.48 76.14 58.46
CA THR C 4 27.47 75.14 58.16
C THR C 4 27.13 75.13 56.66
N GLN C 5 26.95 76.32 56.09
CA GLN C 5 26.69 76.42 54.66
C GLN C 5 27.86 75.90 53.84
N ALA C 6 29.08 76.28 54.23
CA ALA C 6 30.27 75.77 53.55
C ALA C 6 30.55 74.32 53.90
N VAL C 7 30.08 73.85 55.06
CA VAL C 7 30.28 72.45 55.43
C VAL C 7 29.37 71.53 54.61
N GLU C 8 28.15 71.99 54.33
CA GLU C 8 27.23 71.20 53.51
C GLU C 8 27.74 71.07 52.08
N ALA C 9 28.42 72.08 51.56
CA ALA C 9 29.01 71.98 50.23
C ALA C 9 30.19 71.00 50.23
N GLY C 10 30.93 70.92 51.34
CA GLY C 10 31.99 69.94 51.43
C GLY C 10 31.47 68.52 51.37
N GLU C 11 30.41 68.24 52.13
CA GLU C 11 29.78 66.93 52.08
C GLU C 11 29.28 66.63 50.67
N LYS C 12 28.69 67.63 50.00
CA LYS C 12 28.20 67.44 48.64
C LYS C 12 29.35 67.11 47.69
N THR C 13 30.49 67.79 47.86
CA THR C 13 31.65 67.52 47.02
C THR C 13 32.13 66.07 47.20
N VAL C 14 32.25 65.62 48.44
CA VAL C 14 32.65 64.24 48.70
C VAL C 14 31.64 63.25 48.12
N GLU C 15 30.35 63.55 48.27
CA GLU C 15 29.32 62.66 47.74
C GLU C 15 29.40 62.55 46.22
N GLN C 16 29.54 63.70 45.54
CA GLN C 16 29.69 63.69 44.08
C GLN C 16 31.00 63.01 43.66
N PHE C 17 32.05 63.12 44.48
CA PHE C 17 33.32 62.50 44.14
C PHE C 17 33.22 60.98 44.16
N VAL C 18 32.64 60.43 45.24
CA VAL C 18 32.50 58.98 45.32
C VAL C 18 31.56 58.47 44.24
N GLN C 19 30.47 59.20 43.98
CA GLN C 19 29.54 58.79 42.93
C GLN C 19 30.24 58.71 41.58
N ALA C 20 31.08 59.70 41.26
CA ALA C 20 31.82 59.66 40.01
C ALA C 20 32.77 58.47 39.96
N LEU C 21 33.36 58.12 41.10
CA LEU C 21 34.19 56.92 41.16
C LEU C 21 33.34 55.67 41.02
N ASN C 22 32.15 55.65 41.62
CA ASN C 22 31.30 54.47 41.57
C ASN C 22 30.78 54.21 40.16
N LYS C 23 30.52 55.25 39.39
CA LYS C 23 30.04 55.09 38.03
C LYS C 23 31.18 54.92 37.02
N GLY C 24 32.42 54.83 37.48
CA GLY C 24 33.56 54.65 36.61
C GLY C 24 34.04 55.88 35.89
N ASP C 25 33.38 57.03 36.07
CA ASP C 25 33.78 58.28 35.40
C ASP C 25 34.92 58.89 36.21
N TYR C 26 36.14 58.42 35.92
CA TYR C 26 37.30 58.87 36.67
C TYR C 26 37.68 60.30 36.32
N ASN C 27 37.48 60.71 35.07
CA ASN C 27 37.77 62.09 34.69
C ASN C 27 36.89 63.07 35.46
N LYS C 28 35.61 62.74 35.62
CA LYS C 28 34.70 63.59 36.40
C LYS C 28 35.18 63.72 37.84
N ALA C 29 35.64 62.60 38.43
CA ALA C 29 36.15 62.64 39.79
C ALA C 29 37.47 63.40 39.87
N ALA C 30 38.31 63.27 38.83
CA ALA C 30 39.59 63.97 38.84
C ALA C 30 39.40 65.47 38.64
N GLU C 31 38.32 65.88 38.00
CA GLU C 31 38.03 67.29 37.79
C GLU C 31 37.44 67.96 39.03
N MET C 32 37.14 67.19 40.07
CA MET C 32 36.67 67.74 41.34
C MET C 32 37.81 67.95 42.33
N THR C 33 39.05 67.70 41.92
CA THR C 33 40.20 67.81 42.80
C THR C 33 40.83 69.19 42.65
N SER C 34 41.51 69.63 43.71
CA SER C 34 42.14 70.94 43.72
C SER C 34 43.38 70.94 42.82
N LYS C 35 44.04 72.10 42.75
CA LYS C 35 45.24 72.22 41.94
C LYS C 35 46.37 71.39 42.54
N LYS C 36 47.34 71.05 41.69
CA LYS C 36 48.48 70.25 42.11
C LYS C 36 49.45 71.11 42.91
N ALA C 37 49.72 70.71 44.15
CA ALA C 37 50.63 71.46 45.01
C ALA C 37 51.10 70.52 46.13
N ALA C 38 51.67 71.11 47.18
CA ALA C 38 52.15 70.38 48.34
C ALA C 38 51.03 70.14 49.34
N ASN C 39 50.31 71.20 49.70
CA ASN C 39 49.20 71.09 50.64
C ASN C 39 47.85 70.89 49.96
N LYS C 40 47.78 71.06 48.65
CA LYS C 40 46.56 70.86 47.89
C LYS C 40 46.58 69.44 47.31
N SER C 41 46.30 69.23 46.02
CA SER C 41 46.30 67.90 45.43
C SER C 41 47.70 67.43 45.10
N ALA C 42 47.89 66.10 45.11
CA ALA C 42 49.20 65.52 44.92
C ALA C 42 49.54 65.25 43.46
N LEU C 43 48.54 65.14 42.58
CA LEU C 43 48.77 64.86 41.17
C LEU C 43 47.86 65.74 40.33
N SER C 44 48.13 65.79 39.03
CA SER C 44 47.30 66.55 38.11
C SER C 44 46.03 65.77 37.79
N GLU C 45 45.13 66.43 37.06
CA GLU C 45 43.86 65.79 36.72
C GLU C 45 44.06 64.57 35.83
N LYS C 46 44.90 64.71 34.80
CA LYS C 46 45.18 63.57 33.92
C LYS C 46 45.90 62.46 34.67
N GLU C 47 46.80 62.82 35.59
CA GLU C 47 47.52 61.80 36.36
C GLU C 47 46.58 61.07 37.31
N ILE C 48 45.64 61.78 37.92
CA ILE C 48 44.66 61.14 38.79
C ILE C 48 43.76 60.21 37.98
N LEU C 49 43.38 60.64 36.78
CA LEU C 49 42.57 59.80 35.90
C LEU C 49 43.28 58.48 35.62
N ASP C 50 44.55 58.54 35.22
CA ASP C 50 45.29 57.33 34.89
C ASP C 50 45.49 56.43 36.10
N LYS C 51 45.69 57.04 37.28
CA LYS C 51 45.91 56.23 38.48
C LYS C 51 44.68 55.40 38.83
N TYR C 52 43.50 56.01 38.79
CA TYR C 52 42.28 55.27 39.08
C TYR C 52 42.00 54.24 37.99
N GLN C 53 42.08 54.64 36.73
CA GLN C 53 41.79 53.72 35.62
C GLN C 53 42.69 52.49 35.67
N ASN C 54 43.97 52.69 35.99
CA ASN C 54 44.91 51.56 36.02
C ASN C 54 44.66 50.67 37.23
N ILE C 55 44.58 51.26 38.42
CA ILE C 55 44.49 50.47 39.64
C ILE C 55 43.09 49.86 39.78
N TYR C 56 42.06 50.71 39.76
CA TYR C 56 40.69 50.20 39.91
C TYR C 56 40.31 49.26 38.78
N GLY C 57 40.94 49.41 37.61
CA GLY C 57 40.66 48.51 36.50
C GLY C 57 41.38 47.19 36.59
N ALA C 58 42.55 47.18 37.22
CA ALA C 58 43.28 45.92 37.39
C ALA C 58 42.59 45.01 38.39
N ALA C 59 42.02 45.58 39.44
CA ALA C 59 41.31 44.81 40.46
C ALA C 59 39.83 44.63 40.14
N ASP C 60 39.35 45.17 39.02
CA ASP C 60 37.94 45.12 38.64
C ASP C 60 37.05 45.70 39.75
N VAL C 61 37.47 46.85 40.28
CA VAL C 61 36.72 47.49 41.34
C VAL C 61 35.38 47.95 40.81
N LYS C 62 34.32 47.66 41.56
CA LYS C 62 32.98 47.99 41.12
C LYS C 62 32.06 48.08 42.34
N GLY C 63 31.21 49.11 42.37
CA GLY C 63 30.24 49.27 43.43
C GLY C 63 30.79 49.95 44.66
N LEU C 64 31.45 51.09 44.48
CA LEU C 64 31.98 51.85 45.60
C LEU C 64 30.85 52.63 46.27
N GLN C 65 30.55 52.29 47.52
CA GLN C 65 29.56 53.01 48.31
C GLN C 65 30.14 53.31 49.69
N ILE C 66 29.76 54.47 50.24
CA ILE C 66 30.35 54.96 51.47
C ILE C 66 29.30 55.05 52.58
N SER C 67 29.75 55.42 53.78
CA SER C 67 28.88 55.57 54.94
C SER C 67 29.67 56.29 56.02
N ASN C 68 28.95 56.78 57.04
CA ASN C 68 29.54 57.43 58.20
C ASN C 68 30.38 58.64 57.79
N LEU C 69 29.86 59.44 56.86
CA LEU C 69 30.58 60.61 56.38
C LEU C 69 30.54 61.72 57.43
N LYS C 70 31.71 62.28 57.75
CA LYS C 70 31.83 63.34 58.74
C LYS C 70 32.77 64.41 58.19
N VAL C 71 32.22 65.60 57.93
CA VAL C 71 32.98 66.73 57.43
C VAL C 71 32.93 67.85 58.46
N ASP C 72 34.10 68.31 58.90
CA ASP C 72 34.17 69.43 59.83
C ASP C 72 35.01 70.56 59.23
N LYS C 73 35.78 71.25 60.06
CA LYS C 73 36.60 72.37 59.61
C LYS C 73 37.92 72.34 60.36
N LYS C 74 39.01 72.51 59.62
CA LYS C 74 40.36 72.55 60.19
C LYS C 74 40.96 73.95 60.21
N ASP C 75 40.82 74.70 59.12
CA ASP C 75 41.27 76.08 59.06
C ASP C 75 40.20 76.95 58.41
N ASP C 76 40.54 78.19 58.07
CA ASP C 76 39.57 79.05 57.41
C ASP C 76 39.26 78.59 55.99
N SER C 77 40.16 77.82 55.38
CA SER C 77 39.95 77.27 54.05
C SER C 77 40.06 75.76 53.99
N THR C 78 40.51 75.10 55.05
CA THR C 78 40.72 73.65 55.06
C THR C 78 39.58 72.97 55.80
N TYR C 79 38.93 72.02 55.13
CA TYR C 79 37.86 71.22 55.72
C TYR C 79 38.23 69.75 55.59
N SER C 80 38.38 69.07 56.74
CA SER C 80 38.74 67.67 56.75
C SER C 80 37.50 66.78 56.66
N PHE C 81 37.64 65.65 55.97
CA PHE C 81 36.54 64.70 55.83
C PHE C 81 37.06 63.30 56.10
N SER C 82 36.12 62.40 56.42
CA SER C 82 36.44 61.00 56.69
C SER C 82 35.16 60.19 56.54
N TYR C 83 35.31 58.96 56.03
CA TYR C 83 34.15 58.09 55.83
C TYR C 83 34.60 56.64 55.76
N LYS C 84 33.69 55.74 56.12
CA LYS C 84 33.86 54.33 55.86
C LYS C 84 33.31 54.00 54.48
N ALA C 85 33.90 53.00 53.84
CA ALA C 85 33.49 52.65 52.48
C ALA C 85 33.71 51.16 52.26
N LYS C 86 33.03 50.64 51.23
CA LYS C 86 33.21 49.26 50.83
C LYS C 86 33.05 49.15 49.33
N MET C 87 33.77 48.21 48.74
CA MET C 87 33.78 48.03 47.29
C MET C 87 33.89 46.54 46.97
N ASN C 88 33.56 46.20 45.73
CA ASN C 88 33.64 44.84 45.24
C ASN C 88 34.74 44.73 44.20
N THR C 89 35.62 43.75 44.38
CA THR C 89 36.76 43.52 43.50
C THR C 89 36.65 42.12 42.90
N SER C 90 37.65 41.75 42.10
CA SER C 90 37.69 40.43 41.49
C SER C 90 37.93 39.32 42.51
N LEU C 91 38.39 39.65 43.71
CA LEU C 91 38.61 38.65 44.76
C LEU C 91 37.50 38.60 45.78
N GLY C 92 36.72 39.67 45.93
CA GLY C 92 35.64 39.68 46.91
C GLY C 92 35.26 41.10 47.25
N GLU C 93 34.65 41.26 48.42
CA GLU C 93 34.16 42.55 48.89
C GLU C 93 35.15 43.12 49.90
N LEU C 94 35.72 44.27 49.59
CA LEU C 94 36.54 45.02 50.55
C LEU C 94 35.62 45.80 51.46
N LYS C 95 35.60 45.44 52.75
CA LYS C 95 34.79 46.13 53.74
C LYS C 95 35.68 46.80 54.78
N ASP C 96 35.07 47.70 55.55
CA ASP C 96 35.74 48.42 56.63
C ASP C 96 36.98 49.15 56.11
N LEU C 97 36.76 50.05 55.16
CA LEU C 97 37.81 50.87 54.58
C LEU C 97 37.72 52.27 55.16
N SER C 98 38.73 52.67 55.94
CA SER C 98 38.75 53.97 56.59
C SER C 98 39.47 54.96 55.69
N TYR C 99 38.70 55.83 55.04
CA TYR C 99 39.24 56.87 54.17
C TYR C 99 39.30 58.20 54.91
N LYS C 100 40.25 59.04 54.51
CA LYS C 100 40.43 60.35 55.12
C LYS C 100 41.01 61.29 54.07
N GLY C 101 40.77 62.59 54.28
CA GLY C 101 41.29 63.58 53.37
C GLY C 101 40.93 64.98 53.83
N THR C 102 41.19 65.95 52.95
CA THR C 102 40.91 67.34 53.22
C THR C 102 40.28 67.96 51.98
N LEU C 103 39.68 69.14 52.18
CA LEU C 103 39.05 69.89 51.10
C LEU C 103 39.62 71.30 51.06
N ASP C 104 39.28 72.03 50.00
CA ASP C 104 39.80 73.38 49.81
C ASP C 104 38.73 74.24 49.16
N ARG C 105 38.30 75.29 49.85
CA ARG C 105 37.33 76.25 49.34
C ARG C 105 38.04 77.57 49.05
N ASN C 106 38.91 77.55 48.04
CA ASN C 106 39.71 78.73 47.72
C ASN C 106 38.85 79.82 47.11
N ASP C 107 37.97 79.47 46.17
CA ASP C 107 37.09 80.42 45.53
C ASP C 107 35.64 80.11 45.89
N GLY C 108 34.75 80.18 44.90
CA GLY C 108 33.35 79.85 45.11
C GLY C 108 33.12 78.37 44.93
N GLN C 109 34.18 77.57 45.03
CA GLN C 109 34.12 76.16 44.71
C GLN C 109 34.89 75.37 45.75
N THR C 110 34.25 74.35 46.32
CA THR C 110 34.93 73.40 47.20
C THR C 110 35.46 72.23 46.37
N THR C 111 36.74 71.92 46.53
CA THR C 111 37.39 70.84 45.80
C THR C 111 38.12 69.92 46.77
N ILE C 112 38.41 68.70 46.31
CA ILE C 112 39.07 67.70 47.14
C ILE C 112 40.57 67.85 46.99
N ASN C 113 41.27 67.99 48.12
CA ASN C 113 42.72 67.91 48.12
C ASN C 113 43.13 66.46 47.91
N TRP C 114 43.24 66.04 46.65
CA TRP C 114 43.43 64.63 46.33
C TRP C 114 44.80 64.14 46.79
N GLN C 115 44.81 62.95 47.37
CA GLN C 115 46.02 62.27 47.81
C GLN C 115 45.91 60.80 47.41
N PRO C 116 47.04 60.11 47.27
CA PRO C 116 46.98 58.69 46.86
C PRO C 116 46.29 57.78 47.86
N ASN C 117 46.00 58.25 49.09
CA ASN C 117 45.25 57.45 50.03
C ASN C 117 43.75 57.43 49.73
N LEU C 118 43.30 58.22 48.75
CA LEU C 118 41.91 58.19 48.30
C LEU C 118 41.65 57.08 47.30
N VAL C 119 42.68 56.34 46.89
CA VAL C 119 42.52 55.16 46.05
C VAL C 119 42.29 53.97 46.99
N PHE C 120 43.30 53.65 47.79
CA PHE C 120 43.21 52.67 48.85
C PHE C 120 43.69 53.29 50.14
N PRO C 121 43.12 52.88 51.29
CA PRO C 121 43.35 53.62 52.55
C PRO C 121 44.80 53.99 52.86
N GLU C 122 45.71 53.02 52.87
CA GLU C 122 47.06 53.24 53.36
C GLU C 122 48.08 53.46 52.24
N MET C 123 47.66 54.03 51.12
CA MET C 123 48.56 54.34 50.01
C MET C 123 49.19 55.71 50.18
N GLU C 124 50.50 55.80 49.92
CA GLU C 124 51.26 57.04 50.09
C GLU C 124 52.30 57.16 48.99
N GLY C 125 52.34 58.32 48.35
CA GLY C 125 53.36 58.58 47.34
C GLY C 125 53.19 57.71 46.12
N ASN C 126 54.30 57.11 45.69
CA ASN C 126 54.32 56.27 44.49
C ASN C 126 54.18 54.79 44.84
N ASP C 127 53.17 54.45 45.64
CA ASP C 127 52.89 53.06 45.95
C ASP C 127 52.15 52.39 44.81
N LYS C 128 52.53 51.16 44.51
CA LYS C 128 51.89 50.38 43.46
C LYS C 128 50.88 49.40 44.08
N VAL C 129 50.08 48.79 43.21
CA VAL C 129 49.08 47.82 43.61
C VAL C 129 49.29 46.55 42.80
N SER C 130 49.30 45.41 43.48
CA SER C 130 49.54 44.11 42.86
C SER C 130 48.36 43.19 43.11
N LEU C 131 47.97 42.45 42.08
CA LEU C 131 46.85 41.51 42.18
C LEU C 131 47.27 40.18 41.55
N THR C 132 47.40 39.16 42.39
CA THR C 132 47.64 37.79 41.95
C THR C 132 46.34 37.01 42.06
N THR C 133 46.07 36.15 41.08
CA THR C 133 44.84 35.36 41.06
C THR C 133 45.14 33.94 40.61
N GLN C 134 44.42 32.99 41.19
CA GLN C 134 44.47 31.59 40.79
C GLN C 134 43.05 31.14 40.43
N GLU C 135 42.90 30.60 39.23
CA GLU C 135 41.59 30.21 38.74
C GLU C 135 41.01 29.05 39.55
N ALA C 136 39.70 29.06 39.71
CA ALA C 136 38.98 27.99 40.38
C ALA C 136 38.46 26.98 39.37
N ALA C 137 38.63 25.69 39.67
CA ALA C 137 38.18 24.63 38.78
C ALA C 137 36.68 24.50 38.86
N ARG C 138 36.02 24.51 37.70
CA ARG C 138 34.56 24.40 37.66
C ARG C 138 34.13 23.02 38.12
N GLY C 139 33.12 22.98 38.98
CA GLY C 139 32.62 21.72 39.50
C GLY C 139 31.94 20.87 38.43
N ASN C 140 31.66 19.64 38.80
CA ASN C 140 31.06 18.67 37.90
C ASN C 140 29.57 18.52 38.15
N ILE C 141 28.86 18.09 37.12
CA ILE C 141 27.44 17.74 37.20
C ILE C 141 27.32 16.24 36.97
N ILE C 142 26.72 15.54 37.93
CA ILE C 142 26.62 14.09 37.87
C ILE C 142 25.17 13.66 38.00
N ASP C 143 24.89 12.44 37.56
CA ASP C 143 23.55 11.87 37.64
C ASP C 143 23.32 11.31 39.04
N ARG C 144 22.25 10.54 39.21
CA ARG C 144 21.92 9.99 40.52
C ARG C 144 22.90 8.90 40.96
N ASN C 145 23.65 8.31 40.02
CA ASN C 145 24.60 7.24 40.33
C ASN C 145 26.04 7.68 40.14
N GLY C 146 26.30 8.98 40.18
CA GLY C 146 27.66 9.48 40.05
C GLY C 146 28.21 9.51 38.64
N GLU C 147 27.48 9.02 37.66
CA GLU C 147 27.95 9.10 36.28
C GLU C 147 28.02 10.55 35.83
N PRO C 148 29.05 10.94 35.09
CA PRO C 148 29.26 12.36 34.79
C PRO C 148 28.34 12.85 33.68
N LEU C 149 27.72 14.01 33.90
CA LEU C 149 26.98 14.72 32.87
C LEU C 149 27.70 15.97 32.37
N ALA C 150 28.54 16.57 33.21
CA ALA C 150 29.34 17.73 32.80
C ALA C 150 30.61 17.73 33.64
N THR C 151 31.77 17.59 32.99
CA THR C 151 33.05 17.50 33.68
C THR C 151 34.07 18.37 32.99
N THR C 152 35.28 18.40 33.54
CA THR C 152 36.43 19.06 32.94
C THR C 152 37.48 17.99 32.64
N GLY C 153 37.70 17.71 31.36
CA GLY C 153 38.62 16.70 30.94
C GLY C 153 39.57 17.20 29.86
N LYS C 154 40.44 16.30 29.42
CA LYS C 154 41.40 16.61 28.37
C LYS C 154 40.79 16.29 27.01
N LEU C 155 40.87 17.23 26.09
CA LEU C 155 40.31 17.10 24.76
C LEU C 155 41.43 17.04 23.72
N LYS C 156 41.15 16.33 22.62
CA LYS C 156 42.11 16.13 21.55
C LYS C 156 41.86 17.19 20.47
N GLN C 157 42.77 18.16 20.38
CA GLN C 157 42.63 19.29 19.47
C GLN C 157 43.38 18.99 18.18
N LEU C 158 42.63 18.75 17.09
CA LEU C 158 43.22 18.51 15.78
C LEU C 158 43.45 19.85 15.10
N GLY C 159 44.68 20.06 14.62
CA GLY C 159 45.02 21.29 13.94
C GLY C 159 46.15 21.07 12.95
N VAL C 160 46.42 22.11 12.17
CA VAL C 160 47.43 22.06 11.12
C VAL C 160 48.35 23.27 11.24
N VAL C 161 49.58 23.10 10.76
CA VAL C 161 50.58 24.17 10.67
C VAL C 161 50.83 24.45 9.20
N PRO C 162 50.59 25.67 8.72
CA PRO C 162 50.67 25.92 7.27
C PRO C 162 52.07 25.78 6.68
N SER C 163 53.12 25.77 7.48
CA SER C 163 54.46 25.68 6.93
C SER C 163 54.86 24.24 6.62
N LYS C 164 54.54 23.31 7.54
CA LYS C 164 54.86 21.91 7.33
C LYS C 164 53.78 21.22 6.50
N LEU C 165 53.11 21.97 5.64
CA LEU C 165 52.01 21.45 4.85
C LEU C 165 52.34 21.30 3.37
N GLY C 166 53.16 22.19 2.82
CA GLY C 166 53.51 22.13 1.41
C GLY C 166 53.49 23.50 0.76
N ASP C 167 54.02 23.59 -0.46
CA ASP C 167 54.05 24.86 -1.19
C ASP C 167 52.91 24.93 -2.20
N GLY C 168 53.06 24.25 -3.32
CA GLY C 168 52.03 24.22 -4.35
C GLY C 168 51.84 22.83 -4.91
N GLY C 169 50.74 22.19 -4.54
CA GLY C 169 50.51 20.81 -4.94
C GLY C 169 50.60 19.88 -3.75
N GLU C 170 51.73 19.97 -3.03
CA GLU C 170 51.88 19.19 -1.82
C GLU C 170 50.95 19.66 -0.71
N LYS C 171 50.72 20.98 -0.63
CA LYS C 171 49.79 21.51 0.36
C LYS C 171 48.35 21.11 0.04
N THR C 172 47.96 21.19 -1.23
CA THR C 172 46.59 20.86 -1.61
C THR C 172 46.30 19.38 -1.39
N ALA C 173 47.30 18.51 -1.63
CA ALA C 173 47.09 17.09 -1.42
C ALA C 173 46.99 16.76 0.06
N ASN C 174 47.79 17.42 0.90
CA ASN C 174 47.73 17.18 2.33
C ASN C 174 46.45 17.74 2.94
N ILE C 175 46.00 18.89 2.45
CA ILE C 175 44.72 19.44 2.92
C ILE C 175 43.58 18.49 2.59
N LYS C 176 43.58 17.96 1.36
CA LYS C 176 42.57 16.97 1.00
C LYS C 176 42.75 15.67 1.78
N ALA C 177 43.97 15.38 2.22
CA ALA C 177 44.20 14.21 3.05
C ALA C 177 43.77 14.44 4.49
N ILE C 178 44.05 15.64 5.03
CA ILE C 178 43.60 15.98 6.37
C ILE C 178 42.09 16.25 6.40
N ALA C 179 41.48 16.47 5.24
CA ALA C 179 40.04 16.68 5.19
C ALA C 179 39.27 15.37 4.99
N SER C 180 39.80 14.45 4.19
CA SER C 180 39.16 13.16 3.99
C SER C 180 39.40 12.19 5.13
N SER C 181 40.34 12.46 6.02
CA SER C 181 40.64 11.59 7.15
C SER C 181 39.93 11.98 8.43
N PHE C 182 39.49 13.23 8.55
CA PHE C 182 38.84 13.72 9.77
C PHE C 182 37.45 14.28 9.51
N ASP C 183 36.91 14.08 8.31
CA ASP C 183 35.57 14.56 7.95
C ASP C 183 35.46 16.07 8.11
N LEU C 184 35.96 16.82 7.14
CA LEU C 184 35.90 18.28 7.17
C LEU C 184 35.99 18.79 5.74
N THR C 185 35.37 19.94 5.50
CA THR C 185 35.37 20.52 4.17
C THR C 185 36.77 20.98 3.77
N GLU C 186 37.14 20.71 2.52
CA GLU C 186 38.43 21.17 2.02
C GLU C 186 38.48 22.69 1.99
N ASP C 187 37.35 23.34 1.69
CA ASP C 187 37.30 24.80 1.73
C ASP C 187 37.30 25.33 3.16
N ALA C 188 36.98 24.49 4.15
CA ALA C 188 37.00 24.93 5.54
C ALA C 188 38.41 24.97 6.10
N ILE C 189 39.26 24.02 5.72
CA ILE C 189 40.64 24.02 6.18
C ILE C 189 41.40 25.17 5.55
N ASN C 190 41.12 25.48 4.28
CA ASN C 190 41.76 26.62 3.63
C ASN C 190 41.29 27.93 4.25
N GLN C 191 40.01 28.02 4.63
CA GLN C 191 39.50 29.25 5.24
C GLN C 191 40.09 29.45 6.63
N ALA C 192 40.42 28.36 7.33
CA ALA C 192 41.00 28.50 8.67
C ALA C 192 42.46 28.95 8.59
N ILE C 193 43.25 28.33 7.71
CA ILE C 193 44.66 28.68 7.59
C ILE C 193 44.89 29.98 6.84
N SER C 194 43.83 30.65 6.39
CA SER C 194 43.95 31.91 5.66
C SER C 194 43.28 33.07 6.38
N GLN C 195 42.92 32.88 7.66
CA GLN C 195 42.31 33.96 8.41
C GLN C 195 43.36 35.02 8.75
N SER C 196 42.90 36.11 9.35
CA SER C 196 43.78 37.25 9.58
C SER C 196 44.88 36.94 10.59
N TRP C 197 44.51 36.33 11.72
CA TRP C 197 45.46 36.12 12.80
C TRP C 197 46.54 35.09 12.46
N VAL C 198 46.30 34.25 11.45
CA VAL C 198 47.20 33.13 11.16
C VAL C 198 48.54 33.65 10.66
N GLN C 199 49.62 33.03 11.14
CA GLN C 199 50.98 33.24 10.68
C GLN C 199 51.54 31.93 10.16
N PRO C 200 52.58 31.97 9.31
CA PRO C 200 53.09 30.73 8.69
C PRO C 200 53.35 29.60 9.67
N ASP C 201 54.07 29.86 10.77
CA ASP C 201 54.46 28.81 11.71
C ASP C 201 53.53 28.73 12.91
N TYR C 202 52.25 29.03 12.74
CA TYR C 202 51.28 28.95 13.81
C TYR C 202 50.49 27.65 13.75
N PHE C 203 50.02 27.20 14.91
CA PHE C 203 49.13 26.05 15.01
C PHE C 203 47.69 26.55 14.89
N VAL C 204 47.03 26.21 13.78
CA VAL C 204 45.66 26.61 13.53
C VAL C 204 44.75 25.48 14.01
N PRO C 205 43.98 25.68 15.07
CA PRO C 205 43.07 24.61 15.53
C PRO C 205 41.93 24.40 14.55
N LEU C 206 41.45 23.16 14.48
CA LEU C 206 40.42 22.80 13.51
C LEU C 206 39.21 22.14 14.15
N LYS C 207 39.43 21.02 14.85
CA LYS C 207 38.31 20.21 15.33
C LYS C 207 38.74 19.41 16.55
N ILE C 208 37.79 19.21 17.46
CA ILE C 208 38.00 18.35 18.62
C ILE C 208 37.66 16.92 18.23
N ILE C 209 38.57 16.00 18.50
CA ILE C 209 38.37 14.57 18.22
C ILE C 209 37.92 13.89 19.50
N ASP C 210 36.77 13.22 19.44
CA ASP C 210 36.20 12.53 20.59
C ASP C 210 36.46 11.03 20.58
N GLY C 211 37.03 10.49 19.50
CA GLY C 211 37.33 9.08 19.43
C GLY C 211 38.82 8.82 19.40
N ALA C 212 39.23 7.77 18.72
CA ALA C 212 40.65 7.47 18.56
C ALA C 212 41.24 8.25 17.39
N THR C 213 42.50 8.63 17.54
CA THR C 213 43.20 9.42 16.51
C THR C 213 43.56 8.54 15.33
N PRO C 214 43.16 8.90 14.11
CA PRO C 214 43.61 8.16 12.93
C PRO C 214 45.03 8.54 12.53
N GLU C 215 45.44 8.14 11.33
CA GLU C 215 46.77 8.48 10.83
C GLU C 215 46.89 9.98 10.61
N LEU C 216 48.03 10.54 11.00
CA LEU C 216 48.24 11.98 10.95
C LEU C 216 48.98 12.34 9.66
N PRO C 217 48.32 12.98 8.69
CA PRO C 217 49.03 13.35 7.45
C PRO C 217 50.05 14.46 7.68
N ALA C 218 50.74 14.86 6.61
CA ALA C 218 51.73 15.92 6.71
C ALA C 218 51.06 17.24 7.08
N GLY C 219 51.56 17.86 8.15
CA GLY C 219 51.01 19.09 8.66
C GLY C 219 50.02 18.92 9.80
N ALA C 220 49.33 17.79 9.84
CA ALA C 220 48.34 17.54 10.89
C ALA C 220 49.03 17.19 12.21
N THR C 221 48.49 17.74 13.30
CA THR C 221 49.05 17.50 14.63
C THR C 221 47.95 17.61 15.66
N ILE C 222 48.08 16.81 16.72
CA ILE C 222 47.11 16.78 17.82
C ILE C 222 47.76 17.39 19.06
N GLN C 223 47.03 18.28 19.74
CA GLN C 223 47.50 18.92 20.96
C GLN C 223 46.44 18.77 22.04
N GLU C 224 46.82 18.18 23.16
CA GLU C 224 45.87 17.93 24.26
C GLU C 224 45.57 19.23 24.99
N VAL C 225 44.30 19.62 25.04
CA VAL C 225 43.85 20.79 25.76
C VAL C 225 42.76 20.38 26.75
N ASP C 226 42.69 21.10 27.86
CA ASP C 226 41.69 20.86 28.90
C ASP C 226 40.51 21.79 28.70
N GLY C 227 39.30 21.24 28.80
CA GLY C 227 38.10 22.03 28.61
C GLY C 227 36.88 21.29 29.11
N ARG C 228 35.74 21.98 29.04
CA ARG C 228 34.47 21.41 29.48
C ARG C 228 34.01 20.33 28.50
N TYR C 229 33.56 19.20 29.04
CA TYR C 229 33.12 18.07 28.23
C TYR C 229 31.77 17.56 28.72
N TYR C 230 30.89 17.25 27.77
CA TYR C 230 29.56 16.72 28.05
C TYR C 230 29.42 15.32 27.49
N PRO C 231 29.45 14.28 28.33
CA PRO C 231 29.42 12.90 27.80
C PRO C 231 28.17 12.60 26.99
N LEU C 232 26.98 12.85 27.55
CA LEU C 232 25.74 12.52 26.85
C LEU C 232 25.58 13.31 25.57
N GLY C 233 26.15 14.50 25.48
CA GLY C 233 26.09 15.25 24.24
C GLY C 233 24.74 15.90 24.06
N GLU C 234 24.20 15.79 22.84
CA GLU C 234 22.89 16.35 22.53
C GLU C 234 21.77 15.70 23.35
N ALA C 235 22.01 14.52 23.93
CA ALA C 235 20.96 13.83 24.65
C ALA C 235 20.44 14.63 25.84
N ALA C 236 21.30 15.47 26.43
CA ALA C 236 20.89 16.30 27.57
C ALA C 236 21.40 17.73 27.42
N ALA C 237 21.51 18.21 26.17
CA ALA C 237 22.04 19.55 25.93
C ALA C 237 21.10 20.62 26.48
N GLN C 238 19.78 20.43 26.35
CA GLN C 238 18.84 21.43 26.85
C GLN C 238 18.84 21.48 28.37
N LEU C 239 18.92 20.32 29.02
CA LEU C 239 18.90 20.28 30.48
C LEU C 239 20.19 20.86 31.06
N ILE C 240 21.33 20.28 30.70
CA ILE C 240 22.59 20.71 31.26
C ILE C 240 22.96 22.10 30.75
N GLY C 241 22.82 22.32 29.46
CA GLY C 241 23.22 23.58 28.86
C GLY C 241 24.67 23.54 28.40
N TYR C 242 25.32 24.70 28.36
CA TYR C 242 26.71 24.77 27.94
C TYR C 242 27.36 25.97 28.60
N VAL C 243 28.67 26.08 28.45
CA VAL C 243 29.44 27.19 28.97
C VAL C 243 30.20 27.84 27.83
N GLY C 244 30.39 29.16 27.93
CA GLY C 244 31.14 29.90 26.95
C GLY C 244 32.21 30.74 27.62
N ASP C 245 33.08 31.32 26.78
CA ASP C 245 34.12 32.19 27.28
C ASP C 245 33.52 33.41 27.95
N ILE C 246 34.13 33.84 29.04
CA ILE C 246 33.64 35.01 29.79
C ILE C 246 34.08 36.27 29.06
N THR C 247 33.15 37.18 28.87
CA THR C 247 33.39 38.40 28.12
C THR C 247 33.61 39.59 29.06
N ALA C 248 33.97 40.73 28.46
CA ALA C 248 34.19 41.93 29.25
C ALA C 248 32.91 42.40 29.91
N GLU C 249 31.76 42.17 29.27
CA GLU C 249 30.50 42.58 29.85
C GLU C 249 30.15 41.73 31.06
N ASP C 250 30.49 40.44 31.03
CA ASP C 250 30.22 39.57 32.17
C ASP C 250 31.02 39.99 33.39
N ILE C 251 32.26 40.44 33.19
CA ILE C 251 33.08 40.91 34.31
C ILE C 251 32.56 42.25 34.82
N ASP C 252 32.14 43.13 33.92
CA ASP C 252 31.54 44.39 34.34
C ASP C 252 30.28 44.15 35.17
N LYS C 253 29.54 43.09 34.89
CA LYS C 253 28.34 42.78 35.65
C LYS C 253 28.68 42.12 36.99
N ASN C 254 29.61 41.15 36.97
CA ASN C 254 30.02 40.44 38.18
C ASN C 254 31.54 40.35 38.19
N PRO C 255 32.21 41.19 38.97
CA PRO C 255 33.68 41.13 39.00
C PRO C 255 34.23 39.86 39.61
N GLU C 256 33.43 39.12 40.38
CA GLU C 256 33.92 37.91 41.02
C GLU C 256 34.08 36.74 40.07
N LEU C 257 33.61 36.88 38.83
CA LEU C 257 33.92 35.90 37.80
C LEU C 257 35.40 35.95 37.45
N SER C 258 35.88 34.88 36.83
CA SER C 258 37.26 34.84 36.35
C SER C 258 37.33 35.48 34.96
N SER C 259 38.21 36.46 34.81
CA SER C 259 38.38 37.14 33.53
C SER C 259 39.13 36.25 32.54
N ASN C 260 39.11 34.94 32.77
CA ASN C 260 39.89 34.00 31.98
C ASN C 260 39.21 32.63 31.92
N GLY C 261 38.11 32.48 32.67
CA GLY C 261 37.44 31.21 32.83
C GLY C 261 36.23 31.05 31.91
N LYS C 262 35.24 30.31 32.41
CA LYS C 262 34.04 29.98 31.65
C LYS C 262 32.80 30.33 32.46
N ILE C 263 31.71 30.61 31.76
CA ILE C 263 30.44 30.95 32.38
C ILE C 263 29.33 30.20 31.65
N GLY C 264 28.38 29.68 32.42
CA GLY C 264 27.26 28.98 31.83
C GLY C 264 26.33 29.94 31.11
N ARG C 265 25.86 29.53 29.93
CA ARG C 265 25.01 30.37 29.10
C ARG C 265 23.56 29.93 29.06
N SER C 266 23.27 28.66 29.37
CA SER C 266 21.91 28.17 29.38
C SER C 266 21.86 26.89 30.21
N GLY C 267 20.64 26.48 30.54
CA GLY C 267 20.45 25.23 31.25
C GLY C 267 20.95 25.28 32.69
N LEU C 268 21.42 24.13 33.17
CA LEU C 268 21.88 24.03 34.55
C LEU C 268 23.26 24.66 34.74
N GLU C 269 24.11 24.64 33.70
CA GLU C 269 25.40 25.31 33.80
C GLU C 269 25.24 26.79 34.12
N MET C 270 24.15 27.40 33.67
CA MET C 270 23.85 28.79 34.01
C MET C 270 23.09 28.91 35.33
N ALA C 271 22.12 28.03 35.56
CA ALA C 271 21.34 28.09 36.79
C ALA C 271 22.19 27.82 38.02
N PHE C 272 23.25 27.03 37.87
CA PHE C 272 24.14 26.68 38.97
C PHE C 272 25.56 27.21 38.74
N ASP C 273 25.69 28.34 38.04
CA ASP C 273 27.01 28.86 37.72
C ASP C 273 27.74 29.35 38.96
N LYS C 274 27.01 29.88 39.95
CA LYS C 274 27.66 30.35 41.17
C LYS C 274 28.20 29.19 42.00
N ASP C 275 27.46 28.09 42.05
CA ASP C 275 27.88 26.94 42.83
C ASP C 275 28.92 26.09 42.11
N LEU C 276 29.08 26.27 40.80
CA LEU C 276 30.02 25.46 40.03
C LEU C 276 31.32 26.19 39.72
N ARG C 277 31.30 27.53 39.66
CA ARG C 277 32.51 28.26 39.31
C ARG C 277 33.50 28.36 40.46
N GLY C 278 33.01 28.27 41.70
CA GLY C 278 33.88 28.42 42.84
C GLY C 278 34.13 29.89 43.17
N THR C 279 35.22 30.14 43.89
CA THR C 279 35.65 31.48 44.23
C THR C 279 37.12 31.65 43.85
N THR C 280 37.42 32.78 43.22
CA THR C 280 38.78 33.04 42.76
C THR C 280 39.70 33.31 43.94
N GLY C 281 40.75 32.49 44.06
CA GLY C 281 41.77 32.74 45.06
C GLY C 281 42.84 33.71 44.56
N GLY C 282 43.54 34.31 45.52
CA GLY C 282 44.60 35.24 45.16
C GLY C 282 44.85 36.23 46.28
N LYS C 283 45.51 37.33 45.92
CA LYS C 283 45.91 38.33 46.90
C LYS C 283 46.01 39.70 46.24
N LEU C 284 45.21 40.65 46.73
CA LEU C 284 45.34 42.05 46.35
C LEU C 284 46.12 42.76 47.43
N SER C 285 47.23 43.40 47.05
CA SER C 285 48.14 43.97 48.02
C SER C 285 48.65 45.32 47.52
N ILE C 286 49.17 46.10 48.46
CA ILE C 286 49.79 47.39 48.17
C ILE C 286 51.29 47.22 48.32
N THR C 287 52.02 47.40 47.22
CA THR C 287 53.46 47.25 47.22
C THR C 287 54.13 48.62 47.16
N ASP C 288 55.43 48.64 47.41
CA ASP C 288 56.18 49.88 47.38
C ASP C 288 56.62 50.15 45.95
N ALA C 289 57.63 50.99 45.76
CA ALA C 289 58.08 51.33 44.41
C ALA C 289 58.55 50.12 43.62
N ASP C 290 59.28 49.20 44.27
CA ASP C 290 59.77 48.02 43.56
C ASP C 290 59.13 46.73 44.05
N GLY C 291 57.80 46.66 44.00
CA GLY C 291 57.08 45.47 44.42
C GLY C 291 57.37 45.00 45.83
N VAL C 292 57.68 45.94 46.72
CA VAL C 292 57.93 45.62 48.12
C VAL C 292 56.59 45.72 48.84
N GLU C 293 56.07 44.59 49.31
CA GLU C 293 54.71 44.55 49.82
C GLU C 293 54.59 45.29 51.15
N LYS C 294 53.61 46.19 51.21
CA LYS C 294 53.30 46.92 52.44
C LYS C 294 52.09 46.31 53.14
N LYS C 295 50.91 46.50 52.56
CA LYS C 295 49.64 46.08 53.14
C LYS C 295 48.94 45.12 52.20
N VAL C 296 48.48 43.99 52.74
CA VAL C 296 47.70 43.01 51.99
C VAL C 296 46.22 43.33 52.20
N LEU C 297 45.55 43.79 51.14
CA LEU C 297 44.16 44.19 51.26
C LEU C 297 43.23 42.99 51.30
N ILE C 298 43.31 42.11 50.30
CA ILE C 298 42.46 40.93 50.21
C ILE C 298 43.34 39.72 49.96
N GLU C 299 42.98 38.60 50.59
CA GLU C 299 43.68 37.34 50.35
C GLU C 299 42.89 36.15 50.91
N HIS C 300 42.66 35.15 50.07
CA HIS C 300 42.05 33.90 50.51
C HIS C 300 42.33 32.83 49.46
N GLU C 301 42.51 31.60 49.93
CA GLU C 301 42.87 30.50 49.04
C GLU C 301 41.74 30.24 48.05
N VAL C 302 42.10 29.56 46.95
CA VAL C 302 41.15 29.25 45.90
C VAL C 302 40.24 28.12 46.36
N GLN C 303 38.94 28.27 46.11
CA GLN C 303 37.93 27.26 46.42
C GLN C 303 37.36 26.76 45.11
N ASN C 304 37.61 25.49 44.80
CA ASN C 304 37.06 24.88 43.60
C ASN C 304 35.55 24.74 43.73
N GLY C 305 34.88 24.64 42.60
CA GLY C 305 33.44 24.54 42.59
C GLY C 305 32.96 23.24 43.20
N LYS C 306 31.72 23.27 43.69
CA LYS C 306 31.12 22.07 44.25
C LYS C 306 30.58 21.18 43.14
N ASP C 307 30.32 19.92 43.49
CA ASP C 307 29.72 18.98 42.57
C ASP C 307 28.23 18.89 42.86
N ILE C 308 27.42 18.92 41.81
CA ILE C 308 25.96 18.88 41.93
C ILE C 308 25.46 17.55 41.41
N LYS C 309 24.74 16.82 42.26
CA LYS C 309 24.19 15.51 41.93
C LYS C 309 22.72 15.65 41.59
N LEU C 310 22.35 15.24 40.39
CA LEU C 310 20.98 15.32 39.91
C LEU C 310 20.25 14.00 40.15
N THR C 311 18.92 14.04 40.07
CA THR C 311 18.12 12.83 40.10
C THR C 311 18.09 12.11 38.77
N ILE C 312 18.72 12.67 37.73
CA ILE C 312 18.67 12.09 36.40
C ILE C 312 19.33 10.72 36.39
N ASP C 313 18.77 9.80 35.61
CA ASP C 313 19.43 8.55 35.27
C ASP C 313 20.09 8.75 33.90
N ALA C 314 21.40 8.51 33.84
CA ALA C 314 22.15 8.78 32.62
C ALA C 314 21.66 7.90 31.47
N LYS C 315 21.49 6.60 31.74
CA LYS C 315 21.06 5.70 30.67
C LYS C 315 19.60 5.94 30.28
N ALA C 316 18.75 6.26 31.25
CA ALA C 316 17.36 6.59 30.94
C ALA C 316 17.28 7.89 30.14
N GLN C 317 18.14 8.86 30.46
CA GLN C 317 18.17 10.11 29.70
C GLN C 317 18.59 9.87 28.25
N LYS C 318 19.60 9.02 28.04
CA LYS C 318 20.04 8.72 26.70
C LYS C 318 19.00 7.90 25.94
N THR C 319 18.35 6.95 26.61
CA THR C 319 17.32 6.15 25.96
C THR C 319 16.10 7.00 25.61
N ALA C 320 15.70 7.89 26.52
CA ALA C 320 14.53 8.72 26.27
C ALA C 320 14.74 9.66 25.08
N PHE C 321 15.93 10.24 24.97
CA PHE C 321 16.22 11.12 23.85
C PHE C 321 16.30 10.34 22.54
N ASP C 322 17.06 9.24 22.54
CA ASP C 322 17.20 8.44 21.32
C ASP C 322 15.86 7.88 20.85
N SER C 323 14.94 7.62 21.78
CA SER C 323 13.64 7.11 21.40
C SER C 323 12.85 8.10 20.56
N LEU C 324 13.09 9.40 20.76
CA LEU C 324 12.40 10.41 19.95
C LEU C 324 12.93 10.46 18.52
N GLY C 325 14.11 9.91 18.27
CA GLY C 325 14.61 9.76 16.92
C GLY C 325 14.80 11.05 16.16
N GLY C 326 15.21 12.12 16.86
CA GLY C 326 15.46 13.39 16.22
C GLY C 326 14.22 14.19 15.87
N LYS C 327 13.03 13.63 16.05
CA LYS C 327 11.81 14.38 15.79
C LYS C 327 11.57 15.39 16.91
N ALA C 328 10.52 16.19 16.76
CA ALA C 328 10.19 17.22 17.74
C ALA C 328 9.32 16.62 18.83
N GLY C 329 9.72 16.83 20.07
CA GLY C 329 8.98 16.30 21.20
C GLY C 329 9.81 16.33 22.46
N SER C 330 9.27 15.67 23.49
CA SER C 330 9.91 15.64 24.80
C SER C 330 9.47 14.39 25.53
N THR C 331 10.21 14.05 26.58
CA THR C 331 9.90 12.88 27.41
C THR C 331 10.37 13.15 28.83
N VAL C 332 9.48 12.92 29.80
CA VAL C 332 9.78 13.07 31.22
C VAL C 332 9.54 11.74 31.90
N ALA C 333 10.54 11.26 32.63
CA ALA C 333 10.44 10.03 33.39
C ALA C 333 10.72 10.32 34.86
N THR C 334 9.82 9.88 35.73
CA THR C 334 9.93 10.16 37.15
C THR C 334 9.68 8.89 37.97
N THR C 335 10.07 8.96 39.25
CA THR C 335 9.62 7.99 40.24
C THR C 335 8.48 8.64 40.99
N PRO C 336 7.22 8.35 40.65
CA PRO C 336 6.11 9.23 41.08
C PRO C 336 5.88 9.28 42.58
N LYS C 337 6.46 8.37 43.37
CA LYS C 337 6.25 8.44 44.81
C LYS C 337 7.22 9.40 45.49
N THR C 338 8.40 9.63 44.90
CA THR C 338 9.37 10.56 45.45
C THR C 338 9.54 11.83 44.62
N GLY C 339 9.13 11.81 43.35
CA GLY C 339 9.28 12.96 42.48
C GLY C 339 10.61 13.07 41.78
N ASP C 340 11.51 12.12 41.96
CA ASP C 340 12.81 12.15 41.29
C ASP C 340 12.62 12.20 39.78
N LEU C 341 13.30 13.15 39.14
CA LEU C 341 13.27 13.29 37.69
C LEU C 341 14.35 12.38 37.10
N LEU C 342 13.93 11.23 36.57
CA LEU C 342 14.90 10.29 36.01
C LEU C 342 15.41 10.71 34.64
N ALA C 343 14.59 11.41 33.86
CA ALA C 343 14.99 11.82 32.53
C ALA C 343 14.18 13.04 32.12
N LEU C 344 14.86 14.02 31.51
CA LEU C 344 14.23 15.23 30.97
C LEU C 344 14.79 15.43 29.56
N ALA C 345 14.22 14.72 28.59
CA ALA C 345 14.71 14.75 27.22
C ALA C 345 13.92 15.76 26.39
N SER C 346 14.62 16.41 25.46
CA SER C 346 14.00 17.33 24.53
C SER C 346 14.66 17.16 23.16
N SER C 347 13.85 16.97 22.14
CA SER C 347 14.32 16.72 20.79
C SER C 347 13.57 17.60 19.80
N PRO C 348 14.26 18.10 18.75
CA PRO C 348 15.68 17.90 18.46
C PRO C 348 16.58 18.71 19.38
N SER C 349 17.89 18.50 19.29
CA SER C 349 18.84 19.12 20.20
C SER C 349 20.02 19.67 19.41
N TYR C 350 20.95 20.27 20.13
CA TYR C 350 22.19 20.81 19.59
C TYR C 350 23.37 20.09 20.22
N ASP C 351 24.56 20.37 19.70
CA ASP C 351 25.78 19.77 20.22
C ASP C 351 26.42 20.69 21.25
N PRO C 352 26.30 20.39 22.55
CA PRO C 352 26.92 21.26 23.55
C PRO C 352 28.44 21.19 23.55
N ASN C 353 29.01 20.07 23.10
CA ASN C 353 30.46 19.99 22.97
C ASN C 353 30.95 20.87 21.84
N LYS C 354 30.29 20.81 20.68
CA LYS C 354 30.60 21.74 19.60
C LYS C 354 30.28 23.17 20.00
N MET C 355 29.30 23.36 20.89
CA MET C 355 28.92 24.71 21.30
C MET C 355 29.98 25.34 22.19
N THR C 356 30.54 24.57 23.12
CA THR C 356 31.50 25.11 24.08
C THR C 356 32.92 25.13 23.54
N ASN C 357 33.20 24.42 22.44
CA ASN C 357 34.52 24.45 21.84
C ASN C 357 34.54 25.38 20.64
N GLY C 358 34.71 24.83 19.45
CA GLY C 358 34.69 25.65 18.24
C GLY C 358 33.42 25.46 17.44
N ILE C 359 32.51 26.42 17.51
CA ILE C 359 31.25 26.39 16.77
C ILE C 359 31.30 27.48 15.71
N SER C 360 31.01 27.11 14.47
CA SER C 360 31.03 28.07 13.38
C SER C 360 29.73 28.87 13.37
N GLN C 361 29.83 30.12 12.89
CA GLN C 361 28.66 30.98 12.78
C GLN C 361 27.64 30.45 11.78
N GLU C 362 28.03 29.51 10.91
CA GLU C 362 27.09 28.89 9.98
C GLU C 362 26.36 27.72 10.62
N ASP C 363 27.06 26.88 11.37
CA ASP C 363 26.42 25.77 12.04
C ASP C 363 25.54 26.26 13.19
N TYR C 364 25.95 27.35 13.85
CA TYR C 364 25.10 27.97 14.88
C TYR C 364 23.85 28.57 14.26
N LYS C 365 23.98 29.20 13.09
CA LYS C 365 22.81 29.71 12.38
C LYS C 365 21.84 28.59 12.04
N ALA C 366 22.37 27.41 11.72
CA ALA C 366 21.51 26.25 11.47
C ALA C 366 20.72 25.84 12.71
N TYR C 367 21.31 26.02 13.90
CA TYR C 367 20.62 25.66 15.13
C TYR C 367 19.53 26.67 15.49
N GLU C 368 19.71 27.94 15.15
CA GLU C 368 18.74 28.97 15.50
C GLU C 368 17.73 29.24 14.40
N GLU C 369 17.77 28.48 13.30
CA GLU C 369 16.83 28.63 12.21
C GLU C 369 16.07 27.35 11.88
N ASN C 370 16.52 26.21 12.36
CA ASN C 370 15.77 24.96 12.27
C ASN C 370 14.35 25.19 12.77
N PRO C 371 13.33 25.05 11.92
CA PRO C 371 11.95 25.33 12.37
C PRO C 371 11.53 24.51 13.57
N GLU C 372 12.12 23.35 13.79
CA GLU C 372 11.82 22.56 14.98
C GLU C 372 12.50 23.13 16.23
N GLN C 373 13.39 24.11 16.07
CA GLN C 373 14.01 24.86 17.16
C GLN C 373 14.65 23.94 18.19
N PRO C 374 15.87 23.45 17.95
CA PRO C 374 16.50 22.53 18.91
C PRO C 374 16.87 23.19 20.23
N PHE C 375 17.01 24.52 20.26
CA PHE C 375 17.37 25.20 21.50
C PHE C 375 16.24 25.19 22.53
N ILE C 376 15.03 24.81 22.15
CA ILE C 376 13.90 24.86 23.07
C ILE C 376 13.99 23.72 24.05
N SER C 377 13.89 24.04 25.34
CA SER C 377 13.74 23.02 26.39
C SER C 377 12.26 22.65 26.45
N ARG C 378 11.89 21.63 25.68
CA ARG C 378 10.48 21.29 25.52
C ARG C 378 9.87 20.69 26.79
N PHE C 379 10.68 20.13 27.69
CA PHE C 379 10.14 19.65 28.95
C PHE C 379 9.73 20.79 29.88
N ALA C 380 10.16 22.02 29.59
CA ALA C 380 9.79 23.18 30.39
C ALA C 380 8.95 24.19 29.60
N THR C 381 8.49 23.83 28.41
CA THR C 381 7.68 24.70 27.58
C THR C 381 6.21 24.33 27.75
N GLY C 382 5.36 25.33 27.96
CA GLY C 382 3.95 25.07 28.18
C GLY C 382 3.27 24.59 26.91
N TYR C 383 2.59 23.45 27.00
CA TYR C 383 1.82 22.91 25.90
C TYR C 383 0.41 22.58 26.38
N ALA C 384 -0.49 22.39 25.43
CA ALA C 384 -1.79 21.82 25.76
C ALA C 384 -1.62 20.34 26.08
N PRO C 385 -2.15 19.86 27.21
CA PRO C 385 -1.86 18.48 27.62
C PRO C 385 -2.44 17.43 26.69
N GLY C 386 -3.46 17.77 25.91
CA GLY C 386 -4.05 16.82 24.99
C GLY C 386 -5.20 16.06 25.63
N SER C 387 -5.72 15.09 24.86
CA SER C 387 -6.81 14.28 25.37
C SER C 387 -6.35 13.29 26.44
N THR C 388 -5.05 13.24 26.75
CA THR C 388 -4.59 12.53 27.92
C THR C 388 -5.18 13.11 29.20
N PHE C 389 -5.58 14.38 29.17
CA PHE C 389 -6.15 15.08 30.31
C PHE C 389 -7.51 14.53 30.73
N LYS C 390 -8.06 13.55 29.99
CA LYS C 390 -9.32 12.95 30.39
C LYS C 390 -9.26 12.37 31.79
N MET C 391 -8.09 11.89 32.21
CA MET C 391 -7.94 11.31 33.54
C MET C 391 -8.29 12.33 34.62
N ILE C 392 -7.77 13.55 34.50
CA ILE C 392 -8.04 14.57 35.50
C ILE C 392 -9.51 14.96 35.49
N THR C 393 -10.08 15.18 34.30
CA THR C 393 -11.48 15.52 34.21
C THR C 393 -12.37 14.40 34.73
N ALA C 394 -11.98 13.15 34.48
CA ALA C 394 -12.74 12.02 35.02
C ALA C 394 -12.56 11.91 36.53
N ALA C 395 -11.33 12.10 37.02
CA ALA C 395 -11.08 12.04 38.46
C ALA C 395 -11.85 13.14 39.19
N ILE C 396 -11.95 14.32 38.58
CA ILE C 396 -12.78 15.38 39.16
C ILE C 396 -14.24 15.00 39.12
N GLY C 397 -14.69 14.43 37.99
CA GLY C 397 -16.08 14.02 37.88
C GLY C 397 -16.47 12.91 38.84
N LEU C 398 -15.51 12.06 39.21
CA LEU C 398 -15.78 11.02 40.18
C LEU C 398 -15.79 11.54 41.61
N ASP C 399 -15.13 12.67 41.88
CA ASP C 399 -15.08 13.20 43.23
C ASP C 399 -16.32 14.01 43.58
N ASN C 400 -16.95 14.65 42.58
CA ASN C 400 -18.14 15.46 42.82
C ASN C 400 -19.42 14.76 42.39
N GLY C 401 -19.37 13.45 42.14
CA GLY C 401 -20.56 12.69 41.82
C GLY C 401 -21.18 12.98 40.48
N THR C 402 -20.52 13.78 39.63
CA THR C 402 -21.08 14.06 38.31
C THR C 402 -20.98 12.85 37.40
N ILE C 403 -19.90 12.09 37.51
CA ILE C 403 -19.62 10.98 36.60
C ILE C 403 -19.96 9.67 37.31
N ASP C 404 -20.91 8.93 36.73
CA ASP C 404 -21.18 7.56 37.17
C ASP C 404 -20.39 6.61 36.28
N PRO C 405 -19.45 5.85 36.82
CA PRO C 405 -18.60 5.00 35.96
C PRO C 405 -19.40 3.98 35.14
N ASN C 406 -20.59 3.61 35.57
CA ASN C 406 -21.40 2.63 34.85
C ASN C 406 -22.47 3.28 33.98
N GLU C 407 -22.73 4.57 34.13
CA GLU C 407 -23.70 5.24 33.28
C GLU C 407 -23.17 5.30 31.85
N VAL C 408 -24.03 4.97 30.89
CA VAL C 408 -23.65 4.82 29.50
C VAL C 408 -24.28 5.96 28.69
N LEU C 409 -23.43 6.75 28.05
CA LEU C 409 -23.89 7.79 27.13
C LEU C 409 -24.08 7.19 25.74
N THR C 410 -25.12 7.65 25.05
CA THR C 410 -25.40 7.23 23.68
C THR C 410 -24.89 8.30 22.73
N ILE C 411 -23.81 7.99 22.02
CA ILE C 411 -23.15 8.93 21.11
C ILE C 411 -23.22 8.34 19.71
N ASN C 412 -23.77 9.10 18.77
CA ASN C 412 -23.93 8.68 17.39
C ASN C 412 -23.01 9.51 16.50
N GLY C 413 -22.08 8.84 15.82
CA GLY C 413 -21.20 9.49 14.88
C GLY C 413 -19.84 9.81 15.47
N LEU C 414 -19.18 10.79 14.84
CA LEU C 414 -17.85 11.21 15.23
C LEU C 414 -17.77 12.67 15.64
N LYS C 415 -18.82 13.45 15.43
CA LYS C 415 -18.85 14.86 15.80
C LYS C 415 -20.06 15.12 16.67
N TRP C 416 -19.95 16.12 17.56
CA TRP C 416 -21.03 16.42 18.48
C TRP C 416 -20.93 17.86 18.94
N GLN C 417 -22.09 18.48 19.14
CA GLN C 417 -22.18 19.83 19.70
C GLN C 417 -23.42 19.91 20.57
N LYS C 418 -23.35 20.72 21.62
CA LYS C 418 -24.49 20.85 22.53
C LYS C 418 -25.68 21.48 21.82
N ASP C 419 -25.45 22.59 21.11
CA ASP C 419 -26.53 23.34 20.48
C ASP C 419 -26.05 23.87 19.14
N SER C 420 -27.01 24.20 18.28
CA SER C 420 -26.69 24.88 17.04
C SER C 420 -26.01 26.22 17.26
N SER C 421 -26.09 26.76 18.48
CA SER C 421 -25.39 28.00 18.81
C SER C 421 -23.88 27.87 18.66
N TRP C 422 -23.35 26.65 18.74
CA TRP C 422 -21.91 26.44 18.55
C TRP C 422 -21.46 26.71 17.12
N GLY C 423 -22.39 26.91 16.20
CA GLY C 423 -22.01 27.18 14.82
C GLY C 423 -21.51 25.91 14.15
N SER C 424 -20.31 25.99 13.57
CA SER C 424 -19.74 24.87 12.84
C SER C 424 -18.76 24.06 13.68
N TYR C 425 -18.51 24.47 14.92
CA TYR C 425 -17.57 23.74 15.77
C TYR C 425 -18.23 22.49 16.33
N GLN C 426 -17.51 21.38 16.29
CA GLN C 426 -17.99 20.11 16.81
C GLN C 426 -16.84 19.36 17.47
N VAL C 427 -17.10 18.78 18.64
CA VAL C 427 -16.11 17.95 19.31
C VAL C 427 -15.95 16.64 18.55
N THR C 428 -14.73 16.30 18.20
CA THR C 428 -14.43 15.18 17.32
C THR C 428 -13.83 14.02 18.10
N ARG C 429 -14.24 12.80 17.75
CA ARG C 429 -13.66 11.58 18.29
C ARG C 429 -13.26 10.68 17.12
N VAL C 430 -12.47 9.66 17.42
CA VAL C 430 -11.88 8.82 16.38
C VAL C 430 -12.67 7.53 16.19
N SER C 431 -13.36 7.08 17.24
CA SER C 431 -14.06 5.80 17.23
C SER C 431 -15.56 6.01 17.38
N ASP C 432 -16.34 5.45 16.45
CA ASP C 432 -17.79 5.57 16.47
C ASP C 432 -18.36 4.45 17.33
N VAL C 433 -18.25 4.64 18.65
CA VAL C 433 -18.80 3.71 19.63
C VAL C 433 -20.13 4.27 20.12
N SER C 434 -21.17 3.44 20.07
CA SER C 434 -22.51 3.91 20.40
C SER C 434 -22.73 4.01 21.91
N GLN C 435 -22.45 2.93 22.63
CA GLN C 435 -22.67 2.86 24.07
C GLN C 435 -21.34 3.07 24.77
N VAL C 436 -21.11 4.29 25.26
CA VAL C 436 -19.85 4.69 25.88
C VAL C 436 -20.10 5.00 27.35
N ASP C 437 -19.38 4.32 28.23
CA ASP C 437 -19.30 4.68 29.64
C ASP C 437 -17.89 5.19 29.94
N LEU C 438 -17.54 5.27 31.22
CA LEU C 438 -16.22 5.78 31.59
C LEU C 438 -15.11 4.86 31.13
N LYS C 439 -15.24 3.56 31.40
CA LYS C 439 -14.21 2.62 30.99
C LYS C 439 -14.03 2.61 29.48
N THR C 440 -15.13 2.65 28.73
CA THR C 440 -15.05 2.67 27.27
C THR C 440 -14.40 3.97 26.78
N ALA C 441 -14.72 5.09 27.43
CA ALA C 441 -14.19 6.38 26.99
C ALA C 441 -12.68 6.47 27.18
N LEU C 442 -12.15 5.86 28.23
CA LEU C 442 -10.71 5.90 28.45
C LEU C 442 -9.98 4.92 27.55
N ILE C 443 -10.60 3.79 27.22
CA ILE C 443 -9.96 2.81 26.33
C ILE C 443 -9.85 3.38 24.92
N TYR C 444 -10.94 3.91 24.38
CA TYR C 444 -10.98 4.41 23.02
C TYR C 444 -10.55 5.87 22.90
N SER C 445 -10.30 6.55 24.02
CA SER C 445 -9.98 7.98 24.03
C SER C 445 -11.08 8.79 23.33
N ASP C 446 -12.24 8.78 23.98
CA ASP C 446 -13.45 9.41 23.43
C ASP C 446 -13.56 10.84 23.95
N ASN C 447 -13.33 11.81 23.08
CA ASN C 447 -13.43 13.21 23.49
C ASN C 447 -14.88 13.66 23.62
N ILE C 448 -15.80 13.05 22.89
CA ILE C 448 -17.20 13.45 22.97
C ILE C 448 -17.78 13.09 24.34
N TYR C 449 -17.39 11.93 24.89
CA TYR C 449 -17.80 11.58 26.24
C TYR C 449 -17.28 12.61 27.24
N THR C 450 -15.99 12.96 27.14
CA THR C 450 -15.41 13.92 28.07
C THR C 450 -16.05 15.30 27.90
N ALA C 451 -16.28 15.71 26.66
CA ALA C 451 -16.88 17.02 26.43
C ALA C 451 -18.30 17.09 26.99
N GLN C 452 -19.03 15.97 26.97
CA GLN C 452 -20.38 15.95 27.51
C GLN C 452 -20.37 15.96 29.03
N GLU C 453 -19.52 15.13 29.65
CA GLU C 453 -19.45 15.09 31.10
C GLU C 453 -18.89 16.38 31.68
N THR C 454 -18.00 17.06 30.93
CA THR C 454 -17.49 18.34 31.39
C THR C 454 -18.58 19.40 31.43
N LEU C 455 -19.41 19.45 30.38
CA LEU C 455 -20.52 20.40 30.37
C LEU C 455 -21.55 20.06 31.44
N LYS C 456 -21.81 18.78 31.67
CA LYS C 456 -22.71 18.39 32.75
C LYS C 456 -22.13 18.74 34.11
N MET C 457 -20.80 18.69 34.25
CA MET C 457 -20.18 19.04 35.52
C MET C 457 -20.31 20.53 35.82
N GLY C 458 -20.23 21.36 34.80
CA GLY C 458 -20.30 22.79 35.00
C GLY C 458 -18.94 23.41 35.25
N GLU C 459 -18.81 24.68 34.90
CA GLU C 459 -17.53 25.37 35.06
C GLU C 459 -17.14 25.47 36.53
N LYS C 460 -18.11 25.74 37.41
CA LYS C 460 -17.81 25.95 38.82
C LYS C 460 -17.24 24.70 39.46
N LYS C 461 -17.94 23.57 39.32
CA LYS C 461 -17.44 22.32 39.88
C LYS C 461 -16.16 21.86 39.20
N PHE C 462 -16.00 22.15 37.91
CA PHE C 462 -14.81 21.72 37.20
C PHE C 462 -13.58 22.49 37.68
N ARG C 463 -13.70 23.82 37.83
CA ARG C 463 -12.58 24.60 38.33
C ARG C 463 -12.27 24.28 39.79
N THR C 464 -13.30 23.96 40.59
CA THR C 464 -13.07 23.58 41.97
C THR C 464 -12.20 22.33 42.05
N GLY C 465 -12.41 21.39 41.13
CA GLY C 465 -11.54 20.22 41.09
C GLY C 465 -10.17 20.51 40.52
N LEU C 466 -10.08 21.44 39.56
CA LEU C 466 -8.79 21.77 38.97
C LEU C 466 -7.93 22.59 39.92
N ASP C 467 -8.55 23.47 40.71
CA ASP C 467 -7.80 24.35 41.59
C ASP C 467 -7.06 23.60 42.68
N LYS C 468 -7.46 22.35 42.98
CA LYS C 468 -6.72 21.55 43.94
C LYS C 468 -5.39 21.05 43.40
N PHE C 469 -5.06 21.33 42.14
CA PHE C 469 -3.79 20.90 41.57
C PHE C 469 -2.73 22.00 41.71
N ILE C 470 -1.85 22.11 40.73
CA ILE C 470 -0.69 23.00 40.82
C ILE C 470 -0.77 24.15 39.82
N PHE C 471 -1.97 24.49 39.36
CA PHE C 471 -2.10 25.61 38.43
C PHE C 471 -1.75 26.91 39.12
N GLY C 472 -0.82 27.66 38.53
CA GLY C 472 -0.37 28.92 39.08
C GLY C 472 0.77 28.81 40.07
N GLU C 473 1.29 27.60 40.30
CA GLU C 473 2.37 27.39 41.27
C GLU C 473 3.72 27.38 40.57
N ASP C 474 4.70 28.05 41.18
CA ASP C 474 6.07 28.05 40.69
C ASP C 474 6.81 26.90 41.38
N LEU C 475 7.20 25.89 40.60
CA LEU C 475 7.86 24.72 41.16
C LEU C 475 9.27 25.08 41.62
N ASP C 476 9.73 24.39 42.66
CA ASP C 476 11.06 24.61 43.22
C ASP C 476 12.07 23.75 42.47
N LEU C 477 12.35 24.15 41.23
CA LEU C 477 13.25 23.44 40.35
C LEU C 477 14.17 24.46 39.67
N PRO C 478 15.45 24.12 39.48
CA PRO C 478 16.36 25.07 38.84
C PRO C 478 16.21 25.11 37.34
N ILE C 479 14.98 25.05 36.85
CA ILE C 479 14.68 25.12 35.43
C ILE C 479 13.72 26.29 35.22
N SER C 480 14.14 27.26 34.41
CA SER C 480 13.30 28.42 34.11
C SER C 480 12.03 27.99 33.40
N MET C 481 10.88 28.22 34.05
CA MET C 481 9.60 27.75 33.54
C MET C 481 8.51 28.69 34.00
N ASN C 482 7.41 28.69 33.27
CA ASN C 482 6.25 29.46 33.69
C ASN C 482 5.20 28.53 34.28
N PRO C 483 4.44 29.00 35.27
CA PRO C 483 3.46 28.12 35.92
C PRO C 483 2.33 27.75 34.99
N ALA C 484 1.73 26.59 35.27
CA ALA C 484 0.63 26.10 34.45
C ALA C 484 -0.63 26.92 34.70
N GLN C 485 -1.41 27.11 33.63
CA GLN C 485 -2.65 27.87 33.71
C GLN C 485 -3.81 27.02 33.21
N ILE C 486 -4.99 27.29 33.76
CA ILE C 486 -6.20 26.65 33.28
C ILE C 486 -6.71 27.36 32.02
N SER C 487 -6.66 28.68 32.01
CA SER C 487 -7.06 29.48 30.87
C SER C 487 -6.38 30.83 30.98
N ASN C 488 -6.73 31.76 30.09
CA ASN C 488 -6.17 33.11 30.18
C ASN C 488 -6.74 33.85 31.38
N GLU C 489 -8.06 33.89 31.50
CA GLU C 489 -8.74 34.54 32.62
C GLU C 489 -9.29 33.46 33.56
N ASP C 490 -9.86 33.92 34.67
CA ASP C 490 -10.39 33.03 35.70
C ASP C 490 -11.77 32.48 35.36
N SER C 491 -12.35 32.87 34.23
CA SER C 491 -13.65 32.37 33.81
C SER C 491 -13.59 32.03 32.34
N PHE C 492 -14.08 30.84 31.98
CA PHE C 492 -14.09 30.44 30.58
C PHE C 492 -14.97 31.35 29.75
N ASN C 493 -16.17 31.67 30.25
CA ASN C 493 -17.13 32.52 29.56
C ASN C 493 -17.47 31.99 28.17
N SER C 494 -17.40 30.67 28.00
CA SER C 494 -17.68 30.04 26.72
C SER C 494 -17.89 28.56 26.95
N ASP C 495 -19.11 28.07 26.67
CA ASP C 495 -19.37 26.64 26.78
C ASP C 495 -18.45 25.84 25.87
N ILE C 496 -18.09 26.39 24.71
CA ILE C 496 -17.17 25.71 23.80
C ILE C 496 -15.81 25.53 24.46
N LEU C 497 -15.28 26.60 25.07
CA LEU C 497 -13.97 26.52 25.69
C LEU C 497 -13.98 25.55 26.87
N LEU C 498 -15.07 25.53 27.64
CA LEU C 498 -15.17 24.60 28.75
C LEU C 498 -15.13 23.15 28.25
N ALA C 499 -15.84 22.86 27.16
CA ALA C 499 -15.82 21.51 26.61
C ALA C 499 -14.42 21.13 26.12
N ASP C 500 -13.74 22.07 25.45
CA ASP C 500 -12.39 21.79 24.99
C ASP C 500 -11.45 21.53 26.16
N THR C 501 -11.53 22.37 27.20
CA THR C 501 -10.71 22.17 28.38
C THR C 501 -11.01 20.84 29.06
N GLY C 502 -12.20 20.27 28.84
CA GLY C 502 -12.51 18.98 29.42
C GLY C 502 -11.54 17.89 28.98
N TYR C 503 -11.31 17.77 27.67
CA TYR C 503 -10.36 16.82 27.14
C TYR C 503 -9.01 17.46 26.81
N GLY C 504 -8.66 18.53 27.51
CA GLY C 504 -7.29 18.98 27.59
C GLY C 504 -6.73 19.73 26.39
N GLN C 505 -7.53 20.59 25.76
CA GLN C 505 -6.99 21.45 24.72
C GLN C 505 -7.84 22.69 24.53
N GLY C 506 -7.88 23.55 25.54
CA GLY C 506 -8.46 24.86 25.41
C GLY C 506 -7.38 25.90 25.47
N GLU C 507 -7.39 26.73 26.52
CA GLU C 507 -6.28 27.61 26.82
C GLU C 507 -5.35 27.01 27.87
N LEU C 508 -5.40 25.70 28.06
CA LEU C 508 -4.52 25.02 29.00
C LEU C 508 -3.07 25.11 28.55
N LEU C 509 -2.19 25.38 29.51
CA LEU C 509 -0.74 25.41 29.25
C LEU C 509 -0.06 24.70 30.41
N ILE C 510 0.47 23.50 30.15
CA ILE C 510 1.14 22.70 31.16
C ILE C 510 2.37 22.07 30.53
N ASN C 511 3.55 22.39 31.05
CA ASN C 511 4.77 21.80 30.52
C ASN C 511 4.93 20.36 31.01
N PRO C 512 5.70 19.54 30.29
CA PRO C 512 5.76 18.10 30.64
C PRO C 512 6.19 17.82 32.06
N ILE C 513 7.00 18.68 32.68
CA ILE C 513 7.36 18.47 34.08
C ILE C 513 6.16 18.68 34.99
N GLN C 514 5.38 19.73 34.73
CA GLN C 514 4.15 19.95 35.48
C GLN C 514 3.11 18.88 35.18
N GLN C 515 3.14 18.30 33.98
CA GLN C 515 2.22 17.22 33.66
C GLN C 515 2.52 15.98 34.50
N ALA C 516 3.80 15.60 34.59
CA ALA C 516 4.17 14.45 35.41
C ALA C 516 3.85 14.68 36.88
N ALA C 517 3.85 15.94 37.32
CA ALA C 517 3.46 16.24 38.69
C ALA C 517 1.96 16.00 38.89
N MET C 518 1.15 16.54 37.99
CA MET C 518 -0.31 16.37 38.12
C MET C 518 -0.72 14.92 37.94
N TYR C 519 -0.04 14.19 37.06
CA TYR C 519 -0.40 12.80 36.82
C TYR C 519 0.13 11.85 37.88
N SER C 520 0.98 12.33 38.79
CA SER C 520 1.52 11.48 39.84
C SER C 520 0.47 11.06 40.86
N VAL C 521 -0.71 11.69 40.86
CA VAL C 521 -1.74 11.35 41.83
C VAL C 521 -2.23 9.92 41.65
N PHE C 522 -2.15 9.40 40.42
CA PHE C 522 -2.57 8.02 40.16
C PHE C 522 -1.57 6.99 40.66
N ALA C 523 -0.44 7.42 41.22
CA ALA C 523 0.53 6.52 41.82
C ALA C 523 0.68 6.74 43.31
N ASN C 524 -0.13 7.63 43.90
CA ASN C 524 -0.06 7.90 45.33
C ASN C 524 -1.44 8.03 45.95
N ASN C 525 -2.47 7.44 45.33
CA ASN C 525 -3.84 7.45 45.84
C ASN C 525 -4.34 8.88 46.09
N GLY C 526 -4.26 9.70 45.05
CA GLY C 526 -4.78 11.06 45.14
C GLY C 526 -3.88 12.06 45.82
N THR C 527 -2.60 11.74 46.00
CA THR C 527 -1.64 12.64 46.60
C THR C 527 -0.64 13.07 45.54
N LEU C 528 -0.55 14.37 45.30
CA LEU C 528 0.36 14.91 44.30
C LEU C 528 1.77 14.98 44.87
N VAL C 529 2.74 14.48 44.12
CA VAL C 529 4.15 14.49 44.52
C VAL C 529 4.89 15.45 43.60
N TYR C 530 5.42 16.51 44.18
CA TYR C 530 6.14 17.51 43.39
C TYR C 530 7.41 16.90 42.81
N PRO C 531 7.77 17.25 41.57
CA PRO C 531 9.00 16.71 40.98
C PRO C 531 10.23 17.25 41.67
N LYS C 532 11.31 16.48 41.60
CA LYS C 532 12.55 16.78 42.28
C LYS C 532 13.72 16.51 41.34
N LEU C 533 14.61 17.50 41.21
CA LEU C 533 15.77 17.36 40.34
C LEU C 533 17.08 17.21 41.10
N ILE C 534 17.23 17.85 42.25
CA ILE C 534 18.44 17.73 43.06
C ILE C 534 18.28 16.54 43.99
N ALA C 535 19.31 15.70 44.08
CA ALA C 535 19.18 14.43 44.77
C ALA C 535 19.02 14.59 46.28
N ASP C 536 19.55 15.67 46.85
CA ASP C 536 19.57 15.82 48.30
C ASP C 536 18.30 16.45 48.86
N LYS C 537 17.48 17.10 48.02
CA LYS C 537 16.31 17.78 48.52
C LYS C 537 15.28 16.79 49.06
N GLU C 538 14.38 17.30 49.89
CA GLU C 538 13.35 16.48 50.51
C GLU C 538 12.14 16.36 49.60
N THR C 539 11.38 15.29 49.79
CA THR C 539 10.21 15.02 48.97
C THR C 539 9.03 15.84 49.47
N LYS C 540 8.56 16.77 48.64
CA LYS C 540 7.37 17.55 48.94
C LYS C 540 6.17 16.95 48.24
N ASP C 541 5.02 16.95 48.92
CA ASP C 541 3.82 16.33 48.39
C ASP C 541 2.60 17.20 48.71
N LYS C 542 1.49 16.88 48.05
CA LYS C 542 0.23 17.61 48.22
C LYS C 542 -0.87 16.57 48.34
N LYS C 543 -1.34 16.36 49.57
CA LYS C 543 -2.27 15.28 49.85
C LYS C 543 -3.72 15.68 49.54
N ASN C 544 -4.53 14.67 49.22
CA ASN C 544 -5.96 14.83 48.99
C ASN C 544 -6.24 15.75 47.80
N VAL C 545 -5.51 15.55 46.71
CA VAL C 545 -5.80 16.29 45.48
C VAL C 545 -7.07 15.74 44.83
N ILE C 546 -7.11 14.42 44.61
CA ILE C 546 -8.31 13.74 44.16
C ILE C 546 -8.60 12.59 45.10
N GLY C 547 -9.82 12.06 45.02
CA GLY C 547 -10.23 11.01 45.92
C GLY C 547 -9.59 9.68 45.59
N GLU C 548 -9.29 8.90 46.65
CA GLU C 548 -8.75 7.56 46.46
C GLU C 548 -9.74 6.66 45.73
N THR C 549 -11.04 6.94 45.87
CA THR C 549 -12.04 6.19 45.13
C THR C 549 -11.88 6.41 43.63
N ALA C 550 -11.57 7.64 43.22
CA ALA C 550 -11.39 7.93 41.80
C ALA C 550 -10.15 7.24 41.25
N VAL C 551 -9.08 7.16 42.04
CA VAL C 551 -7.86 6.51 41.58
C VAL C 551 -8.09 5.02 41.37
N GLN C 552 -8.70 4.35 42.35
CA GLN C 552 -8.98 2.93 42.25
C GLN C 552 -10.01 2.60 41.18
N THR C 553 -10.68 3.61 40.62
CA THR C 553 -11.61 3.41 39.52
C THR C 553 -10.93 3.63 38.16
N ILE C 554 -10.01 4.59 38.08
CA ILE C 554 -9.41 4.97 36.81
C ILE C 554 -8.21 4.09 36.46
N VAL C 555 -7.38 3.77 37.46
CA VAL C 555 -6.19 2.95 37.18
C VAL C 555 -6.54 1.61 36.56
N PRO C 556 -7.55 0.86 37.05
CA PRO C 556 -7.94 -0.36 36.33
C PRO C 556 -8.38 -0.08 34.90
N ASP C 557 -9.06 1.04 34.66
CA ASP C 557 -9.41 1.42 33.29
C ASP C 557 -8.17 1.75 32.48
N LEU C 558 -7.17 2.39 33.11
CA LEU C 558 -5.93 2.70 32.42
C LEU C 558 -5.16 1.43 32.08
N ARG C 559 -5.33 0.37 32.87
CA ARG C 559 -4.77 -0.93 32.49
C ARG C 559 -5.38 -1.43 31.19
N GLU C 560 -6.71 -1.30 31.05
CA GLU C 560 -7.39 -1.74 29.85
C GLU C 560 -6.99 -0.94 28.62
N VAL C 561 -6.50 0.28 28.80
CA VAL C 561 -5.97 1.05 27.67
C VAL C 561 -4.84 0.29 27.00
N VAL C 562 -4.13 -0.54 27.76
CA VAL C 562 -3.04 -1.34 27.23
C VAL C 562 -3.48 -2.77 26.92
N GLN C 563 -4.35 -3.33 27.76
CA GLN C 563 -4.70 -4.74 27.64
C GLN C 563 -5.84 -4.99 26.64
N ASP C 564 -6.85 -4.12 26.60
CA ASP C 564 -7.94 -4.30 25.66
C ASP C 564 -7.41 -4.22 24.24
N VAL C 565 -7.92 -5.10 23.36
CA VAL C 565 -7.39 -5.17 22.00
C VAL C 565 -7.72 -3.93 21.20
N ASN C 566 -8.75 -3.17 21.59
CA ASN C 566 -9.07 -1.91 20.96
C ASN C 566 -8.56 -0.72 21.76
N GLY C 567 -7.69 -0.97 22.74
CA GLY C 567 -7.08 0.13 23.48
C GLY C 567 -6.11 0.90 22.61
N THR C 568 -6.01 2.21 22.89
CA THR C 568 -5.15 3.08 22.10
C THR C 568 -3.67 2.78 22.31
N ALA C 569 -3.31 2.15 23.43
CA ALA C 569 -1.92 1.78 23.70
C ALA C 569 -1.73 0.27 23.72
N HIS C 570 -2.58 -0.46 22.99
CA HIS C 570 -2.50 -1.91 22.98
C HIS C 570 -1.16 -2.41 22.45
N SER C 571 -0.47 -1.61 21.64
CA SER C 571 0.85 -1.99 21.15
C SER C 571 1.86 -2.15 22.28
N LEU C 572 1.58 -1.57 23.45
CA LEU C 572 2.47 -1.70 24.60
C LEU C 572 2.26 -3.01 25.35
N SER C 573 1.18 -3.74 25.08
CA SER C 573 1.01 -5.07 25.66
C SER C 573 2.05 -6.05 25.14
N ALA C 574 2.74 -5.70 24.06
CA ALA C 574 3.85 -6.53 23.58
C ALA C 574 4.94 -6.65 24.64
N LEU C 575 5.06 -5.66 25.53
CA LEU C 575 6.06 -5.73 26.59
C LEU C 575 5.82 -6.90 27.53
N GLY C 576 4.57 -7.14 27.87
CA GLY C 576 4.26 -8.15 28.87
C GLY C 576 4.56 -7.72 30.28
N ILE C 577 4.49 -6.43 30.56
CA ILE C 577 4.76 -5.89 31.89
C ILE C 577 3.49 -5.19 32.36
N PRO C 578 3.32 -5.05 33.68
CA PRO C 578 2.16 -4.31 34.20
C PRO C 578 2.25 -2.84 33.80
N LEU C 579 1.24 -2.39 33.05
CA LEU C 579 1.24 -1.04 32.50
C LEU C 579 -0.16 -0.47 32.57
N ALA C 580 -0.29 0.68 33.24
CA ALA C 580 -1.48 1.53 33.17
C ALA C 580 -1.10 2.78 32.39
N ALA C 581 -1.72 2.97 31.24
CA ALA C 581 -1.30 4.02 30.32
C ALA C 581 -2.51 4.79 29.81
N LYS C 582 -2.22 5.93 29.17
CA LYS C 582 -3.22 6.76 28.53
C LYS C 582 -2.55 7.53 27.39
N THR C 583 -3.19 7.55 26.23
CA THR C 583 -2.69 8.29 25.09
C THR C 583 -3.47 9.59 24.95
N GLY C 584 -3.12 10.37 23.93
CA GLY C 584 -3.81 11.63 23.71
C GLY C 584 -3.29 12.34 22.48
N THR C 585 -4.15 13.18 21.93
CA THR C 585 -3.81 14.03 20.78
C THR C 585 -4.27 15.45 21.08
N ALA C 586 -3.72 16.40 20.31
CA ALA C 586 -4.06 17.80 20.47
C ALA C 586 -3.92 18.48 19.12
N GLU C 587 -5.00 19.10 18.65
CA GLU C 587 -5.00 19.81 17.38
C GLU C 587 -4.63 21.27 17.62
N ILE C 588 -3.59 21.74 16.95
CA ILE C 588 -3.12 23.12 17.05
C ILE C 588 -3.23 23.76 15.68
N LYS C 589 -3.95 24.88 15.60
CA LYS C 589 -4.14 25.56 14.32
C LYS C 589 -4.57 27.00 14.60
N GLU C 590 -3.58 27.89 14.70
CA GLU C 590 -3.83 29.31 14.83
C GLU C 590 -3.85 29.95 13.43
N LYS C 591 -3.75 31.28 13.36
CA LYS C 591 -3.69 31.94 12.06
C LYS C 591 -2.34 31.76 11.40
N GLN C 592 -1.27 31.60 12.18
CA GLN C 592 0.06 31.44 11.61
C GLN C 592 0.30 30.05 11.06
N ASP C 593 -0.53 29.08 11.42
CA ASP C 593 -0.36 27.71 10.97
C ASP C 593 -0.99 27.51 9.59
N VAL C 594 -0.31 26.73 8.75
CA VAL C 594 -0.77 26.42 7.40
C VAL C 594 -2.07 25.64 7.49
N LYS C 595 -1.93 24.33 7.67
CA LYS C 595 -3.05 23.44 7.94
C LYS C 595 -2.98 23.04 9.42
N GLY C 596 -3.76 22.03 9.80
CA GLY C 596 -3.79 21.61 11.19
C GLY C 596 -2.56 20.82 11.57
N LYS C 597 -2.01 21.15 12.74
CA LYS C 597 -0.88 20.44 13.31
C LYS C 597 -1.35 19.64 14.51
N GLU C 598 -0.89 18.39 14.61
CA GLU C 598 -1.33 17.49 15.67
C GLU C 598 -0.15 17.10 16.54
N ASN C 599 -0.39 17.01 17.85
CA ASN C 599 0.60 16.57 18.82
C ASN C 599 0.14 15.25 19.44
N SER C 600 1.07 14.31 19.57
CA SER C 600 0.77 12.99 20.12
C SER C 600 1.35 12.87 21.52
N PHE C 601 0.56 12.33 22.44
CA PHE C 601 0.94 12.21 23.84
C PHE C 601 0.87 10.75 24.29
N LEU C 602 1.65 10.44 25.32
CA LEU C 602 1.57 9.15 25.99
C LEU C 602 1.91 9.33 27.45
N PHE C 603 1.05 8.81 28.32
CA PHE C 603 1.29 8.75 29.76
C PHE C 603 1.25 7.29 30.18
N ALA C 604 2.24 6.86 30.95
CA ALA C 604 2.32 5.47 31.37
C ALA C 604 3.07 5.37 32.69
N PHE C 605 2.70 4.38 33.50
CA PHE C 605 3.35 4.13 34.77
C PHE C 605 3.00 2.72 35.22
N ASN C 606 3.83 2.17 36.11
CA ASN C 606 3.62 0.83 36.62
C ASN C 606 2.55 0.86 37.71
N PRO C 607 1.38 0.27 37.47
CA PRO C 607 0.31 0.31 38.46
C PRO C 607 0.48 -0.65 39.63
N ASP C 608 1.45 -1.56 39.56
CA ASP C 608 1.67 -2.53 40.63
C ASP C 608 2.58 -1.99 41.73
N ASN C 609 3.75 -1.46 41.35
CA ASN C 609 4.72 -0.99 42.31
C ASN C 609 4.85 0.53 42.36
N GLN C 610 4.28 1.25 41.40
CA GLN C 610 4.42 2.70 41.30
C GLN C 610 5.89 3.13 41.25
N GLY C 611 6.74 2.31 40.63
CA GLY C 611 8.16 2.58 40.65
C GLY C 611 8.60 3.66 39.67
N TYR C 612 7.88 3.81 38.57
CA TYR C 612 8.24 4.79 37.56
C TYR C 612 6.98 5.37 36.94
N MET C 613 7.14 6.54 36.31
CA MET C 613 6.08 7.21 35.58
C MET C 613 6.70 7.95 34.40
N MET C 614 5.96 7.99 33.30
CA MET C 614 6.49 8.51 32.05
C MET C 614 5.44 9.31 31.32
N VAL C 615 5.81 10.50 30.85
CA VAL C 615 4.98 11.29 29.95
C VAL C 615 5.84 11.67 28.76
N SER C 616 5.33 11.39 27.56
CA SER C 616 6.08 11.65 26.33
C SER C 616 5.14 12.32 25.32
N MET C 617 5.68 13.30 24.61
CA MET C 617 4.91 14.06 23.64
C MET C 617 5.70 14.15 22.33
N LEU C 618 4.96 14.22 21.22
CA LEU C 618 5.55 14.39 19.89
C LEU C 618 4.94 15.63 19.25
N GLU C 619 5.67 16.74 19.29
CA GLU C 619 5.17 18.00 18.76
C GLU C 619 5.16 17.98 17.24
N ASN C 620 4.03 18.39 16.66
CA ASN C 620 3.86 18.47 15.21
C ASN C 620 4.22 17.14 14.55
N LYS C 621 3.46 16.11 14.92
CA LYS C 621 3.81 14.75 14.54
C LYS C 621 3.72 14.56 13.03
N GLU C 622 4.64 13.77 12.49
CA GLU C 622 4.47 13.26 11.15
C GLU C 622 3.33 12.26 11.11
N ASP C 623 2.80 12.02 9.92
CA ASP C 623 1.73 11.06 9.77
C ASP C 623 2.22 9.66 10.13
N ASP C 624 1.34 8.87 10.74
CA ASP C 624 1.62 7.50 11.17
C ASP C 624 2.71 7.44 12.23
N ASP C 625 2.90 8.52 12.99
CA ASP C 625 3.87 8.58 14.06
C ASP C 625 3.15 8.92 15.36
N SER C 626 3.68 8.41 16.48
CA SER C 626 3.05 8.65 17.77
C SER C 626 4.07 8.44 18.88
N ALA C 627 3.76 9.00 20.05
CA ALA C 627 4.64 8.83 21.20
C ALA C 627 4.62 7.39 21.70
N THR C 628 3.50 6.70 21.55
CA THR C 628 3.40 5.30 21.98
C THR C 628 4.29 4.40 21.14
N LYS C 629 4.50 4.74 19.87
CA LYS C 629 5.29 3.90 18.98
C LYS C 629 6.74 3.82 19.43
N ARG C 630 7.23 4.86 20.12
CA ARG C 630 8.65 4.98 20.45
C ARG C 630 8.95 4.76 21.91
N ALA C 631 7.96 4.34 22.71
CA ALA C 631 8.14 4.21 24.15
C ALA C 631 8.40 2.79 24.60
N SER C 632 8.62 1.86 23.66
CA SER C 632 8.82 0.46 24.04
C SER C 632 10.11 0.28 24.83
N GLU C 633 11.19 0.98 24.44
CA GLU C 633 12.49 0.75 25.04
C GLU C 633 12.61 1.43 26.41
N LEU C 634 12.14 2.67 26.53
CA LEU C 634 12.25 3.36 27.81
C LEU C 634 11.41 2.68 28.89
N LEU C 635 10.24 2.15 28.51
CA LEU C 635 9.41 1.46 29.49
C LEU C 635 10.05 0.18 29.99
N GLN C 636 10.78 -0.53 29.12
CA GLN C 636 11.50 -1.72 29.56
C GLN C 636 12.56 -1.36 30.59
N TYR C 637 13.33 -0.31 30.33
CA TYR C 637 14.40 0.08 31.26
C TYR C 637 13.84 0.54 32.59
N LEU C 638 12.81 1.39 32.56
CA LEU C 638 12.23 1.89 33.81
C LEU C 638 11.56 0.76 34.59
N ASN C 639 10.94 -0.19 33.90
CA ASN C 639 10.31 -1.30 34.58
C ASN C 639 11.33 -2.25 35.19
N GLN C 640 12.51 -2.37 34.57
CA GLN C 640 13.53 -3.27 35.08
C GLN C 640 14.29 -2.65 36.26
N ASN C 641 14.63 -1.36 36.17
CA ASN C 641 15.54 -0.72 37.10
C ASN C 641 14.86 0.11 38.18
N TYR C 642 13.53 0.25 38.14
CA TYR C 642 12.81 1.09 39.10
C TYR C 642 11.50 0.42 39.50
N GLN C 643 11.59 -0.53 40.43
CA GLN C 643 10.41 -1.19 40.96
C GLN C 643 10.00 -0.58 42.30
S SO4 D . -30.56 -8.91 -3.73
O1 SO4 D . -31.46 -9.01 -2.60
O2 SO4 D . -31.26 -9.27 -4.97
O3 SO4 D . -29.43 -9.81 -3.54
O4 SO4 D . -30.07 -7.53 -3.83
S SO4 E . 6.08 -18.34 -34.14
O1 SO4 E . 4.71 -18.83 -34.00
O2 SO4 E . 6.72 -18.28 -32.82
O3 SO4 E . 6.07 -17.02 -34.74
O4 SO4 E . 6.82 -19.26 -35.00
S SO4 F . -38.86 -1.74 -34.45
O1 SO4 F . -39.11 -2.76 -33.42
O2 SO4 F . -39.96 -1.75 -35.41
O3 SO4 F . -38.76 -0.42 -33.83
O4 SO4 F . -37.61 -2.05 -35.14
S SO4 G . -19.71 -6.89 -49.28
O1 SO4 G . -20.42 -6.97 -50.56
O2 SO4 G . -20.69 -6.89 -48.19
O3 SO4 G . -18.93 -5.66 -49.23
O4 SO4 G . -18.82 -8.04 -49.14
S SO4 H . -42.32 16.88 -16.87
O1 SO4 H . -42.30 15.46 -16.54
O2 SO4 H . -43.68 17.39 -16.73
O3 SO4 H . -41.42 17.61 -15.98
O4 SO4 H . -41.88 17.06 -18.25
S SO4 I . 3.08 -17.46 -54.32
O1 SO4 I . 2.44 -18.07 -55.47
O2 SO4 I . 2.11 -17.31 -53.24
O3 SO4 I . 3.59 -16.13 -54.69
O4 SO4 I . 4.19 -18.29 -53.88
S SO4 J . -34.35 -1.84 -46.30
O1 SO4 J . -34.27 -3.23 -45.91
O2 SO4 J . -35.50 -1.21 -45.65
O3 SO4 J . -33.12 -1.14 -45.92
O4 SO4 J . -34.51 -1.74 -47.76
S SO4 K . -37.76 8.60 -3.81
O1 SO4 K . -37.03 7.43 -3.33
O2 SO4 K . -39.07 8.63 -3.18
O3 SO4 K . -37.03 9.81 -3.46
O4 SO4 K . -37.91 8.52 -5.25
S SO4 L . -0.77 -5.34 -29.64
O1 SO4 L . -0.93 -6.48 -30.53
O2 SO4 L . -2.03 -5.07 -28.95
O3 SO4 L . 0.27 -5.63 -28.65
O4 SO4 L . -0.38 -4.17 -30.42
S SO4 M . -39.33 -13.97 -25.17
O1 SO4 M . -40.63 -14.57 -25.37
O2 SO4 M . -38.69 -14.57 -24.00
O3 SO4 M . -39.48 -12.53 -24.95
O4 SO4 M . -38.49 -14.19 -26.35
S SO4 N . -3.57 -12.30 -25.81
O1 SO4 N . -3.02 -13.60 -25.45
O2 SO4 N . -4.68 -11.97 -24.92
O3 SO4 N . -2.53 -11.29 -25.69
O4 SO4 N . -4.06 -12.33 -27.19
S SO4 O . -31.08 19.15 -7.15
O1 SO4 O . -31.44 17.75 -6.95
O2 SO4 O . -32.05 20.01 -6.48
O3 SO4 O . -29.74 19.39 -6.60
O4 SO4 O . -31.08 19.45 -8.58
S SO4 P . 20.43 -8.82 -29.64
O1 SO4 P . 19.35 -8.77 -30.62
O2 SO4 P . 19.94 -8.39 -28.33
O3 SO4 P . 21.50 -7.92 -30.08
O4 SO4 P . 20.95 -10.17 -29.55
S SO4 Q . -26.42 -21.05 -28.07
O1 SO4 Q . -26.61 -22.50 -28.08
O2 SO4 Q . -27.44 -20.43 -27.24
O3 SO4 Q . -25.09 -20.74 -27.55
O4 SO4 Q . -26.54 -20.55 -29.44
S SO4 R . -20.43 19.88 -22.64
O1 SO4 R . -20.94 19.22 -21.43
O2 SO4 R . -21.40 20.86 -23.09
O3 SO4 R . -19.16 20.54 -22.33
O4 SO4 R . -20.21 18.88 -23.68
S SO4 S . -30.68 -12.83 -42.53
O1 SO4 S . -30.86 -14.20 -42.04
O2 SO4 S . -31.60 -11.95 -41.83
O3 SO4 S . -29.30 -12.40 -42.26
O4 SO4 S . -30.94 -12.78 -43.96
S SO4 T . -14.33 -21.56 -38.40
O1 SO4 T . -14.65 -22.86 -37.82
O2 SO4 T . -15.00 -20.51 -37.63
O3 SO4 T . -12.89 -21.35 -38.35
O4 SO4 T . -14.79 -21.51 -39.79
S SO4 U . -18.68 5.02 -52.34
O1 SO4 U . -19.18 3.73 -51.87
O2 SO4 U . -19.63 6.06 -51.98
O3 SO4 U . -17.39 5.28 -51.73
O4 SO4 U . -18.54 4.97 -53.80
S SO4 V . 14.40 -42.69 -25.00
O1 SO4 V . 13.73 -43.64 -24.13
O2 SO4 V . 13.87 -41.35 -24.77
O3 SO4 V . 15.84 -42.69 -24.71
O4 SO4 V . 14.19 -43.06 -26.40
S SO4 W . 17.61 11.48 -33.41
O1 SO4 W . 18.22 11.36 -32.09
O2 SO4 W . 16.23 11.94 -33.26
O3 SO4 W . 17.64 10.19 -34.09
O4 SO4 W . 18.36 12.45 -34.21
S SO4 X . 44.01 -28.52 -26.03
O1 SO4 X . 43.49 -29.80 -26.50
O2 SO4 X . 43.83 -28.43 -24.59
O3 SO4 X . 43.29 -27.43 -26.69
O4 SO4 X . 45.43 -28.44 -26.36
S SO4 Y . 10.47 1.34 -20.88
O1 SO4 Y . 9.58 0.57 -21.74
O2 SO4 Y . 9.69 2.19 -20.00
O3 SO4 Y . 11.34 2.17 -21.70
O4 SO4 Y . 11.28 0.42 -20.07
S SO4 Z . -22.42 -31.29 -6.40
O1 SO4 Z . -22.90 -32.67 -6.45
O2 SO4 Z . -22.86 -30.65 -5.16
O3 SO4 Z . -20.95 -31.29 -6.44
O4 SO4 Z . -22.93 -30.55 -7.54
S SO4 AA . 19.25 -12.19 7.33
O1 SO4 AA . 18.13 -13.04 7.69
O2 SO4 AA . 19.19 -10.94 8.09
O3 SO4 AA . 20.50 -12.88 7.65
O4 SO4 AA . 19.21 -11.90 5.90
S SO4 BA . 2.11 -28.84 13.98
O1 SO4 BA . 1.54 -29.93 13.20
O2 SO4 BA . 1.04 -28.11 14.65
O3 SO4 BA . 3.02 -29.39 14.98
O4 SO4 BA . 2.84 -27.94 13.09
S SO4 CA . 18.50 13.66 6.63
O1 SO4 CA . 18.02 12.76 7.68
O2 SO4 CA . 17.53 14.73 6.44
O3 SO4 CA . 19.78 14.21 7.03
O4 SO4 CA . 18.66 12.92 5.38
S SO4 DA . -18.51 -43.37 9.46
O1 SO4 DA . -19.35 -42.83 10.53
O2 SO4 DA . -19.36 -43.85 8.38
O3 SO4 DA . -17.72 -44.48 9.99
O4 SO4 DA . -17.63 -42.33 8.96
S SO4 EA . 14.80 15.01 -8.94
O1 SO4 EA . 13.92 14.69 -10.06
O2 SO4 EA . 14.12 15.95 -8.03
O3 SO4 EA . 16.02 15.64 -9.44
O4 SO4 EA . 15.14 13.80 -8.21
S SO4 FA . 15.27 -20.65 16.17
O1 SO4 FA . 15.39 -21.29 17.48
O2 SO4 FA . 14.12 -19.76 16.16
O3 SO4 FA . 16.48 -19.87 15.90
O4 SO4 FA . 15.11 -21.67 15.14
S SO4 GA . 21.25 -14.91 -7.51
O1 SO4 GA . 20.18 -15.90 -7.60
O2 SO4 GA . 21.64 -14.74 -6.10
O3 SO4 GA . 20.79 -13.62 -8.03
O4 SO4 GA . 22.40 -15.36 -8.29
S SO4 HA . 6.64 19.80 0.07
O1 SO4 HA . 6.65 19.06 1.33
O2 SO4 HA . 5.26 20.14 -0.29
O3 SO4 HA . 7.44 21.01 0.21
O4 SO4 HA . 7.21 18.96 -0.98
S SO4 IA . -58.38 -40.67 -22.41
O1 SO4 IA . -59.62 -41.38 -22.15
O2 SO4 IA . -58.00 -39.88 -21.25
O3 SO4 IA . -58.56 -39.77 -23.56
O4 SO4 IA . -57.32 -41.63 -22.72
S SO4 JA . -18.13 -17.72 -0.96
O1 SO4 JA . -17.90 -19.07 -0.49
O2 SO4 JA . -19.22 -17.11 -0.21
O3 SO4 JA . -16.92 -16.91 -0.77
O4 SO4 JA . -18.46 -17.74 -2.38
S SO4 KA . -1.68 -33.27 -4.12
O1 SO4 KA . -1.21 -34.12 -3.04
O2 SO4 KA . -3.13 -33.31 -4.17
O3 SO4 KA . -1.24 -31.89 -3.89
O4 SO4 KA . -1.12 -33.74 -5.39
S SO4 LA . -2.53 8.81 11.66
O1 SO4 LA . -2.49 7.39 11.35
O2 SO4 LA . -3.92 9.25 11.72
O3 SO4 LA . -1.88 9.05 12.94
O4 SO4 LA . -1.84 9.56 10.62
S SO4 MA . 0.17 -21.48 23.70
O1 SO4 MA . -0.33 -21.60 25.06
O2 SO4 MA . -0.72 -22.20 22.79
O3 SO4 MA . 0.23 -20.07 23.32
O4 SO4 MA . 1.51 -22.07 23.62
S SO4 NA . 19.92 -19.15 5.47
O1 SO4 NA . 19.39 -20.49 5.70
O2 SO4 NA . 19.28 -18.21 6.38
O3 SO4 NA . 21.36 -19.14 5.68
O4 SO4 NA . 19.63 -18.75 4.09
S SO4 OA . 13.44 -27.11 5.63
O1 SO4 OA . 13.84 -28.49 5.40
O2 SO4 OA . 12.13 -27.10 6.28
O3 SO4 OA . 14.42 -26.46 6.50
O4 SO4 OA . 13.36 -26.40 4.36
S SO4 PA . 9.76 -24.24 -10.69
O1 SO4 PA . 9.82 -24.69 -9.30
O2 SO4 PA . 8.41 -23.75 -10.98
O3 SO4 PA . 10.71 -23.16 -10.89
O4 SO4 PA . 10.09 -25.35 -11.58
S SO4 QA . -14.37 -19.97 -8.12
O1 SO4 QA . -14.76 -21.29 -7.59
O2 SO4 QA . -15.42 -19.01 -7.82
O3 SO4 QA . -13.12 -19.56 -7.50
O4 SO4 QA . -14.19 -20.06 -9.57
S SO4 RA . -13.43 -39.90 7.15
O1 SO4 RA . -14.17 -40.72 6.20
O2 SO4 RA . -14.37 -39.26 8.06
O3 SO4 RA . -12.51 -40.75 7.92
O4 SO4 RA . -12.66 -38.89 6.43
S SO4 SA . -27.32 -44.03 -29.96
O1 SO4 SA . -27.70 -45.36 -29.50
O2 SO4 SA . -28.44 -43.11 -29.77
O3 SO4 SA . -26.17 -43.56 -29.20
O4 SO4 SA . -26.99 -44.10 -31.38
S SO4 TA . -38.47 -10.73 11.80
O1 SO4 TA . -38.35 -12.16 11.49
O2 SO4 TA . -39.40 -10.56 12.92
O3 SO4 TA . -37.15 -10.21 12.18
O4 SO4 TA . -38.96 -10.01 10.63
S SO4 UA . -21.87 26.52 36.11
O1 SO4 UA . -21.52 25.43 37.02
O2 SO4 UA . -23.29 26.84 36.27
O3 SO4 UA . -21.08 27.71 36.43
O4 SO4 UA . -21.61 26.11 34.74
S SO4 VA . 25.62 35.47 40.50
O1 SO4 VA . 25.16 35.38 41.89
O2 SO4 VA . 24.68 36.26 39.73
O3 SO4 VA . 25.71 34.13 39.93
O4 SO4 VA . 26.94 36.10 40.48
S SO4 WA . 18.77 4.05 42.72
O1 SO4 WA . 19.05 2.77 43.36
O2 SO4 WA . 17.33 4.26 42.64
O3 SO4 WA . 19.37 5.13 43.51
O4 SO4 WA . 19.34 4.05 41.38
S SO4 XA . -5.35 -1.20 40.51
O1 SO4 XA . -5.62 -2.29 41.46
O2 SO4 XA . -6.07 0.00 40.93
O3 SO4 XA . -3.92 -0.93 40.49
O4 SO4 XA . -5.80 -1.60 39.18
S SO4 YA . -20.97 -0.33 20.00
O1 SO4 YA . -22.17 -1.15 19.82
O2 SO4 YA . -21.18 0.55 21.16
O3 SO4 YA . -19.81 -1.17 20.23
O4 SO4 YA . -20.76 0.49 18.81
S SO4 ZA . 38.27 20.38 45.91
O1 SO4 ZA . 38.81 19.50 46.95
O2 SO4 ZA . 36.83 20.19 45.79
O3 SO4 ZA . 38.56 21.77 46.25
O4 SO4 ZA . 38.91 20.05 44.63
S SO4 AB . -20.70 12.37 11.80
O1 SO4 AB . -21.93 11.92 11.15
O2 SO4 AB . -21.00 12.84 13.14
O3 SO4 AB . -19.75 11.26 11.86
O4 SO4 AB . -20.12 13.45 11.01
S SO4 BB . -11.95 9.10 49.25
O1 SO4 BB . -12.71 9.74 48.17
O2 SO4 BB . -12.70 9.24 50.51
O3 SO4 BB . -10.65 9.74 49.39
O4 SO4 BB . -11.78 7.68 48.94
S SO4 CB . -27.09 14.23 22.93
O1 SO4 CB . -28.46 13.85 23.28
O2 SO4 CB . -26.83 15.58 23.42
O3 SO4 CB . -26.92 14.19 21.49
O4 SO4 CB . -26.17 13.28 23.56
S SO4 DB . 17.44 28.23 29.64
O1 SO4 DB . 15.99 28.25 29.46
O2 SO4 DB . 17.75 28.15 31.08
O3 SO4 DB . 18.01 29.46 29.10
O4 SO4 DB . 18.01 27.08 28.95
S SO4 EB . 6.29 -5.61 42.06
O1 SO4 EB . 6.72 -7.00 41.97
O2 SO4 EB . 5.00 -5.53 42.75
O3 SO4 EB . 7.30 -4.85 42.80
O4 SO4 EB . 6.16 -5.06 40.71
S SO4 FB . 31.62 30.95 9.57
O1 SO4 FB . 30.75 29.78 9.61
O2 SO4 FB . 30.82 32.14 9.28
O3 SO4 FB . 32.30 31.10 10.85
O4 SO4 FB . 32.62 30.78 8.51
S SO4 GB . -30.41 22.84 18.61
O1 SO4 GB . -31.42 22.10 19.36
O2 SO4 GB . -30.91 23.14 17.27
O3 SO4 GB . -30.09 24.08 19.31
O4 SO4 GB . -29.21 22.02 18.50
S SO4 HB . -2.60 0.00 47.06
O1 SO4 HB . -3.04 -1.26 47.67
O2 SO4 HB . -3.65 1.00 47.21
O3 SO4 HB . -1.38 0.46 47.72
O4 SO4 HB . -2.33 -0.22 45.65
S SO4 IB . 24.88 57.12 56.49
O1 SO4 IB . 24.50 55.80 56.98
O2 SO4 IB . 23.77 58.05 56.69
O3 SO4 IB . 26.05 57.59 57.24
O4 SO4 IB . 25.21 57.04 55.07
S SO4 JB . 20.98 -2.39 32.34
O1 SO4 JB . 20.58 -3.67 32.89
O2 SO4 JB . 19.88 -1.43 32.48
O3 SO4 JB . 22.15 -1.88 33.07
O4 SO4 JB . 21.31 -2.53 30.93
S SO4 KB . 3.50 29.20 45.18
O1 SO4 KB . 3.13 27.87 45.64
O2 SO4 KB . 2.38 30.11 45.37
O3 SO4 KB . 4.65 29.67 45.94
O4 SO4 KB . 3.84 29.15 43.76
S SO4 LB . -0.96 19.31 52.26
O1 SO4 LB . -1.33 17.96 52.65
O2 SO4 LB . -2.10 20.20 52.49
O3 SO4 LB . 0.19 19.75 53.04
O4 SO4 LB . -0.61 19.32 50.84
S SO4 MB . 4.88 21.90 8.76
O1 SO4 MB . 4.48 20.58 9.24
O2 SO4 MB . 3.79 22.84 8.95
O3 SO4 MB . 6.05 22.36 9.50
O4 SO4 MB . 5.21 21.82 7.33
S SO4 NB . -27.52 12.07 17.87
O1 SO4 NB . -27.92 10.76 18.37
O2 SO4 NB . -28.61 13.02 18.06
O3 SO4 NB . -26.34 12.54 18.61
O4 SO4 NB . -27.20 11.98 16.45
S SO4 OB . 31.80 18.68 46.53
O1 SO4 OB . 31.40 17.33 46.91
O2 SO4 OB . 30.64 19.58 46.66
O3 SO4 OB . 32.87 19.14 47.39
O4 SO4 OB . 32.25 18.68 45.14
S SO4 PB . 14.99 20.80 51.33
O1 SO4 PB . 14.02 20.40 50.31
O2 SO4 PB . 14.27 21.27 52.51
O3 SO4 PB . 15.83 21.87 50.81
O4 SO4 PB . 15.82 19.66 51.68
S SO4 QB . 45.99 70.25 37.04
O1 SO4 QB . 45.51 69.57 38.24
O2 SO4 QB . 45.26 71.50 36.87
O3 SO4 QB . 47.42 70.54 37.19
O4 SO4 QB . 45.79 69.40 35.88
#